data_3BW1
# 
_entry.id   3BW1 
# 
_audit_conform.dict_name       mmcif_pdbx.dic 
_audit_conform.dict_version    5.380 
_audit_conform.dict_location   http://mmcif.pdb.org/dictionaries/ascii/mmcif_pdbx.dic 
# 
loop_
_database_2.database_id 
_database_2.database_code 
_database_2.pdbx_database_accession 
_database_2.pdbx_DOI 
PDB   3BW1         pdb_00003bw1 10.2210/pdb3bw1/pdb 
RCSB  RCSB046026   ?            ?                   
WWPDB D_1000046026 ?            ?                   
# 
loop_
_pdbx_database_related.db_name 
_pdbx_database_related.db_id 
_pdbx_database_related.details 
_pdbx_database_related.content_type 
PDB 1I81 . unspecified 
PDB 1D3B . unspecified 
PDB 1B34 . unspecified 
PDB 1N9S . unspecified 
PDB 1N9R . unspecified 
# 
_pdbx_database_status.status_code                     REL 
_pdbx_database_status.entry_id                        3BW1 
_pdbx_database_status.recvd_initial_deposition_date   2008-01-07 
_pdbx_database_status.deposit_site                    RCSB 
_pdbx_database_status.process_site                    PDBJ 
_pdbx_database_status.status_code_sf                  REL 
_pdbx_database_status.status_code_mr                  ? 
_pdbx_database_status.SG_entry                        ? 
_pdbx_database_status.pdb_format_compatible           Y 
_pdbx_database_status.status_code_cs                  ? 
_pdbx_database_status.methods_development_category    ? 
_pdbx_database_status.status_code_nmr_data            ? 
# 
loop_
_audit_author.name 
_audit_author.pdbx_ordinal 
'Naidoo, N.'    1 
'Harrop, S.J.'  2 
'Curmi, P.M.G.' 3 
'Mabbutt, B.C.' 4 
# 
_citation.id                        primary 
_citation.title                     
'Crystal structure of Lsm3 octamer from Saccharomyces cerevisiae: implications for Lsm ring organisation and recruitment' 
_citation.journal_abbrev            J.Mol.Biol. 
_citation.journal_volume            377 
_citation.page_first                1357 
_citation.page_last                 1371 
_citation.year                      2008 
_citation.journal_id_ASTM           JMOBAK 
_citation.country                   UK 
_citation.journal_id_ISSN           0022-2836 
_citation.journal_id_CSD            0070 
_citation.book_publisher            ? 
_citation.pdbx_database_id_PubMed   18329667 
_citation.pdbx_database_id_DOI      10.1016/j.jmb.2008.01.007 
# 
loop_
_citation_author.citation_id 
_citation_author.name 
_citation_author.ordinal 
_citation_author.identifier_ORCID 
primary 'Naidoo, N.'       1 ? 
primary 'Harrop, S.J.'     2 ? 
primary 'Sobti, M.'        3 ? 
primary 'Haynes, P.A.'     4 ? 
primary 'Szymczyna, B.R.'  5 ? 
primary 'Williamson, J.R.' 6 ? 
primary 'Curmi, P.M.G.'    7 ? 
primary 'Mabbutt, B.C.'    8 ? 
# 
_cell.entry_id           3BW1 
_cell.length_a           83.743 
_cell.length_b           83.743 
_cell.length_c           141.931 
_cell.angle_alpha        90.00 
_cell.angle_beta         90.00 
_cell.angle_gamma        90.00 
_cell.Z_PDB              32 
_cell.pdbx_unique_axis   ? 
_cell.length_a_esd       ? 
_cell.length_b_esd       ? 
_cell.length_c_esd       ? 
_cell.angle_alpha_esd    ? 
_cell.angle_beta_esd     ? 
_cell.angle_gamma_esd    ? 
# 
_symmetry.entry_id                         3BW1 
_symmetry.space_group_name_H-M             'I 4 2 2' 
_symmetry.pdbx_full_space_group_name_H-M   ? 
_symmetry.cell_setting                     ? 
_symmetry.Int_Tables_number                97 
_symmetry.space_group_name_Hall            ? 
# 
loop_
_entity.id 
_entity.type 
_entity.src_method 
_entity.pdbx_description 
_entity.formula_weight 
_entity.pdbx_number_of_molecules 
_entity.pdbx_ec 
_entity.pdbx_mutation 
_entity.pdbx_fragment 
_entity.details 
1 polymer     man 'U6 snRNA-associated Sm-like protein LSm3' 10999.338 2 ? ? ? ? 
2 non-polymer syn '(4S)-2-METHYL-2,4-PENTANEDIOL'            118.174   4 ? ? ? ? 
3 non-polymer syn 'SULFATE ION'                              96.063    1 ? ? ? ? 
4 water       nat water                                      18.015    2 ? ? ? ? 
# 
_entity_name_com.entity_id   1 
_entity_name_com.name        'SmX4 protein' 
# 
_entity_poly.entity_id                      1 
_entity_poly.type                           'polypeptide(L)' 
_entity_poly.nstd_linkage                   no 
_entity_poly.nstd_monomer                   no 
_entity_poly.pdbx_seq_one_letter_code       
;MHHHHHHMETPLDLLKLNLDERVYIKLRGARTLVGTLQAFDSHCNIVLSDAVETIYQLNNEELSESERRCEMVFIRGDTV
TLISTPSEDDDGAVEI
;
_entity_poly.pdbx_seq_one_letter_code_can   
;MHHHHHHMETPLDLLKLNLDERVYIKLRGARTLVGTLQAFDSHCNIVLSDAVETIYQLNNEELSESERRCEMVFIRGDTV
TLISTPSEDDDGAVEI
;
_entity_poly.pdbx_strand_id                 A,B 
_entity_poly.pdbx_target_identifier         ? 
# 
loop_
_entity_poly_seq.entity_id 
_entity_poly_seq.num 
_entity_poly_seq.mon_id 
_entity_poly_seq.hetero 
1 1  MET n 
1 2  HIS n 
1 3  HIS n 
1 4  HIS n 
1 5  HIS n 
1 6  HIS n 
1 7  HIS n 
1 8  MET n 
1 9  GLU n 
1 10 THR n 
1 11 PRO n 
1 12 LEU n 
1 13 ASP n 
1 14 LEU n 
1 15 LEU n 
1 16 LYS n 
1 17 LEU n 
1 18 ASN n 
1 19 LEU n 
1 20 ASP n 
1 21 GLU n 
1 22 ARG n 
1 23 VAL n 
1 24 TYR n 
1 25 ILE n 
1 26 LYS n 
1 27 LEU n 
1 28 ARG n 
1 29 GLY n 
1 30 ALA n 
1 31 ARG n 
1 32 THR n 
1 33 LEU n 
1 34 VAL n 
1 35 GLY n 
1 36 THR n 
1 37 LEU n 
1 38 GLN n 
1 39 ALA n 
1 40 PHE n 
1 41 ASP n 
1 42 SER n 
1 43 HIS n 
1 44 CYS n 
1 45 ASN n 
1 46 ILE n 
1 47 VAL n 
1 48 LEU n 
1 49 SER n 
1 50 ASP n 
1 51 ALA n 
1 52 VAL n 
1 53 GLU n 
1 54 THR n 
1 55 ILE n 
1 56 TYR n 
1 57 GLN n 
1 58 LEU n 
1 59 ASN n 
1 60 ASN n 
1 61 GLU n 
1 62 GLU n 
1 63 LEU n 
1 64 SER n 
1 65 GLU n 
1 66 SER n 
1 67 GLU n 
1 68 ARG n 
1 69 ARG n 
1 70 CYS n 
1 71 GLU n 
1 72 MET n 
1 73 VAL n 
1 74 PHE n 
1 75 ILE n 
1 76 ARG n 
1 77 GLY n 
1 78 ASP n 
1 79 THR n 
1 80 VAL n 
1 81 THR n 
1 82 LEU n 
1 83 ILE n 
1 84 SER n 
1 85 THR n 
1 86 PRO n 
1 87 SER n 
1 88 GLU n 
1 89 ASP n 
1 90 ASP n 
1 91 ASP n 
1 92 GLY n 
1 93 ALA n 
1 94 VAL n 
1 95 GLU n 
1 96 ILE n 
# 
_entity_src_gen.entity_id                          1 
_entity_src_gen.pdbx_src_id                        1 
_entity_src_gen.pdbx_alt_source_flag               sample 
_entity_src_gen.pdbx_seq_type                      ? 
_entity_src_gen.pdbx_beg_seq_num                   ? 
_entity_src_gen.pdbx_end_seq_num                   ? 
_entity_src_gen.gene_src_common_name               
;baker's yeast
;
_entity_src_gen.gene_src_genus                     Saccharomyces 
_entity_src_gen.pdbx_gene_src_gene                 SMX4 
_entity_src_gen.gene_src_species                   ? 
_entity_src_gen.gene_src_strain                    ? 
_entity_src_gen.gene_src_tissue                    ? 
_entity_src_gen.gene_src_tissue_fraction           ? 
_entity_src_gen.gene_src_details                   ? 
_entity_src_gen.pdbx_gene_src_fragment             ? 
_entity_src_gen.pdbx_gene_src_scientific_name      'Saccharomyces cerevisiae' 
_entity_src_gen.pdbx_gene_src_ncbi_taxonomy_id     4932 
_entity_src_gen.pdbx_gene_src_variant              ? 
_entity_src_gen.pdbx_gene_src_cell_line            ? 
_entity_src_gen.pdbx_gene_src_atcc                 ? 
_entity_src_gen.pdbx_gene_src_organ                ? 
_entity_src_gen.pdbx_gene_src_organelle            ? 
_entity_src_gen.pdbx_gene_src_cell                 ? 
_entity_src_gen.pdbx_gene_src_cellular_location    ? 
_entity_src_gen.host_org_common_name               ? 
_entity_src_gen.pdbx_host_org_scientific_name      'Escherichia coli' 
_entity_src_gen.pdbx_host_org_ncbi_taxonomy_id     562 
_entity_src_gen.host_org_genus                     Escherichia 
_entity_src_gen.pdbx_host_org_gene                 ? 
_entity_src_gen.pdbx_host_org_organ                ? 
_entity_src_gen.host_org_species                   ? 
_entity_src_gen.pdbx_host_org_tissue               ? 
_entity_src_gen.pdbx_host_org_tissue_fraction      ? 
_entity_src_gen.pdbx_host_org_strain               'BL21 DE3 pLysS' 
_entity_src_gen.pdbx_host_org_variant              ? 
_entity_src_gen.pdbx_host_org_cell_line            ? 
_entity_src_gen.pdbx_host_org_atcc                 ? 
_entity_src_gen.pdbx_host_org_culture_collection   ? 
_entity_src_gen.pdbx_host_org_cell                 ? 
_entity_src_gen.pdbx_host_org_organelle            ? 
_entity_src_gen.pdbx_host_org_cellular_location    ? 
_entity_src_gen.pdbx_host_org_vector_type          PLASMID 
_entity_src_gen.pdbx_host_org_vector               ? 
_entity_src_gen.host_org_details                   ? 
_entity_src_gen.expression_system_id               ? 
_entity_src_gen.plasmid_name                       pETMCSIII 
_entity_src_gen.plasmid_details                    ? 
_entity_src_gen.pdbx_description                   ? 
# 
_struct_ref.id                         1 
_struct_ref.db_name                    UNP 
_struct_ref.db_code                    LSM3_YEAST 
_struct_ref.pdbx_db_accession          P57743 
_struct_ref.entity_id                  1 
_struct_ref.pdbx_seq_one_letter_code   
;METPLDLLKLNLDERVYIKLRGARTLVGTLQAFDSHCNIVLSDAVETIYQLNNEELSESERRCEMVFIRGDTVTLISTPS
EDDDGAVEI
;
_struct_ref.pdbx_align_begin           1 
_struct_ref.pdbx_db_isoform            ? 
# 
loop_
_struct_ref_seq.align_id 
_struct_ref_seq.ref_id 
_struct_ref_seq.pdbx_PDB_id_code 
_struct_ref_seq.pdbx_strand_id 
_struct_ref_seq.seq_align_beg 
_struct_ref_seq.pdbx_seq_align_beg_ins_code 
_struct_ref_seq.seq_align_end 
_struct_ref_seq.pdbx_seq_align_end_ins_code 
_struct_ref_seq.pdbx_db_accession 
_struct_ref_seq.db_align_beg 
_struct_ref_seq.pdbx_db_align_beg_ins_code 
_struct_ref_seq.db_align_end 
_struct_ref_seq.pdbx_db_align_end_ins_code 
_struct_ref_seq.pdbx_auth_seq_align_beg 
_struct_ref_seq.pdbx_auth_seq_align_end 
1 1 3BW1 A 8 ? 96 ? P57743 1 ? 89 ? 1 89 
2 1 3BW1 B 8 ? 96 ? P57743 1 ? 89 ? 1 89 
# 
loop_
_struct_ref_seq_dif.align_id 
_struct_ref_seq_dif.pdbx_pdb_id_code 
_struct_ref_seq_dif.mon_id 
_struct_ref_seq_dif.pdbx_pdb_strand_id 
_struct_ref_seq_dif.seq_num 
_struct_ref_seq_dif.pdbx_pdb_ins_code 
_struct_ref_seq_dif.pdbx_seq_db_name 
_struct_ref_seq_dif.pdbx_seq_db_accession_code 
_struct_ref_seq_dif.db_mon_id 
_struct_ref_seq_dif.pdbx_seq_db_seq_num 
_struct_ref_seq_dif.details 
_struct_ref_seq_dif.pdbx_auth_seq_num 
_struct_ref_seq_dif.pdbx_ordinal 
1 3BW1 MET A 1 ? UNP P57743 ? ? 'expression tag' -7 1  
1 3BW1 HIS A 2 ? UNP P57743 ? ? 'expression tag' -6 2  
1 3BW1 HIS A 3 ? UNP P57743 ? ? 'expression tag' -5 3  
1 3BW1 HIS A 4 ? UNP P57743 ? ? 'expression tag' -4 4  
1 3BW1 HIS A 5 ? UNP P57743 ? ? 'expression tag' -3 5  
1 3BW1 HIS A 6 ? UNP P57743 ? ? 'expression tag' -2 6  
1 3BW1 HIS A 7 ? UNP P57743 ? ? 'expression tag' -1 7  
2 3BW1 MET B 1 ? UNP P57743 ? ? 'expression tag' -7 8  
2 3BW1 HIS B 2 ? UNP P57743 ? ? 'expression tag' -6 9  
2 3BW1 HIS B 3 ? UNP P57743 ? ? 'expression tag' -5 10 
2 3BW1 HIS B 4 ? UNP P57743 ? ? 'expression tag' -4 11 
2 3BW1 HIS B 5 ? UNP P57743 ? ? 'expression tag' -3 12 
2 3BW1 HIS B 6 ? UNP P57743 ? ? 'expression tag' -2 13 
2 3BW1 HIS B 7 ? UNP P57743 ? ? 'expression tag' -1 14 
# 
loop_
_chem_comp.id 
_chem_comp.type 
_chem_comp.mon_nstd_flag 
_chem_comp.name 
_chem_comp.pdbx_synonyms 
_chem_comp.formula 
_chem_comp.formula_weight 
ALA 'L-peptide linking' y ALANINE                         ? 'C3 H7 N O2'     89.093  
ARG 'L-peptide linking' y ARGININE                        ? 'C6 H15 N4 O2 1' 175.209 
ASN 'L-peptide linking' y ASPARAGINE                      ? 'C4 H8 N2 O3'    132.118 
ASP 'L-peptide linking' y 'ASPARTIC ACID'                 ? 'C4 H7 N O4'     133.103 
CYS 'L-peptide linking' y CYSTEINE                        ? 'C3 H7 N O2 S'   121.158 
GLN 'L-peptide linking' y GLUTAMINE                       ? 'C5 H10 N2 O3'   146.144 
GLU 'L-peptide linking' y 'GLUTAMIC ACID'                 ? 'C5 H9 N O4'     147.129 
GLY 'peptide linking'   y GLYCINE                         ? 'C2 H5 N O2'     75.067  
HIS 'L-peptide linking' y HISTIDINE                       ? 'C6 H10 N3 O2 1' 156.162 
HOH non-polymer         . WATER                           ? 'H2 O'           18.015  
ILE 'L-peptide linking' y ISOLEUCINE                      ? 'C6 H13 N O2'    131.173 
LEU 'L-peptide linking' y LEUCINE                         ? 'C6 H13 N O2'    131.173 
LYS 'L-peptide linking' y LYSINE                          ? 'C6 H15 N2 O2 1' 147.195 
MET 'L-peptide linking' y METHIONINE                      ? 'C5 H11 N O2 S'  149.211 
MPD non-polymer         . '(4S)-2-METHYL-2,4-PENTANEDIOL' ? 'C6 H14 O2'      118.174 
PHE 'L-peptide linking' y PHENYLALANINE                   ? 'C9 H11 N O2'    165.189 
PRO 'L-peptide linking' y PROLINE                         ? 'C5 H9 N O2'     115.130 
SER 'L-peptide linking' y SERINE                          ? 'C3 H7 N O3'     105.093 
SO4 non-polymer         . 'SULFATE ION'                   ? 'O4 S -2'        96.063  
THR 'L-peptide linking' y THREONINE                       ? 'C4 H9 N O3'     119.119 
TYR 'L-peptide linking' y TYROSINE                        ? 'C9 H11 N O3'    181.189 
VAL 'L-peptide linking' y VALINE                          ? 'C5 H11 N O2'    117.146 
# 
_exptl.entry_id          3BW1 
_exptl.method            'X-RAY DIFFRACTION' 
_exptl.crystals_number   1 
# 
_exptl_crystal.id                    1 
_exptl_crystal.density_meas          ? 
_exptl_crystal.density_Matthews      2.83 
_exptl_crystal.density_percent_sol   56.50 
_exptl_crystal.description           ? 
_exptl_crystal.F_000                 ? 
_exptl_crystal.preparation           ? 
# 
_exptl_crystal_grow.crystal_id      1 
_exptl_crystal_grow.method          'VAPOR DIFFUSION, HANGING DROP' 
_exptl_crystal_grow.temp            293 
_exptl_crystal_grow.temp_details    ? 
_exptl_crystal_grow.pH              7.0 
_exptl_crystal_grow.pdbx_details    
;1.75M lithium sulfate, 8% (v/v) 2-methyl-2,4-pentanediol, 0.1M imidazole (pH 7.0), 10mM uridine-5-monophosphate, VAPOR DIFFUSION, HANGING DROP, temperature 293K
;
_exptl_crystal_grow.pdbx_pH_range   . 
# 
_diffrn.id                     1 
_diffrn.ambient_temp           100 
_diffrn.ambient_temp_details   ? 
_diffrn.crystal_id             1 
# 
_diffrn_detector.diffrn_id              1 
_diffrn_detector.detector               CCD 
_diffrn_detector.type                   'MARMOSAIC 300 mm CCD' 
_diffrn_detector.pdbx_collection_date   2005-11-25 
_diffrn_detector.details                ? 
# 
_diffrn_radiation.diffrn_id                        1 
_diffrn_radiation.wavelength_id                    1 
_diffrn_radiation.pdbx_monochromatic_or_laue_m_l   M 
_diffrn_radiation.monochromator                    'Si(111) Double Crystal Monochrometer' 
_diffrn_radiation.pdbx_diffrn_protocol             'SINGLE WAVELENGTH' 
_diffrn_radiation.pdbx_scattering_type             x-ray 
# 
_diffrn_radiation_wavelength.id           1 
_diffrn_radiation_wavelength.wavelength   0.9793 
_diffrn_radiation_wavelength.wt           1.0 
# 
_diffrn_source.diffrn_id                   1 
_diffrn_source.source                      SYNCHROTRON 
_diffrn_source.type                        'APS BEAMLINE 23-ID-D' 
_diffrn_source.pdbx_synchrotron_site       APS 
_diffrn_source.pdbx_synchrotron_beamline   23-ID-D 
_diffrn_source.pdbx_wavelength             ? 
_diffrn_source.pdbx_wavelength_list        0.9793 
# 
_reflns.entry_id                     3BW1 
_reflns.observed_criterion_sigma_F   2.0 
_reflns.observed_criterion_sigma_I   2.0 
_reflns.d_resolution_high            2.45 
_reflns.d_resolution_low             36.25 
_reflns.number_all                   9583 
_reflns.number_obs                   9073 
_reflns.percent_possible_obs         97.6 
_reflns.pdbx_Rmerge_I_obs            0.086 
_reflns.pdbx_Rsym_value              ? 
_reflns.pdbx_netI_over_sigmaI        23.7 
_reflns.B_iso_Wilson_estimate        71.8 
_reflns.pdbx_redundancy              ? 
_reflns.R_free_details               ? 
_reflns.limit_h_max                  ? 
_reflns.limit_h_min                  ? 
_reflns.limit_k_max                  ? 
_reflns.limit_k_min                  ? 
_reflns.limit_l_max                  ? 
_reflns.limit_l_min                  ? 
_reflns.observed_criterion_F_max     ? 
_reflns.observed_criterion_F_min     ? 
_reflns.pdbx_chi_squared             ? 
_reflns.pdbx_scaling_rejects         ? 
_reflns.pdbx_ordinal                 1 
_reflns.pdbx_diffrn_id               1 
_reflns.pdbx_CC_half                 ? 
_reflns.pdbx_Rpim_I_all              ? 
_reflns.pdbx_Rrim_I_all              ? 
# 
_reflns_shell.d_res_high             2.45 
_reflns_shell.d_res_low              2.57 
_reflns_shell.percent_possible_all   83.9 
_reflns_shell.Rmerge_I_obs           1.405 
_reflns_shell.pdbx_Rsym_value        ? 
_reflns_shell.meanI_over_sigI_obs    1.5 
_reflns_shell.pdbx_redundancy        ? 
_reflns_shell.percent_possible_obs   ? 
_reflns_shell.number_unique_all      ? 
_reflns_shell.number_measured_all    ? 
_reflns_shell.number_measured_obs    ? 
_reflns_shell.number_unique_obs      1169 
_reflns_shell.pdbx_chi_squared       ? 
_reflns_shell.pdbx_ordinal           1 
_reflns_shell.pdbx_diffrn_id         1 
_reflns_shell.pdbx_CC_half           ? 
_reflns_shell.pdbx_Rpim_I_all        ? 
_reflns_shell.pdbx_Rrim_I_all        ? 
# 
_refine.entry_id                                 3BW1 
_refine.ls_number_reflns_obs                     8603 
_refine.ls_number_reflns_all                     9073 
_refine.pdbx_ls_sigma_I                          ? 
_refine.pdbx_ls_sigma_F                          0 
_refine.pdbx_data_cutoff_high_absF               ? 
_refine.pdbx_data_cutoff_low_absF                ? 
_refine.pdbx_data_cutoff_high_rms_absF           ? 
_refine.ls_d_res_low                             24.04 
_refine.ls_d_res_high                            2.50 
_refine.ls_percent_reflns_obs                    99.55 
_refine.ls_R_factor_obs                          0.21694 
_refine.ls_R_factor_all                          0.21694 
_refine.ls_R_factor_R_work                       0.21564 
_refine.ls_R_factor_R_free                       0.24296 
_refine.ls_R_factor_R_free_error                 ? 
_refine.ls_R_factor_R_free_error_details         ? 
_refine.ls_percent_reflns_R_free                 4.7 
_refine.ls_number_reflns_R_free                  429 
_refine.ls_number_parameters                     ? 
_refine.ls_number_restraints                     ? 
_refine.occupancy_min                            ? 
_refine.occupancy_max                            ? 
_refine.correlation_coeff_Fo_to_Fc               0.949 
_refine.correlation_coeff_Fo_to_Fc_free          0.935 
_refine.B_iso_mean                               74.780 
_refine.aniso_B[1][1]                            0.00 
_refine.aniso_B[2][2]                            0.00 
_refine.aniso_B[3][3]                            0.00 
_refine.aniso_B[1][2]                            0.00 
_refine.aniso_B[1][3]                            0.00 
_refine.aniso_B[2][3]                            0.00 
_refine.solvent_model_details                    'BABINET MODEL WITH MASK' 
_refine.solvent_model_param_ksol                 ? 
_refine.solvent_model_param_bsol                 ? 
_refine.pdbx_solvent_vdw_probe_radii             1.20 
_refine.pdbx_solvent_ion_probe_radii             0.80 
_refine.pdbx_solvent_shrinkage_radii             0.80 
_refine.pdbx_ls_cross_valid_method               THROUGHOUT 
_refine.details                                  'HYDROGENS HAVE BEEN ADDED IN THE RIDING POSITIONS' 
_refine.pdbx_starting_model                      'PDB ENTRY 1I81' 
_refine.pdbx_method_to_determine_struct          'MOLECULAR REPLACEMENT' 
_refine.pdbx_isotropic_thermal_model             ? 
_refine.pdbx_stereochemistry_target_values       'MAXIMUM LIKELIHOOD' 
_refine.pdbx_stereochem_target_val_spec_case     ? 
_refine.pdbx_R_Free_selection_details            RANDOM 
_refine.pdbx_overall_ESU_R                       0.380 
_refine.pdbx_overall_ESU_R_Free                  0.251 
_refine.overall_SU_ML                            0.229 
_refine.overall_SU_B                             23.823 
_refine.ls_redundancy_reflns_obs                 ? 
_refine.B_iso_min                                ? 
_refine.B_iso_max                                ? 
_refine.overall_SU_R_Cruickshank_DPI             ? 
_refine.overall_SU_R_free                        ? 
_refine.ls_wR_factor_R_free                      ? 
_refine.ls_wR_factor_R_work                      ? 
_refine.overall_FOM_free_R_set                   ? 
_refine.overall_FOM_work_R_set                   ? 
_refine.pdbx_overall_phase_error                 ? 
_refine.pdbx_refine_id                           'X-RAY DIFFRACTION' 
_refine.pdbx_TLS_residual_ADP_flag               'LIKELY RESIDUAL' 
_refine.pdbx_diffrn_id                           1 
_refine.pdbx_overall_SU_R_free_Cruickshank_DPI   ? 
_refine.pdbx_overall_SU_R_Blow_DPI               ? 
_refine.pdbx_overall_SU_R_free_Blow_DPI          ? 
# 
_refine_hist.pdbx_refine_id                   'X-RAY DIFFRACTION' 
_refine_hist.cycle_id                         LAST 
_refine_hist.pdbx_number_atoms_protein        1368 
_refine_hist.pdbx_number_atoms_nucleic_acid   0 
_refine_hist.pdbx_number_atoms_ligand         37 
_refine_hist.number_atoms_solvent             2 
_refine_hist.number_atoms_total               1407 
_refine_hist.d_res_high                       2.50 
_refine_hist.d_res_low                        24.04 
# 
loop_
_refine_ls_restr.type 
_refine_ls_restr.dev_ideal 
_refine_ls_restr.dev_ideal_target 
_refine_ls_restr.weight 
_refine_ls_restr.number 
_refine_ls_restr.pdbx_refine_id 
_refine_ls_restr.pdbx_restraint_function 
r_bond_refined_d         0.021  0.022  ? 1424 'X-RAY DIFFRACTION' ? 
r_angle_refined_deg      2.125  2.003  ? 1931 'X-RAY DIFFRACTION' ? 
r_dihedral_angle_1_deg   7.503  5.000  ? 170  'X-RAY DIFFRACTION' ? 
r_dihedral_angle_2_deg   34.878 24.179 ? 67   'X-RAY DIFFRACTION' ? 
r_dihedral_angle_3_deg   20.438 15.000 ? 257  'X-RAY DIFFRACTION' ? 
r_dihedral_angle_4_deg   17.688 15.000 ? 12   'X-RAY DIFFRACTION' ? 
r_chiral_restr           0.129  0.200  ? 235  'X-RAY DIFFRACTION' ? 
r_gen_planes_refined     0.006  0.020  ? 1023 'X-RAY DIFFRACTION' ? 
r_nbd_refined            0.254  0.200  ? 508  'X-RAY DIFFRACTION' ? 
r_nbtor_refined          0.324  0.200  ? 958  'X-RAY DIFFRACTION' ? 
r_xyhbond_nbd_refined    0.127  0.200  ? 33   'X-RAY DIFFRACTION' ? 
r_symmetry_vdw_refined   0.308  0.200  ? 60   'X-RAY DIFFRACTION' ? 
r_symmetry_hbond_refined 0.221  0.200  ? 6    'X-RAY DIFFRACTION' ? 
r_mcbond_it              0.798  1.500  ? 879  'X-RAY DIFFRACTION' ? 
r_mcangle_it             1.392  2.000  ? 1400 'X-RAY DIFFRACTION' ? 
r_scbond_it              2.276  3.000  ? 585  'X-RAY DIFFRACTION' ? 
r_scangle_it             3.416  4.500  ? 530  'X-RAY DIFFRACTION' ? 
# 
loop_
_refine_ls_restr_ncs.dom_id 
_refine_ls_restr_ncs.pdbx_auth_asym_id 
_refine_ls_restr_ncs.pdbx_number 
_refine_ls_restr_ncs.rms_dev_position 
_refine_ls_restr_ncs.weight_position 
_refine_ls_restr_ncs.pdbx_type 
_refine_ls_restr_ncs.pdbx_ens_id 
_refine_ls_restr_ncs.pdbx_refine_id 
_refine_ls_restr_ncs.pdbx_ordinal 
_refine_ls_restr_ncs.ncs_model_details 
_refine_ls_restr_ncs.rms_dev_B_iso 
_refine_ls_restr_ncs.weight_B_iso 
_refine_ls_restr_ncs.pdbx_asym_id 
_refine_ls_restr_ncs.pdbx_rms 
_refine_ls_restr_ncs.pdbx_weight 
1 A 626 0.07 0.05 'tight positional' 1 'X-RAY DIFFRACTION' 1 ? ? ? ? ? ? 
1 A 626 0.13 0.50 'tight thermal'    1 'X-RAY DIFFRACTION' 2 ? ? ? ? ? ? 
# 
_refine_ls_shell.pdbx_total_number_of_bins_used   20 
_refine_ls_shell.d_res_high                       2.500 
_refine_ls_shell.d_res_low                        2.564 
_refine_ls_shell.number_reflns_R_work             601 
_refine_ls_shell.R_factor_R_work                  0.393 
_refine_ls_shell.percent_reflns_obs               100.00 
_refine_ls_shell.R_factor_R_free                  0.444 
_refine_ls_shell.R_factor_R_free_error            ? 
_refine_ls_shell.percent_reflns_R_free            ? 
_refine_ls_shell.number_reflns_R_free             28 
_refine_ls_shell.number_reflns_all                ? 
_refine_ls_shell.R_factor_all                     ? 
_refine_ls_shell.number_reflns_obs                ? 
_refine_ls_shell.redundancy_reflns_obs            ? 
_refine_ls_shell.pdbx_refine_id                   'X-RAY DIFFRACTION' 
_refine_ls_shell.R_factor_obs                     ? 
# 
loop_
_struct_ncs_dom.pdbx_ens_id 
_struct_ncs_dom.id 
_struct_ncs_dom.details 
1 1 A 
1 2 B 
# 
loop_
_struct_ncs_dom_lim.pdbx_ens_id 
_struct_ncs_dom_lim.dom_id 
_struct_ncs_dom_lim.pdbx_component_id 
_struct_ncs_dom_lim.beg_label_asym_id 
_struct_ncs_dom_lim.beg_label_comp_id 
_struct_ncs_dom_lim.beg_label_seq_id 
_struct_ncs_dom_lim.beg_label_alt_id 
_struct_ncs_dom_lim.end_label_asym_id 
_struct_ncs_dom_lim.end_label_comp_id 
_struct_ncs_dom_lim.end_label_seq_id 
_struct_ncs_dom_lim.end_label_alt_id 
_struct_ncs_dom_lim.beg_auth_asym_id 
_struct_ncs_dom_lim.beg_auth_comp_id 
_struct_ncs_dom_lim.beg_auth_seq_id 
_struct_ncs_dom_lim.end_auth_asym_id 
_struct_ncs_dom_lim.end_auth_comp_id 
_struct_ncs_dom_lim.end_auth_seq_id 
_struct_ncs_dom_lim.pdbx_refine_code 
_struct_ncs_dom_lim.selection_details 
1 1 1 A MET 8 . A SER 87 . A MET 1 A SER 80 1 ? 
1 2 1 B MET 8 . B SER 87 . B MET 1 B SER 80 1 ? 
# 
_struct_ncs_ens.id        1 
_struct_ncs_ens.details   ? 
# 
_struct.entry_id                  3BW1 
_struct.title                     'Crystal structure of homomeric yeast Lsm3 exhibiting novel octameric ring organisation' 
_struct.pdbx_model_details        ? 
_struct.pdbx_CASP_flag            N 
_struct.pdbx_model_type_details   ? 
# 
_struct_keywords.entry_id        3BW1 
_struct_keywords.pdbx_keywords   'RNA BINDING PROTEIN' 
_struct_keywords.text            
;RNA-BINDING PROTEIN, SM-LIKE PROTEIN, SM PROTEIN, RING, HOMOMERIC, OCTAMER, mRNA processing, mRNA splicing, Nucleus, Ribonucleoprotein, rRNA processing, tRNA processing, RNA BINDING PROTEIN
;
# 
loop_
_struct_asym.id 
_struct_asym.pdbx_blank_PDB_chainid_flag 
_struct_asym.pdbx_modified 
_struct_asym.entity_id 
_struct_asym.details 
A N N 1 ? 
B N N 1 ? 
C N N 2 ? 
D N N 2 ? 
E N N 2 ? 
F N N 3 ? 
G N N 2 ? 
H N N 4 ? 
I N N 4 ? 
# 
loop_
_struct_conf.conf_type_id 
_struct_conf.id 
_struct_conf.pdbx_PDB_helix_id 
_struct_conf.beg_label_comp_id 
_struct_conf.beg_label_asym_id 
_struct_conf.beg_label_seq_id 
_struct_conf.pdbx_beg_PDB_ins_code 
_struct_conf.end_label_comp_id 
_struct_conf.end_label_asym_id 
_struct_conf.end_label_seq_id 
_struct_conf.pdbx_end_PDB_ins_code 
_struct_conf.beg_auth_comp_id 
_struct_conf.beg_auth_asym_id 
_struct_conf.beg_auth_seq_id 
_struct_conf.end_auth_comp_id 
_struct_conf.end_auth_asym_id 
_struct_conf.end_auth_seq_id 
_struct_conf.pdbx_PDB_helix_class 
_struct_conf.details 
_struct_conf.pdbx_PDB_helix_length 
HELX_P HELX_P1 1 THR A 10 ? LYS A 16 ? THR A 3  LYS A 9  1 ? 7 
HELX_P HELX_P2 2 LEU A 17 ? LEU A 19 ? LEU A 10 LEU A 12 5 ? 3 
HELX_P HELX_P3 3 THR B 10 ? LEU B 17 ? THR B 3  LEU B 10 1 ? 8 
HELX_P HELX_P4 4 ARG B 76 ? ASP B 78 ? ARG B 69 ASP B 71 5 ? 3 
# 
_struct_conf_type.id          HELX_P 
_struct_conf_type.criteria    ? 
_struct_conf_type.reference   ? 
# 
_struct_sheet.id               A 
_struct_sheet.type             ? 
_struct_sheet.number_strands   10 
_struct_sheet.details          ? 
# 
loop_
_struct_sheet_order.sheet_id 
_struct_sheet_order.range_id_1 
_struct_sheet_order.range_id_2 
_struct_sheet_order.offset 
_struct_sheet_order.sense 
A 1 2  ? anti-parallel 
A 2 3  ? anti-parallel 
A 3 4  ? anti-parallel 
A 4 5  ? anti-parallel 
A 5 6  ? anti-parallel 
A 6 7  ? anti-parallel 
A 7 8  ? anti-parallel 
A 8 9  ? anti-parallel 
A 9 10 ? anti-parallel 
# 
loop_
_struct_sheet_range.sheet_id 
_struct_sheet_range.id 
_struct_sheet_range.beg_label_comp_id 
_struct_sheet_range.beg_label_asym_id 
_struct_sheet_range.beg_label_seq_id 
_struct_sheet_range.pdbx_beg_PDB_ins_code 
_struct_sheet_range.end_label_comp_id 
_struct_sheet_range.end_label_asym_id 
_struct_sheet_range.end_label_seq_id 
_struct_sheet_range.pdbx_end_PDB_ins_code 
_struct_sheet_range.beg_auth_comp_id 
_struct_sheet_range.beg_auth_asym_id 
_struct_sheet_range.beg_auth_seq_id 
_struct_sheet_range.end_auth_comp_id 
_struct_sheet_range.end_auth_asym_id 
_struct_sheet_range.end_auth_seq_id 
A 1  VAL A 80 ? SER A 84 ? VAL A 73 SER A 77 
A 2  ARG A 22 ? LEU A 27 ? ARG A 15 LEU A 20 
A 3  THR A 32 ? PHE A 40 ? THR A 25 PHE A 33 
A 4  ILE A 46 ? TYR A 56 ? ILE A 39 TYR A 49 
A 5  GLU A 65 ? ILE A 75 ? GLU A 58 ILE A 68 
A 6  VAL B 80 ? SER B 84 ? VAL B 73 SER B 77 
A 7  ARG B 22 ? LEU B 27 ? ARG B 15 LEU B 20 
A 8  THR B 32 ? PHE B 40 ? THR B 25 PHE B 33 
A 9  ILE B 46 ? TYR B 56 ? ILE B 39 TYR B 49 
A 10 GLU B 65 ? ILE B 75 ? GLU B 58 ILE B 68 
# 
loop_
_pdbx_struct_sheet_hbond.sheet_id 
_pdbx_struct_sheet_hbond.range_id_1 
_pdbx_struct_sheet_hbond.range_id_2 
_pdbx_struct_sheet_hbond.range_1_label_atom_id 
_pdbx_struct_sheet_hbond.range_1_label_comp_id 
_pdbx_struct_sheet_hbond.range_1_label_asym_id 
_pdbx_struct_sheet_hbond.range_1_label_seq_id 
_pdbx_struct_sheet_hbond.range_1_PDB_ins_code 
_pdbx_struct_sheet_hbond.range_1_auth_atom_id 
_pdbx_struct_sheet_hbond.range_1_auth_comp_id 
_pdbx_struct_sheet_hbond.range_1_auth_asym_id 
_pdbx_struct_sheet_hbond.range_1_auth_seq_id 
_pdbx_struct_sheet_hbond.range_2_label_atom_id 
_pdbx_struct_sheet_hbond.range_2_label_comp_id 
_pdbx_struct_sheet_hbond.range_2_label_asym_id 
_pdbx_struct_sheet_hbond.range_2_label_seq_id 
_pdbx_struct_sheet_hbond.range_2_PDB_ins_code 
_pdbx_struct_sheet_hbond.range_2_auth_atom_id 
_pdbx_struct_sheet_hbond.range_2_auth_comp_id 
_pdbx_struct_sheet_hbond.range_2_auth_asym_id 
_pdbx_struct_sheet_hbond.range_2_auth_seq_id 
A 1 2  O SER A 84 ? O SER A 77 N TYR A 24 ? N TYR A 17 
A 2 3  N ILE A 25 ? N ILE A 18 O LEU A 33 ? O LEU A 26 
A 3 4  N THR A 36 ? N THR A 29 O SER A 49 ? O SER A 42 
A 4 5  N ILE A 46 ? N ILE A 39 O ILE A 75 ? O ILE A 68 
A 5 6  N PHE A 74 ? N PHE A 67 O ILE B 83 ? O ILE B 76 
A 6 7  O SER B 84 ? O SER B 77 N TYR B 24 ? N TYR B 17 
A 7 8  N ILE B 25 ? N ILE B 18 O LEU B 33 ? O LEU B 26 
A 8 9  N THR B 36 ? N THR B 29 O SER B 49 ? O SER B 42 
A 9 10 N ILE B 46 ? N ILE B 39 O ILE B 75 ? O ILE B 68 
# 
loop_
_struct_site.id 
_struct_site.pdbx_evidence_code 
_struct_site.pdbx_auth_asym_id 
_struct_site.pdbx_auth_comp_id 
_struct_site.pdbx_auth_seq_id 
_struct_site.pdbx_auth_ins_code 
_struct_site.pdbx_num_residues 
_struct_site.details 
AC1 Software A MPD 91 ? 4 'BINDING SITE FOR RESIDUE MPD A 91' 
AC2 Software A MPD 92 ? 3 'BINDING SITE FOR RESIDUE MPD A 92' 
AC3 Software B MPD 91 ? 2 'BINDING SITE FOR RESIDUE MPD B 91' 
# 
loop_
_struct_site_gen.id 
_struct_site_gen.site_id 
_struct_site_gen.pdbx_num_res 
_struct_site_gen.label_comp_id 
_struct_site_gen.label_asym_id 
_struct_site_gen.label_seq_id 
_struct_site_gen.pdbx_auth_ins_code 
_struct_site_gen.auth_comp_id 
_struct_site_gen.auth_asym_id 
_struct_site_gen.auth_seq_id 
_struct_site_gen.label_atom_id 
_struct_site_gen.label_alt_id 
_struct_site_gen.symmetry 
_struct_site_gen.details 
1 AC1 4 ALA A 39 ? ALA A 32 . ? 1_555 ? 
2 AC1 4 PHE A 40 ? PHE A 33 . ? 1_555 ? 
3 AC1 4 HIS B 7  ? HIS B -1 . ? 1_555 ? 
4 AC1 4 GLU B 9  ? GLU B 2  . ? 1_555 ? 
5 AC2 3 GLU A 9  ? GLU A 2  . ? 1_555 ? 
6 AC2 3 ALA B 39 ? ALA B 32 . ? 3_555 ? 
7 AC2 3 PHE B 40 ? PHE B 33 . ? 3_555 ? 
8 AC3 2 LEU A 12 ? LEU A 5  . ? 5_555 ? 
9 AC3 2 LYS A 16 ? LYS A 9  . ? 5_555 ? 
# 
_atom_sites.entry_id                    3BW1 
_atom_sites.fract_transf_matrix[1][1]   0.00559423 
_atom_sites.fract_transf_matrix[1][2]   -0.00088168 
_atom_sites.fract_transf_matrix[1][3]   0.01051260 
_atom_sites.fract_transf_matrix[2][1]   0.00400496 
_atom_sites.fract_transf_matrix[2][2]   -0.01083091 
_atom_sites.fract_transf_matrix[2][3]   -0.00303959 
_atom_sites.fract_transf_matrix[3][1]   0.00575890 
_atom_sites.fract_transf_matrix[3][2]   0.00292077 
_atom_sites.fract_transf_matrix[3][3]   -0.00281961 
_atom_sites.fract_transf_vector[1]      0.095310 
_atom_sites.fract_transf_vector[2]      0.247094 
_atom_sites.fract_transf_vector[3]      0.141200 
# 
loop_
_atom_type.symbol 
C 
N 
O 
S 
# 
loop_
_atom_site.group_PDB 
_atom_site.id 
_atom_site.type_symbol 
_atom_site.label_atom_id 
_atom_site.label_alt_id 
_atom_site.label_comp_id 
_atom_site.label_asym_id 
_atom_site.label_entity_id 
_atom_site.label_seq_id 
_atom_site.pdbx_PDB_ins_code 
_atom_site.Cartn_x 
_atom_site.Cartn_y 
_atom_site.Cartn_z 
_atom_site.occupancy 
_atom_site.B_iso_or_equiv 
_atom_site.pdbx_formal_charge 
_atom_site.auth_seq_id 
_atom_site.auth_comp_id 
_atom_site.auth_asym_id 
_atom_site.auth_atom_id 
_atom_site.pdbx_PDB_model_num 
ATOM   1    N N   . HIS A 1 6  ? -27.217 -9.153  -23.420 1.00 90.68  ? -2 HIS A N   1 
ATOM   2    C CA  . HIS A 1 6  ? -26.206 -8.593  -22.441 1.00 90.76  ? -2 HIS A CA  1 
ATOM   3    C C   . HIS A 1 6  ? -26.449 -9.070  -20.994 1.00 90.68  ? -2 HIS A C   1 
ATOM   4    O O   . HIS A 1 6  ? -27.568 -8.875  -20.444 1.00 91.30  ? -2 HIS A O   1 
ATOM   5    C CB  . HIS A 1 6  ? -26.144 -7.022  -22.438 1.00 90.31  ? -2 HIS A CB  1 
ATOM   6    C CG  . HIS A 1 6  ? -24.812 -6.481  -21.985 1.00 89.10  ? -2 HIS A CG  1 
ATOM   7    N ND1 . HIS A 1 6  ? -24.556 -6.120  -20.678 1.00 87.73  ? -2 HIS A ND1 1 
ATOM   8    C CD2 . HIS A 1 6  ? -23.646 -6.314  -22.653 1.00 87.58  ? -2 HIS A CD2 1 
ATOM   9    C CE1 . HIS A 1 6  ? -23.299 -5.726  -20.569 1.00 86.00  ? -2 HIS A CE1 1 
ATOM   10   N NE2 . HIS A 1 6  ? -22.721 -5.837  -21.752 1.00 85.85  ? -2 HIS A NE2 1 
ATOM   11   N N   . HIS A 1 7  ? -25.410 -9.645  -20.362 1.00 89.04  ? -1 HIS A N   1 
ATOM   12   C CA  . HIS A 1 7  ? -25.439 -9.970  -18.930 1.00 86.62  ? -1 HIS A CA  1 
ATOM   13   C C   . HIS A 1 7  ? -25.835 -8.753  -18.042 1.00 84.33  ? -1 HIS A C   1 
ATOM   14   O O   . HIS A 1 7  ? -25.947 -7.589  -18.491 1.00 83.23  ? -1 HIS A O   1 
ATOM   15   C CB  . HIS A 1 7  ? -24.080 -10.499 -18.498 1.00 87.18  ? -1 HIS A CB  1 
ATOM   16   C CG  . HIS A 1 7  ? -23.004 -9.457  -18.575 1.00 90.47  ? -1 HIS A CG  1 
ATOM   17   N ND1 . HIS A 1 7  ? -22.950 -8.380  -17.706 1.00 91.74  ? -1 HIS A ND1 1 
ATOM   18   C CD2 . HIS A 1 7  ? -21.963 -9.307  -19.433 1.00 92.65  ? -1 HIS A CD2 1 
ATOM   19   C CE1 . HIS A 1 7  ? -21.912 -7.619  -18.022 1.00 92.27  ? -1 HIS A CE1 1 
ATOM   20   N NE2 . HIS A 1 7  ? -21.291 -8.165  -19.058 1.00 93.45  ? -1 HIS A NE2 1 
ATOM   21   N N   . MET A 1 8  ? -26.049 -9.053  -16.765 1.00 81.53  ? 1  MET A N   1 
ATOM   22   C CA  . MET A 1 8  ? -26.535 -8.064  -15.846 1.00 78.58  ? 1  MET A CA  1 
ATOM   23   C C   . MET A 1 8  ? -25.635 -8.018  -14.609 1.00 77.33  ? 1  MET A C   1 
ATOM   24   O O   . MET A 1 8  ? -26.086 -8.051  -13.457 1.00 77.32  ? 1  MET A O   1 
ATOM   25   C CB  . MET A 1 8  ? -27.952 -8.406  -15.506 1.00 77.93  ? 1  MET A CB  1 
ATOM   26   C CG  . MET A 1 8  ? -28.719 -7.207  -15.188 1.00 77.20  ? 1  MET A CG  1 
ATOM   27   S SD  . MET A 1 8  ? -30.405 -7.551  -14.706 1.00 78.93  ? 1  MET A SD  1 
ATOM   28   C CE  . MET A 1 8  ? -31.150 -8.075  -16.294 1.00 73.43  ? 1  MET A CE  1 
ATOM   29   N N   . GLU A 1 9  ? -24.339 -7.961  -14.866 1.00 75.72  ? 2  GLU A N   1 
ATOM   30   C CA  . GLU A 1 9  ? -23.344 -8.081  -13.816 1.00 74.77  ? 2  GLU A CA  1 
ATOM   31   C C   . GLU A 1 9  ? -22.944 -6.678  -13.378 1.00 73.51  ? 2  GLU A C   1 
ATOM   32   O O   . GLU A 1 9  ? -22.706 -5.835  -14.235 1.00 73.00  ? 2  GLU A O   1 
ATOM   33   C CB  . GLU A 1 9  ? -22.083 -8.789  -14.355 1.00 75.52  ? 2  GLU A CB  1 
ATOM   34   C CG  . GLU A 1 9  ? -22.168 -10.282 -14.629 1.00 76.89  ? 2  GLU A CG  1 
ATOM   35   C CD  . GLU A 1 9  ? -22.926 -11.022 -13.540 1.00 82.16  ? 2  GLU A CD  1 
ATOM   36   O OE1 . GLU A 1 9  ? -22.496 -11.081 -12.365 1.00 80.72  ? 2  GLU A OE1 1 
ATOM   37   O OE2 . GLU A 1 9  ? -24.006 -11.546 -13.881 1.00 87.12  ? 2  GLU A OE2 1 
ATOM   38   N N   . THR A 1 10 ? -22.842 -6.405  -12.075 1.00 72.01  ? 3  THR A N   1 
ATOM   39   C CA  . THR A 1 10 ? -22.414 -5.072  -11.645 1.00 70.47  ? 3  THR A CA  1 
ATOM   40   C C   . THR A 1 10 ? -20.892 -4.928  -11.877 1.00 69.82  ? 3  THR A C   1 
ATOM   41   O O   . THR A 1 10 ? -20.215 -5.918  -12.065 1.00 69.81  ? 3  THR A O   1 
ATOM   42   C CB  . THR A 1 10 ? -22.729 -4.801  -10.169 1.00 70.14  ? 3  THR A CB  1 
ATOM   43   O OG1 . THR A 1 10 ? -21.920 -5.657  -9.351  1.00 68.78  ? 3  THR A OG1 1 
ATOM   44   C CG2 . THR A 1 10 ? -24.222 -4.987  -9.881  1.00 69.36  ? 3  THR A CG2 1 
ATOM   45   N N   . PRO A 1 11 ? -20.356 -3.687  -11.891 1.00 68.90  ? 4  PRO A N   1 
ATOM   46   C CA  . PRO A 1 11 ? -18.912 -3.523  -11.863 1.00 68.58  ? 4  PRO A CA  1 
ATOM   47   C C   . PRO A 1 11 ? -18.198 -4.402  -10.801 1.00 69.80  ? 4  PRO A C   1 
ATOM   48   O O   . PRO A 1 11 ? -17.260 -5.180  -11.125 1.00 70.45  ? 4  PRO A O   1 
ATOM   49   C CB  . PRO A 1 11 ? -18.745 -2.028  -11.583 1.00 67.48  ? 4  PRO A CB  1 
ATOM   50   C CG  . PRO A 1 11 ? -19.953 -1.410  -12.134 1.00 67.46  ? 4  PRO A CG  1 
ATOM   51   C CD  . PRO A 1 11 ? -21.057 -2.391  -11.989 1.00 68.21  ? 4  PRO A CD  1 
ATOM   52   N N   . LEU A 1 12 ? -18.648 -4.339  -9.554  1.00 71.06  ? 5  LEU A N   1 
ATOM   53   C CA  . LEU A 1 12 ? -18.052 -5.172  -8.514  1.00 71.30  ? 5  LEU A CA  1 
ATOM   54   C C   . LEU A 1 12 ? -18.207 -6.676  -8.840  1.00 71.69  ? 5  LEU A C   1 
ATOM   55   O O   . LEU A 1 12 ? -17.269 -7.448  -8.598  1.00 72.39  ? 5  LEU A O   1 
ATOM   56   C CB  . LEU A 1 12 ? -18.659 -4.817  -7.158  1.00 71.76  ? 5  LEU A CB  1 
ATOM   57   C CG  . LEU A 1 12 ? -18.166 -3.507  -6.514  1.00 73.01  ? 5  LEU A CG  1 
ATOM   58   C CD1 . LEU A 1 12 ? -19.111 -2.992  -5.370  1.00 72.97  ? 5  LEU A CD1 1 
ATOM   59   C CD2 . LEU A 1 12 ? -16.685 -3.641  -6.046  1.00 73.70  ? 5  LEU A CD2 1 
ATOM   60   N N   . ASP A 1 13 ? -19.354 -7.083  -9.415  1.00 71.24  ? 6  ASP A N   1 
ATOM   61   C CA  . ASP A 1 13 ? -19.539 -8.483  -9.813  1.00 71.06  ? 6  ASP A CA  1 
ATOM   62   C C   . ASP A 1 13 ? -18.417 -8.892  -10.766 1.00 70.77  ? 6  ASP A C   1 
ATOM   63   O O   . ASP A 1 13 ? -17.749 -9.894  -10.541 1.00 71.10  ? 6  ASP A O   1 
ATOM   64   C CB  . ASP A 1 13 ? -20.915 -8.732  -10.456 1.00 70.76  ? 6  ASP A CB  1 
ATOM   65   C CG  . ASP A 1 13 ? -22.060 -8.847  -9.437  1.00 73.50  ? 6  ASP A CG  1 
ATOM   66   O OD1 . ASP A 1 13 ? -21.881 -9.237  -8.226  1.00 74.49  ? 6  ASP A OD1 1 
ATOM   67   O OD2 . ASP A 1 13 ? -23.176 -8.529  -9.892  1.00 75.52  ? 6  ASP A OD2 1 
ATOM   68   N N   . LEU A 1 14 ? -18.181 -8.099  -11.818 1.00 70.40  ? 7  LEU A N   1 
ATOM   69   C CA  . LEU A 1 14 ? -17.111 -8.377  -12.777 1.00 70.01  ? 7  LEU A CA  1 
ATOM   70   C C   . LEU A 1 14 ? -15.688 -8.371  -12.163 1.00 71.06  ? 7  LEU A C   1 
ATOM   71   O O   . LEU A 1 14 ? -14.811 -9.131  -12.594 1.00 71.92  ? 7  LEU A O   1 
ATOM   72   C CB  . LEU A 1 14 ? -17.195 -7.432  -13.949 1.00 68.62  ? 7  LEU A CB  1 
ATOM   73   C CG  . LEU A 1 14 ? -18.371 -7.547  -14.929 1.00 67.77  ? 7  LEU A CG  1 
ATOM   74   C CD1 . LEU A 1 14 ? -18.130 -6.549  -16.011 1.00 63.06  ? 7  LEU A CD1 1 
ATOM   75   C CD2 . LEU A 1 14 ? -18.586 -8.987  -15.574 1.00 65.55  ? 7  LEU A CD2 1 
ATOM   76   N N   . LEU A 1 15 ? -15.470 -7.544  -11.141 1.00 71.25  ? 8  LEU A N   1 
ATOM   77   C CA  . LEU A 1 15 ? -14.189 -7.539  -10.474 1.00 71.02  ? 8  LEU A CA  1 
ATOM   78   C C   . LEU A 1 15 ? -13.895 -8.886  -9.787  1.00 72.07  ? 8  LEU A C   1 
ATOM   79   O O   . LEU A 1 15 ? -12.747 -9.323  -9.767  1.00 72.50  ? 8  LEU A O   1 
ATOM   80   C CB  . LEU A 1 15 ? -14.110 -6.343  -9.534  1.00 70.27  ? 8  LEU A CB  1 
ATOM   81   C CG  . LEU A 1 15 ? -12.771 -6.092  -8.826  1.00 70.74  ? 8  LEU A CG  1 
ATOM   82   C CD1 . LEU A 1 15 ? -11.612 -5.790  -9.773  1.00 68.42  ? 8  LEU A CD1 1 
ATOM   83   C CD2 . LEU A 1 15 ? -12.975 -4.924  -7.803  1.00 70.80  ? 8  LEU A CD2 1 
ATOM   84   N N   . LYS A 1 16 ? -14.934 -9.555  -9.237  1.00 72.56  ? 9  LYS A N   1 
ATOM   85   C CA  . LYS A 1 16 ? -14.822 -10.909 -8.685  1.00 72.28  ? 9  LYS A CA  1 
ATOM   86   C C   . LYS A 1 16 ? -14.064 -11.840 -9.621  1.00 72.34  ? 9  LYS A C   1 
ATOM   87   O O   . LYS A 1 16 ? -13.397 -12.765 -9.144  1.00 72.05  ? 9  LYS A O   1 
ATOM   88   C CB  . LYS A 1 16 ? -16.170 -11.564 -8.592  1.00 72.24  ? 9  LYS A CB  1 
ATOM   89   C CG  . LYS A 1 16 ? -16.930 -11.391 -7.386  1.00 74.75  ? 9  LYS A CG  1 
ATOM   90   C CD  . LYS A 1 16 ? -17.935 -12.579 -7.246  1.00 78.19  ? 9  LYS A CD  1 
ATOM   91   C CE  . LYS A 1 16 ? -18.951 -12.639 -8.373  1.00 80.20  ? 9  LYS A CE  1 
ATOM   92   N NZ  . LYS A 1 16 ? -20.326 -12.985 -7.903  1.00 81.15  ? 9  LYS A NZ  1 
ATOM   93   N N   . LEU A 1 17 ? -14.247 -11.648 -10.936 1.00 72.12  ? 10 LEU A N   1 
ATOM   94   C CA  . LEU A 1 17 ? -13.621 -12.497 -11.960 1.00 72.20  ? 10 LEU A CA  1 
ATOM   95   C C   . LEU A 1 17 ? -12.125 -12.442 -11.892 1.00 72.76  ? 10 LEU A C   1 
ATOM   96   O O   . LEU A 1 17 ? -11.470 -13.315 -12.455 1.00 73.82  ? 10 LEU A O   1 
ATOM   97   C CB  . LEU A 1 17 ? -14.005 -12.102 -13.395 1.00 71.81  ? 10 LEU A CB  1 
ATOM   98   C CG  . LEU A 1 17 ? -15.441 -12.263 -13.865 1.00 70.74  ? 10 LEU A CG  1 
ATOM   99   C CD1 . LEU A 1 17 ? -15.483 -12.119 -15.391 1.00 69.83  ? 10 LEU A CD1 1 
ATOM   100  C CD2 . LEU A 1 17 ? -15.971 -13.581 -13.371 1.00 68.21  ? 10 LEU A CD2 1 
ATOM   101  N N   . ASN A 1 18 ? -11.589 -11.423 -11.229 1.00 73.03  ? 11 ASN A N   1 
ATOM   102  C CA  . ASN A 1 18 ? -10.151 -11.274 -11.041 1.00 72.85  ? 11 ASN A CA  1 
ATOM   103  C C   . ASN A 1 18 ? -9.590  -11.851 -9.760  1.00 72.58  ? 11 ASN A C   1 
ATOM   104  O O   . ASN A 1 18 ? -8.392  -11.811 -9.545  1.00 73.16  ? 11 ASN A O   1 
ATOM   105  C CB  . ASN A 1 18 ? -9.784  -9.814  -11.136 1.00 73.63  ? 11 ASN A CB  1 
ATOM   106  C CG  . ASN A 1 18 ? -9.969  -9.298  -12.522 1.00 75.14  ? 11 ASN A CG  1 
ATOM   107  O OD1 . ASN A 1 18 ? -9.604  -9.950  -13.472 1.00 74.71  ? 11 ASN A OD1 1 
ATOM   108  N ND2 . ASN A 1 18 ? -10.540 -8.131  -12.643 1.00 79.67  ? 11 ASN A ND2 1 
ATOM   109  N N   . LEU A 1 19 ? -10.437 -12.388 -8.895  1.00 71.93  ? 12 LEU A N   1 
ATOM   110  C CA  . LEU A 1 19 ? -9.914  -12.883 -7.653  1.00 70.93  ? 12 LEU A CA  1 
ATOM   111  C C   . LEU A 1 19 ? -8.888  -13.937 -8.011  1.00 71.05  ? 12 LEU A C   1 
ATOM   112  O O   . LEU A 1 19 ? -9.100  -14.767 -8.924  1.00 70.94  ? 12 LEU A O   1 
ATOM   113  C CB  . LEU A 1 19 ? -11.006 -13.393 -6.734  1.00 69.94  ? 12 LEU A CB  1 
ATOM   114  C CG  . LEU A 1 19 ? -11.814 -12.265 -6.113  1.00 70.15  ? 12 LEU A CG  1 
ATOM   115  C CD1 . LEU A 1 19 ? -13.054 -12.879 -5.543  1.00 71.21  ? 12 LEU A CD1 1 
ATOM   116  C CD2 . LEU A 1 19 ? -11.068 -11.441 -5.041  1.00 69.33  ? 12 LEU A CD2 1 
ATOM   117  N N   . ASP A 1 20 ? -7.745  -13.824 -7.334  1.00 71.20  ? 13 ASP A N   1 
ATOM   118  C CA  . ASP A 1 20 ? -6.609  -14.742 -7.478  1.00 71.71  ? 13 ASP A CA  1 
ATOM   119  C C   . ASP A 1 20 ? -5.844  -14.601 -8.820  1.00 71.16  ? 13 ASP A C   1 
ATOM   120  O O   . ASP A 1 20 ? -4.961  -15.368 -9.068  1.00 71.25  ? 13 ASP A O   1 
ATOM   121  C CB  . ASP A 1 20 ? -7.045  -16.202 -7.198  1.00 71.66  ? 13 ASP A CB  1 
ATOM   122  C CG  . ASP A 1 20 ? -5.994  -16.973 -6.386  1.00 75.39  ? 13 ASP A CG  1 
ATOM   123  O OD1 . ASP A 1 20 ? -5.512  -16.430 -5.353  1.00 79.78  ? 13 ASP A OD1 1 
ATOM   124  O OD2 . ASP A 1 20 ? -5.625  -18.127 -6.765  1.00 78.60  ? 13 ASP A OD2 1 
ATOM   125  N N   . GLU A 1 21 ? -6.190  -13.619 -9.652  1.00 71.52  ? 14 GLU A N   1 
ATOM   126  C CA  . GLU A 1 21 ? -5.490  -13.279 -10.901 1.00 71.72  ? 14 GLU A CA  1 
ATOM   127  C C   . GLU A 1 21 ? -4.536  -12.092 -10.720 1.00 72.16  ? 14 GLU A C   1 
ATOM   128  O O   . GLU A 1 21 ? -4.720  -11.295 -9.806  1.00 72.72  ? 14 GLU A O   1 
ATOM   129  C CB  . GLU A 1 21 ? -6.509  -12.877 -11.971 1.00 71.63  ? 14 GLU A CB  1 
ATOM   130  C CG  . GLU A 1 21 ? -7.368  -13.992 -12.472 1.00 72.47  ? 14 GLU A CG  1 
ATOM   131  C CD  . GLU A 1 21 ? -6.530  -15.119 -13.025 1.00 77.72  ? 14 GLU A CD  1 
ATOM   132  O OE1 . GLU A 1 21 ? -6.011  -15.015 -14.162 1.00 81.01  ? 14 GLU A OE1 1 
ATOM   133  O OE2 . GLU A 1 21 ? -6.387  -16.129 -12.318 1.00 78.88  ? 14 GLU A OE2 1 
ATOM   134  N N   . ARG A 1 22 ? -3.529  -11.946 -11.593 1.00 72.74  ? 15 ARG A N   1 
ATOM   135  C CA  . ARG A 1 22 ? -2.671  -10.756 -11.563 1.00 73.36  ? 15 ARG A CA  1 
ATOM   136  C C   . ARG A 1 22 ? -3.475  -9.547  -12.000 1.00 73.89  ? 15 ARG A C   1 
ATOM   137  O O   . ARG A 1 22 ? -4.199  -9.607  -13.000 1.00 75.01  ? 15 ARG A O   1 
ATOM   138  C CB  . ARG A 1 22 ? -1.461  -10.858 -12.503 1.00 72.93  ? 15 ARG A CB  1 
ATOM   139  C CG  . ARG A 1 22 ? -0.411  -11.881 -12.112 1.00 75.05  ? 15 ARG A CG  1 
ATOM   140  C CD  . ARG A 1 22 ? 0.007   -11.768 -10.645 1.00 77.43  ? 15 ARG A CD  1 
ATOM   141  N NE  . ARG A 1 22 ? 1.186   -10.931 -10.424 1.00 78.58  ? 15 ARG A NE  1 
ATOM   142  C CZ  . ARG A 1 22 ? 1.684   -10.666 -9.211  1.00 78.61  ? 15 ARG A CZ  1 
ATOM   143  N NH1 . ARG A 1 22 ? 1.098   -11.159 -8.120  1.00 76.48  ? 15 ARG A NH1 1 
ATOM   144  N NH2 . ARG A 1 22 ? 2.772   -9.898  -9.080  1.00 79.96  ? 15 ARG A NH2 1 
ATOM   145  N N   . VAL A 1 23 ? -3.278  -8.441  -11.301 1.00 73.74  ? 16 VAL A N   1 
ATOM   146  C CA  . VAL A 1 23 ? -4.067  -7.245  -11.474 1.00 73.70  ? 16 VAL A CA  1 
ATOM   147  C C   . VAL A 1 23 ? -3.128  -6.054  -11.363 1.00 74.74  ? 16 VAL A C   1 
ATOM   148  O O   . VAL A 1 23 ? -2.141  -6.096  -10.613 1.00 74.82  ? 16 VAL A O   1 
ATOM   149  C CB  . VAL A 1 23 ? -5.185  -7.249  -10.374 1.00 73.50  ? 16 VAL A CB  1 
ATOM   150  C CG1 . VAL A 1 23 ? -5.006  -6.200  -9.286  1.00 72.38  ? 16 VAL A CG1 1 
ATOM   151  C CG2 . VAL A 1 23 ? -6.562  -7.344  -10.994 1.00 71.54  ? 16 VAL A CG2 1 
ATOM   152  N N   . TYR A 1 24 ? -3.394  -5.005  -12.137 1.00 75.97  ? 17 TYR A N   1 
ATOM   153  C CA  . TYR A 1 24 ? -2.548  -3.811  -12.141 1.00 77.30  ? 17 TYR A CA  1 
ATOM   154  C C   . TYR A 1 24 ? -3.403  -2.634  -11.672 1.00 76.93  ? 17 TYR A C   1 
ATOM   155  O O   . TYR A 1 24 ? -4.509  -2.412  -12.199 1.00 78.10  ? 17 TYR A O   1 
ATOM   156  C CB  . TYR A 1 24 ? -1.920  -3.648  -13.526 1.00 79.61  ? 17 TYR A CB  1 
ATOM   157  C CG  . TYR A 1 24 ? -1.587  -2.240  -13.964 1.00 83.80  ? 17 TYR A CG  1 
ATOM   158  C CD1 . TYR A 1 24 ? -0.248  -1.830  -14.153 1.00 87.05  ? 17 TYR A CD1 1 
ATOM   159  C CD2 . TYR A 1 24 ? -2.625  -1.311  -14.258 1.00 87.63  ? 17 TYR A CD2 1 
ATOM   160  C CE1 . TYR A 1 24 ? 0.052   -0.495  -14.614 1.00 88.09  ? 17 TYR A CE1 1 
ATOM   161  C CE2 . TYR A 1 24 ? -2.350  0.008   -14.702 1.00 88.04  ? 17 TYR A CE2 1 
ATOM   162  C CZ  . TYR A 1 24 ? -1.014  0.414   -14.883 1.00 87.46  ? 17 TYR A CZ  1 
ATOM   163  O OH  . TYR A 1 24 ? -0.784  1.719   -15.337 1.00 87.11  ? 17 TYR A OH  1 
ATOM   164  N N   . ILE A 1 25 ? -2.923  -1.915  -10.646 1.00 75.42  ? 18 ILE A N   1 
ATOM   165  C CA  . ILE A 1 25 ? -3.715  -0.923  -9.908  1.00 73.18  ? 18 ILE A CA  1 
ATOM   166  C C   . ILE A 1 25 ? -3.056  0.443   -10.030 1.00 73.70  ? 18 ILE A C   1 
ATOM   167  O O   . ILE A 1 25 ? -1.863  0.579   -9.837  1.00 74.05  ? 18 ILE A O   1 
ATOM   168  C CB  . ILE A 1 25 ? -3.825  -1.332  -8.436  1.00 72.48  ? 18 ILE A CB  1 
ATOM   169  C CG1 . ILE A 1 25 ? -4.587  -2.644  -8.389  1.00 71.68  ? 18 ILE A CG1 1 
ATOM   170  C CG2 . ILE A 1 25 ? -4.426  -0.242  -7.630  1.00 70.29  ? 18 ILE A CG2 1 
ATOM   171  C CD1 . ILE A 1 25 ? -5.493  -2.848  -7.271  1.00 77.22  ? 18 ILE A CD1 1 
ATOM   172  N N   . LYS A 1 26 ? -3.830  1.456   -10.371 1.00 73.81  ? 19 LYS A N   1 
ATOM   173  C CA  . LYS A 1 26 ? -3.325  2.818   -10.479 1.00 74.49  ? 19 LYS A CA  1 
ATOM   174  C C   . LYS A 1 26 ? -4.026  3.604   -9.393  1.00 74.28  ? 19 LYS A C   1 
ATOM   175  O O   . LYS A 1 26 ? -5.248  3.478   -9.218  1.00 75.15  ? 19 LYS A O   1 
ATOM   176  C CB  . LYS A 1 26 ? -3.608  3.395   -11.881 1.00 74.24  ? 19 LYS A CB  1 
ATOM   177  C CG  . LYS A 1 26 ? -3.171  4.829   -12.110 1.00 75.22  ? 19 LYS A CG  1 
ATOM   178  C CD  . LYS A 1 26 ? -3.085  5.148   -13.598 1.00 76.20  ? 19 LYS A CD  1 
ATOM   179  C CE  . LYS A 1 26 ? -1.941  4.330   -14.206 1.00 78.74  ? 19 LYS A CE  1 
ATOM   180  N NZ  . LYS A 1 26 ? -1.648  4.632   -15.646 1.00 78.81  ? 19 LYS A NZ  1 
ATOM   181  N N   . LEU A 1 27 ? -3.265  4.399   -8.644  1.00 74.29  ? 20 LEU A N   1 
ATOM   182  C CA  . LEU A 1 27 ? -3.861  5.248   -7.594  1.00 74.31  ? 20 LEU A CA  1 
ATOM   183  C C   . LEU A 1 27 ? -3.864  6.713   -7.977  1.00 74.92  ? 20 LEU A C   1 
ATOM   184  O O   . LEU A 1 27 ? -3.436  7.074   -9.092  1.00 75.48  ? 20 LEU A O   1 
ATOM   185  C CB  . LEU A 1 27 ? -3.145  5.043   -6.261  1.00 73.87  ? 20 LEU A CB  1 
ATOM   186  C CG  . LEU A 1 27 ? -2.716  3.589   -5.979  1.00 72.97  ? 20 LEU A CG  1 
ATOM   187  C CD1 . LEU A 1 27 ? -1.727  3.508   -4.836  1.00 72.00  ? 20 LEU A CD1 1 
ATOM   188  C CD2 . LEU A 1 27 ? -3.921  2.740   -5.660  1.00 71.93  ? 20 LEU A CD2 1 
ATOM   189  N N   . ARG A 1 28 ? -4.344  7.558   -7.064  1.00 75.73  ? 21 ARG A N   1 
ATOM   190  C CA  . ARG A 1 28 ? -4.311  9.025   -7.238  1.00 76.52  ? 21 ARG A CA  1 
ATOM   191  C C   . ARG A 1 28 ? -2.927  9.391   -7.764  1.00 76.36  ? 21 ARG A C   1 
ATOM   192  O O   . ARG A 1 28 ? -1.899  8.819   -7.308  1.00 76.53  ? 21 ARG A O   1 
ATOM   193  C CB  . ARG A 1 28 ? -4.506  9.756   -5.900  1.00 76.91  ? 21 ARG A CB  1 
ATOM   194  C CG  . ARG A 1 28 ? -5.672  9.320   -5.028  1.00 79.88  ? 21 ARG A CG  1 
ATOM   195  C CD  . ARG A 1 28 ? -6.729  10.403  -4.940  1.00 84.06  ? 21 ARG A CD  1 
ATOM   196  N NE  . ARG A 1 28 ? -7.856  10.179  -5.855  1.00 87.83  ? 21 ARG A NE  1 
ATOM   197  C CZ  . ARG A 1 28 ? -8.670  11.148  -6.306  1.00 89.43  ? 21 ARG A CZ  1 
ATOM   198  N NH1 . ARG A 1 28 ? -8.465  12.438  -5.950  1.00 87.17  ? 21 ARG A NH1 1 
ATOM   199  N NH2 . ARG A 1 28 ? -9.682  10.830  -7.131  1.00 88.85  ? 21 ARG A NH2 1 
ATOM   200  N N   . GLY A 1 29 ? -2.897  10.332  -8.711  1.00 75.96  ? 22 GLY A N   1 
ATOM   201  C CA  . GLY A 1 29 ? -1.626  10.833  -9.273  1.00 74.77  ? 22 GLY A CA  1 
ATOM   202  C C   . GLY A 1 29 ? -0.777  9.746   -9.911  1.00 74.07  ? 22 GLY A C   1 
ATOM   203  O O   . GLY A 1 29 ? 0.433   9.830   -9.881  1.00 73.68  ? 22 GLY A O   1 
ATOM   204  N N   . ALA A 1 30 ? -1.422  8.712   -10.461 1.00 73.87  ? 23 ALA A N   1 
ATOM   205  C CA  . ALA A 1 30 ? -0.768  7.736   -11.351 1.00 73.62  ? 23 ALA A CA  1 
ATOM   206  C C   . ALA A 1 30 ? 0.320   6.880   -10.709 1.00 73.24  ? 23 ALA A C   1 
ATOM   207  O O   . ALA A 1 30 ? 1.277   6.527   -11.396 1.00 73.42  ? 23 ALA A O   1 
ATOM   208  C CB  . ALA A 1 30 ? -0.176  8.450   -12.605 1.00 73.39  ? 23 ALA A CB  1 
ATOM   209  N N   . ARG A 1 31 ? 0.192   6.571   -9.416  1.00 72.73  ? 24 ARG A N   1 
ATOM   210  C CA  . ARG A 1 31 ? 1.101   5.619   -8.748  1.00 72.17  ? 24 ARG A CA  1 
ATOM   211  C C   . ARG A 1 31 ? 0.629   4.195   -9.001  1.00 72.10  ? 24 ARG A C   1 
ATOM   212  O O   . ARG A 1 31 ? -0.564  3.905   -8.921  1.00 72.42  ? 24 ARG A O   1 
ATOM   213  C CB  . ARG A 1 31 ? 1.151   5.863   -7.247  1.00 71.69  ? 24 ARG A CB  1 
ATOM   214  C CG  . ARG A 1 31 ? 1.701   7.203   -6.860  1.00 71.39  ? 24 ARG A CG  1 
ATOM   215  C CD  . ARG A 1 31 ? 1.544   7.479   -5.377  1.00 71.45  ? 24 ARG A CD  1 
ATOM   216  N NE  . ARG A 1 31 ? 2.277   8.674   -4.965  1.00 71.47  ? 24 ARG A NE  1 
ATOM   217  C CZ  . ARG A 1 31 ? 3.550   8.657   -4.573  1.00 72.00  ? 24 ARG A CZ  1 
ATOM   218  N NH1 . ARG A 1 31 ? 4.239   7.510   -4.532  1.00 73.34  ? 24 ARG A NH1 1 
ATOM   219  N NH2 . ARG A 1 31 ? 4.139   9.780   -4.221  1.00 71.00  ? 24 ARG A NH2 1 
ATOM   220  N N   . THR A 1 32 ? 1.545   3.287   -9.276  1.00 71.98  ? 25 THR A N   1 
ATOM   221  C CA  . THR A 1 32 ? 1.122   1.943   -9.696  1.00 72.14  ? 25 THR A CA  1 
ATOM   222  C C   . THR A 1 32 ? 1.541   0.832   -8.721  1.00 71.96  ? 25 THR A C   1 
ATOM   223  O O   . THR A 1 32 ? 2.521   0.971   -8.012  1.00 72.23  ? 25 THR A O   1 
ATOM   224  C CB  . THR A 1 32 ? 1.542   1.616   -11.186 1.00 72.08  ? 25 THR A CB  1 
ATOM   225  O OG1 . THR A 1 32 ? 2.946   1.749   -11.308 1.00 72.09  ? 25 THR A OG1 1 
ATOM   226  C CG2 . THR A 1 32 ? 0.920   2.620   -12.183 1.00 71.55  ? 25 THR A CG2 1 
ATOM   227  N N   . LEU A 1 33 ? 0.734   -0.222  -8.668  1.00 71.62  ? 26 LEU A N   1 
ATOM   228  C CA  . LEU A 1 33 ? 1.009   -1.462  -7.949  1.00 71.59  ? 26 LEU A CA  1 
ATOM   229  C C   . LEU A 1 33 ? 0.635   -2.659  -8.812  1.00 71.87  ? 26 LEU A C   1 
ATOM   230  O O   . LEU A 1 33 ? -0.329  -2.604  -9.606  1.00 72.64  ? 26 LEU A O   1 
ATOM   231  C CB  . LEU A 1 33 ? 0.155   -1.563  -6.711  1.00 71.37  ? 26 LEU A CB  1 
ATOM   232  C CG  . LEU A 1 33 ? 0.735   -0.792  -5.560  1.00 71.41  ? 26 LEU A CG  1 
ATOM   233  C CD1 . LEU A 1 33 ? -0.065  0.513   -5.480  1.00 71.12  ? 26 LEU A CD1 1 
ATOM   234  C CD2 . LEU A 1 33 ? 0.481   -1.656  -4.403  1.00 71.84  ? 26 LEU A CD2 1 
ATOM   235  N N   . VAL A 1 34 ? 1.341   -3.761  -8.638  1.00 70.55  ? 27 VAL A N   1 
ATOM   236  C CA  . VAL A 1 34 ? 0.963   -4.935  -9.364  1.00 70.75  ? 27 VAL A CA  1 
ATOM   237  C C   . VAL A 1 34 ? 0.866   -6.069  -8.349  1.00 71.16  ? 27 VAL A C   1 
ATOM   238  O O   . VAL A 1 34 ? 1.679   -6.122  -7.438  1.00 72.52  ? 27 VAL A O   1 
ATOM   239  C CB  . VAL A 1 34 ? 1.961   -5.240  -10.474 1.00 70.39  ? 27 VAL A CB  1 
ATOM   240  C CG1 . VAL A 1 34 ? 1.817   -6.615  -10.846 1.00 70.65  ? 27 VAL A CG1 1 
ATOM   241  C CG2 . VAL A 1 34 ? 1.692   -4.359  -11.713 1.00 70.60  ? 27 VAL A CG2 1 
ATOM   242  N N   . GLY A 1 35 ? -0.125  -6.952  -8.469  1.00 70.52  ? 28 GLY A N   1 
ATOM   243  C CA  . GLY A 1 35 ? -0.210  -8.071  -7.543  1.00 69.79  ? 28 GLY A CA  1 
ATOM   244  C C   . GLY A 1 35 ? -1.383  -8.974  -7.781  1.00 69.33  ? 28 GLY A C   1 
ATOM   245  O O   . GLY A 1 35 ? -2.198  -8.709  -8.656  1.00 69.79  ? 28 GLY A O   1 
ATOM   246  N N   . THR A 1 36 ? -1.482  -10.039 -6.984  1.00 68.54  ? 29 THR A N   1 
ATOM   247  C CA  . THR A 1 36 ? -2.595  -10.969 -7.075  1.00 67.99  ? 29 THR A CA  1 
ATOM   248  C C   . THR A 1 36 ? -3.776  -10.456 -6.267  1.00 68.34  ? 29 THR A C   1 
ATOM   249  O O   . THR A 1 36 ? -3.614  -10.175 -5.078  1.00 69.89  ? 29 THR A O   1 
ATOM   250  C CB  . THR A 1 36 ? -2.169  -12.328 -6.572  1.00 67.72  ? 29 THR A CB  1 
ATOM   251  O OG1 . THR A 1 36 ? -1.141  -12.817 -7.437  1.00 68.12  ? 29 THR A OG1 1 
ATOM   252  C CG2 . THR A 1 36 ? -3.342  -13.297 -6.572  1.00 66.62  ? 29 THR A CG2 1 
ATOM   253  N N   . LEU A 1 37 ? -4.947  -10.303 -6.888  1.00 67.54  ? 30 LEU A N   1 
ATOM   254  C CA  . LEU A 1 37 ? -6.088  -9.771  -6.162  1.00 67.04  ? 30 LEU A CA  1 
ATOM   255  C C   . LEU A 1 37 ? -6.535  -10.810 -5.158  1.00 67.18  ? 30 LEU A C   1 
ATOM   256  O O   . LEU A 1 37 ? -6.869  -11.934 -5.537  1.00 68.12  ? 30 LEU A O   1 
ATOM   257  C CB  . LEU A 1 37 ? -7.233  -9.462  -7.109  1.00 66.86  ? 30 LEU A CB  1 
ATOM   258  C CG  . LEU A 1 37 ? -8.470  -8.864  -6.473  1.00 66.03  ? 30 LEU A CG  1 
ATOM   259  C CD1 . LEU A 1 37 ? -8.060  -7.625  -5.706  1.00 65.66  ? 30 LEU A CD1 1 
ATOM   260  C CD2 . LEU A 1 37 ? -9.380  -8.446  -7.562  1.00 66.21  ? 30 LEU A CD2 1 
ATOM   261  N N   . GLN A 1 38 ? -6.512  -10.464 -3.883  1.00 66.95  ? 31 GLN A N   1 
ATOM   262  C CA  . GLN A 1 38 ? -6.939  -11.395 -2.834  1.00 67.13  ? 31 GLN A CA  1 
ATOM   263  C C   . GLN A 1 38 ? -8.322  -11.050 -2.231  1.00 67.75  ? 31 GLN A C   1 
ATOM   264  O O   . GLN A 1 38 ? -9.090  -11.935 -1.853  1.00 67.71  ? 31 GLN A O   1 
ATOM   265  C CB  . GLN A 1 38 ? -5.931  -11.421 -1.709  1.00 66.36  ? 31 GLN A CB  1 
ATOM   266  C CG  . GLN A 1 38 ? -4.677  -12.082 -2.051  1.00 66.40  ? 31 GLN A CG  1 
ATOM   267  C CD  . GLN A 1 38 ? -4.823  -13.555 -2.208  1.00 67.10  ? 31 GLN A CD  1 
ATOM   268  O OE1 . GLN A 1 38 ? -5.777  -14.171 -1.736  1.00 68.89  ? 31 GLN A OE1 1 
ATOM   269  N NE2 . GLN A 1 38 ? -3.877  -14.141 -2.883  1.00 67.54  ? 31 GLN A NE2 1 
ATOM   270  N N   . ALA A 1 39 ? -8.610  -9.753  -2.127  1.00 67.75  ? 32 ALA A N   1 
ATOM   271  C CA  . ALA A 1 39 ? -9.821  -9.315  -1.478  1.00 68.31  ? 32 ALA A CA  1 
ATOM   272  C C   . ALA A 1 39 ? -10.161 -7.934  -1.972  1.00 69.28  ? 32 ALA A C   1 
ATOM   273  O O   . ALA A 1 39 ? -9.306  -7.216  -2.455  1.00 69.53  ? 32 ALA A O   1 
ATOM   274  C CB  . ALA A 1 39 ? -9.650  -9.289  0.037   1.00 67.29  ? 32 ALA A CB  1 
ATOM   275  N N   . PHE A 1 40 ? -11.432 -7.580  -1.845  1.00 70.23  ? 33 PHE A N   1 
ATOM   276  C CA  . PHE A 1 40 ? -11.867 -6.222  -2.003  1.00 70.91  ? 33 PHE A CA  1 
ATOM   277  C C   . PHE A 1 40 ? -13.220 -6.079  -1.294  1.00 72.76  ? 33 PHE A C   1 
ATOM   278  O O   . PHE A 1 40 ? -13.896 -7.078  -1.021  1.00 73.76  ? 33 PHE A O   1 
ATOM   279  C CB  . PHE A 1 40 ? -11.947 -5.840  -3.469  1.00 70.53  ? 33 PHE A CB  1 
ATOM   280  C CG  . PHE A 1 40 ? -12.898 -6.656  -4.269  1.00 70.62  ? 33 PHE A CG  1 
ATOM   281  C CD1 . PHE A 1 40 ? -12.488 -7.812  -4.879  1.00 72.02  ? 33 PHE A CD1 1 
ATOM   282  C CD2 . PHE A 1 40 ? -14.216 -6.255  -4.438  1.00 71.36  ? 33 PHE A CD2 1 
ATOM   283  C CE1 . PHE A 1 40 ? -13.423 -8.591  -5.672  1.00 73.78  ? 33 PHE A CE1 1 
ATOM   284  C CE2 . PHE A 1 40 ? -15.127 -7.019  -5.189  1.00 70.81  ? 33 PHE A CE2 1 
ATOM   285  C CZ  . PHE A 1 40 ? -14.738 -8.170  -5.807  1.00 71.36  ? 33 PHE A CZ  1 
ATOM   286  N N   . ASP A 1 41 ? -13.588 -4.849  -0.938  1.00 73.51  ? 34 ASP A N   1 
ATOM   287  C CA  . ASP A 1 41 ? -14.891 -4.619  -0.386  1.00 73.50  ? 34 ASP A CA  1 
ATOM   288  C C   . ASP A 1 41 ? -15.647 -3.524  -1.167  1.00 74.09  ? 34 ASP A C   1 
ATOM   289  O O   . ASP A 1 41 ? -15.211 -3.090  -2.243  1.00 74.22  ? 34 ASP A O   1 
ATOM   290  C CB  . ASP A 1 41 ? -14.754 -4.315  1.087   1.00 73.70  ? 34 ASP A CB  1 
ATOM   291  C CG  . ASP A 1 41 ? -14.084 -3.045  1.335   1.00 74.75  ? 34 ASP A CG  1 
ATOM   292  O OD1 . ASP A 1 41 ? -14.055 -2.209  0.438   1.00 77.42  ? 34 ASP A OD1 1 
ATOM   293  O OD2 . ASP A 1 41 ? -13.609 -2.871  2.461   1.00 78.73  ? 34 ASP A OD2 1 
ATOM   294  N N   . SER A 1 42 ? -16.778 -3.073  -0.656  1.00 74.66  ? 35 SER A N   1 
ATOM   295  C CA  . SER A 1 42 ? -17.574 -2.204  -1.478  1.00 75.55  ? 35 SER A CA  1 
ATOM   296  C C   . SER A 1 42 ? -16.976 -0.810  -1.527  1.00 76.56  ? 35 SER A C   1 
ATOM   297  O O   . SER A 1 42 ? -17.315 -0.085  -2.430  1.00 78.00  ? 35 SER A O   1 
ATOM   298  C CB  . SER A 1 42 ? -19.003 -2.143  -1.009  1.00 74.81  ? 35 SER A CB  1 
ATOM   299  O OG  . SER A 1 42 ? -19.047 -1.491  0.243   1.00 76.03  ? 35 SER A OG  1 
ATOM   300  N N   . HIS A 1 43 ? -16.123 -0.416  -0.581  1.00 76.80  ? 36 HIS A N   1 
ATOM   301  C CA  . HIS A 1 43 ? -15.481 0.910   -0.689  1.00 76.98  ? 36 HIS A CA  1 
ATOM   302  C C   . HIS A 1 43 ? -14.314 0.790   -1.551  1.00 76.94  ? 36 HIS A C   1 
ATOM   303  O O   . HIS A 1 43 ? -13.588 1.762   -1.733  1.00 77.69  ? 36 HIS A O   1 
ATOM   304  C CB  . HIS A 1 43 ? -14.984 1.423   0.635   1.00 76.94  ? 36 HIS A CB  1 
ATOM   305  C CG  . HIS A 1 43 ? -16.067 1.565   1.643   1.00 80.89  ? 36 HIS A CG  1 
ATOM   306  N ND1 . HIS A 1 43 ? -17.196 2.326   1.412   1.00 83.28  ? 36 HIS A ND1 1 
ATOM   307  C CD2 . HIS A 1 43 ? -16.216 1.016   2.869   1.00 82.11  ? 36 HIS A CD2 1 
ATOM   308  C CE1 . HIS A 1 43 ? -17.993 2.244   2.466   1.00 84.89  ? 36 HIS A CE1 1 
ATOM   309  N NE2 . HIS A 1 43 ? -17.416 1.463   3.365   1.00 85.32  ? 36 HIS A NE2 1 
ATOM   310  N N   . CYS A 1 44 ? -14.056 -0.424  -2.003  1.00 76.46  ? 37 CYS A N   1 
ATOM   311  C CA  . CYS A 1 44 ? -12.961 -0.619  -2.866  1.00 76.62  ? 37 CYS A CA  1 
ATOM   312  C C   . CYS A 1 44 ? -11.544 -0.705  -2.249  1.00 75.31  ? 37 CYS A C   1 
ATOM   313  O O   . CYS A 1 44 ? -10.522 -0.622  -2.971  1.00 75.49  ? 37 CYS A O   1 
ATOM   314  C CB  . CYS A 1 44 ? -13.013 0.486   -3.886  1.00 77.14  ? 37 CYS A CB  1 
ATOM   315  S SG  . CYS A 1 44 ? -12.234 -0.090  -5.332  1.00 85.68  ? 37 CYS A SG  1 
ATOM   316  N N   . ASN A 1 45 ? -11.475 -0.902  -0.924  1.00 73.96  ? 38 ASN A N   1 
ATOM   317  C CA  . ASN A 1 45 ? -10.245 -1.362  -0.280  1.00 71.95  ? 38 ASN A CA  1 
ATOM   318  C C   . ASN A 1 45 ? -9.882  -2.667  -0.975  1.00 71.14  ? 38 ASN A C   1 
ATOM   319  O O   . ASN A 1 45 ? -10.736 -3.467  -1.294  1.00 70.84  ? 38 ASN A O   1 
ATOM   320  C CB  . ASN A 1 45 ? -10.455 -1.634  1.216   1.00 71.47  ? 38 ASN A CB  1 
ATOM   321  C CG  . ASN A 1 45 ? -10.962 -0.414  1.982   1.00 71.56  ? 38 ASN A CG  1 
ATOM   322  O OD1 . ASN A 1 45 ? -10.460 0.691   1.836   1.00 70.13  ? 38 ASN A OD1 1 
ATOM   323  N ND2 . ASN A 1 45 ? -11.963 -0.628  2.825   1.00 69.80  ? 38 ASN A ND2 1 
ATOM   324  N N   . ILE A 1 46 ? -8.608  -2.892  -1.161  1.00 70.68  ? 39 ILE A N   1 
ATOM   325  C CA  . ILE A 1 46 ? -8.113  -3.987  -1.914  1.00 70.17  ? 39 ILE A CA  1 
ATOM   326  C C   . ILE A 1 46 ? -6.924  -4.549  -1.185  1.00 70.53  ? 39 ILE A C   1 
ATOM   327  O O   . ILE A 1 46 ? -6.143  -3.810  -0.544  1.00 70.71  ? 39 ILE A O   1 
ATOM   328  C CB  . ILE A 1 46 ? -7.597  -3.443  -3.207  1.00 70.67  ? 39 ILE A CB  1 
ATOM   329  C CG1 . ILE A 1 46 ? -8.793  -3.151  -4.078  1.00 70.73  ? 39 ILE A CG1 1 
ATOM   330  C CG2 . ILE A 1 46 ? -6.601  -4.393  -3.831  1.00 69.27  ? 39 ILE A CG2 1 
ATOM   331  C CD1 . ILE A 1 46 ? -8.364  -2.671  -5.321  1.00 78.51  ? 39 ILE A CD1 1 
ATOM   332  N N   . VAL A 1 47 ? -6.772  -5.860  -1.289  1.00 69.74  ? 40 VAL A N   1 
ATOM   333  C CA  . VAL A 1 47 ? -5.596  -6.520  -0.779  1.00 68.53  ? 40 VAL A CA  1 
ATOM   334  C C   . VAL A 1 47 ? -4.980  -7.280  -1.955  1.00 68.89  ? 40 VAL A C   1 
ATOM   335  O O   . VAL A 1 47 ? -5.721  -7.885  -2.729  1.00 69.70  ? 40 VAL A O   1 
ATOM   336  C CB  . VAL A 1 47 ? -5.945  -7.442  0.350   1.00 67.79  ? 40 VAL A CB  1 
ATOM   337  C CG1 . VAL A 1 47 ? -4.671  -8.101  0.892   1.00 69.13  ? 40 VAL A CG1 1 
ATOM   338  C CG2 . VAL A 1 47 ? -6.630  -6.694  1.426   1.00 64.80  ? 40 VAL A CG2 1 
ATOM   339  N N   . LEU A 1 48 ? -3.658  -7.161  -2.132  1.00 68.06  ? 41 LEU A N   1 
ATOM   340  C CA  . LEU A 1 48 ? -2.918  -7.894  -3.156  1.00 68.02  ? 41 LEU A CA  1 
ATOM   341  C C   . LEU A 1 48 ? -1.919  -8.805  -2.471  1.00 67.50  ? 41 LEU A C   1 
ATOM   342  O O   . LEU A 1 48 ? -1.435  -8.513  -1.400  1.00 67.04  ? 41 LEU A O   1 
ATOM   343  C CB  . LEU A 1 48 ? -2.156  -6.947  -4.101  1.00 67.86  ? 41 LEU A CB  1 
ATOM   344  C CG  . LEU A 1 48 ? -2.927  -5.792  -4.704  1.00 66.88  ? 41 LEU A CG  1 
ATOM   345  C CD1 . LEU A 1 48 ? -1.996  -5.025  -5.606  1.00 64.91  ? 41 LEU A CD1 1 
ATOM   346  C CD2 . LEU A 1 48 ? -4.064  -6.368  -5.451  1.00 65.48  ? 41 LEU A CD2 1 
ATOM   347  N N   . SER A 1 49 ? -1.598  -9.924  -3.067  1.00 67.62  ? 42 SER A N   1 
ATOM   348  C CA  . SER A 1 49 ? -0.439  -10.649 -2.553  1.00 68.73  ? 42 SER A CA  1 
ATOM   349  C C   . SER A 1 49 ? 0.573   -10.643 -3.661  1.00 68.89  ? 42 SER A C   1 
ATOM   350  O O   . SER A 1 49 ? 0.192   -10.365 -4.816  1.00 69.78  ? 42 SER A O   1 
ATOM   351  C CB  . SER A 1 49 ? -0.815  -12.071 -2.164  1.00 68.63  ? 42 SER A CB  1 
ATOM   352  O OG  . SER A 1 49 ? -1.487  -12.733 -3.220  1.00 70.23  ? 42 SER A OG  1 
ATOM   353  N N   . ASP A 1 50 ? 1.844   -10.914 -3.344  1.00 69.03  ? 43 ASP A N   1 
ATOM   354  C CA  . ASP A 1 50 ? 2.923   -10.898 -4.343  1.00 69.68  ? 43 ASP A CA  1 
ATOM   355  C C   . ASP A 1 50 ? 2.961   -9.559  -5.028  1.00 69.82  ? 43 ASP A C   1 
ATOM   356  O O   . ASP A 1 50 ? 2.998   -9.483  -6.265  1.00 69.97  ? 43 ASP A O   1 
ATOM   357  C CB  . ASP A 1 50 ? 2.624   -11.894 -5.431  1.00 70.36  ? 43 ASP A CB  1 
ATOM   358  C CG  . ASP A 1 50 ? 3.177   -13.251 -5.139  1.00 74.02  ? 43 ASP A CG  1 
ATOM   359  O OD1 . ASP A 1 50 ? 3.231   -13.605 -3.926  1.00 75.98  ? 43 ASP A OD1 1 
ATOM   360  O OD2 . ASP A 1 50 ? 3.571   -13.952 -6.130  1.00 78.04  ? 43 ASP A OD2 1 
ATOM   361  N N   . ALA A 1 51 ? 2.879   -8.500  -4.239  1.00 69.59  ? 44 ALA A N   1 
ATOM   362  C CA  . ALA A 1 51 ? 2.744   -7.195  -4.809  1.00 69.40  ? 44 ALA A CA  1 
ATOM   363  C C   . ALA A 1 51 ? 4.088   -6.636  -5.137  1.00 69.44  ? 44 ALA A C   1 
ATOM   364  O O   . ALA A 1 51 ? 5.110   -7.011  -4.560  1.00 69.51  ? 44 ALA A O   1 
ATOM   365  C CB  . ALA A 1 51 ? 2.008   -6.275  -3.871  1.00 69.90  ? 44 ALA A CB  1 
ATOM   366  N N   . VAL A 1 52 ? 4.057   -5.761  -6.124  1.00 69.81  ? 45 VAL A N   1 
ATOM   367  C CA  . VAL A 1 52 ? 5.175   -4.949  -6.531  1.00 69.97  ? 45 VAL A CA  1 
ATOM   368  C C   . VAL A 1 52 ? 4.639   -3.528  -6.527  1.00 70.41  ? 45 VAL A C   1 
ATOM   369  O O   . VAL A 1 52 ? 3.796   -3.198  -7.354  1.00 72.10  ? 45 VAL A O   1 
ATOM   370  C CB  . VAL A 1 52 ? 5.684   -5.367  -7.917  1.00 69.30  ? 45 VAL A CB  1 
ATOM   371  C CG1 . VAL A 1 52 ? 6.875   -4.539  -8.290  1.00 68.68  ? 45 VAL A CG1 1 
ATOM   372  C CG2 . VAL A 1 52 ? 6.076   -6.808  -7.868  1.00 68.13  ? 45 VAL A CG2 1 
ATOM   373  N N   . GLU A 1 53 ? 5.075   -2.722  -5.557  1.00 69.99  ? 46 GLU A N   1 
ATOM   374  C CA  . GLU A 1 53 ? 4.786   -1.285  -5.512  1.00 70.03  ? 46 GLU A CA  1 
ATOM   375  C C   . GLU A 1 53 ? 5.817   -0.540  -6.407  1.00 69.89  ? 46 GLU A C   1 
ATOM   376  O O   . GLU A 1 53 ? 6.956   -0.980  -6.530  1.00 70.40  ? 46 GLU A O   1 
ATOM   377  C CB  . GLU A 1 53 ? 4.912   -0.834  -4.064  1.00 69.54  ? 46 GLU A CB  1 
ATOM   378  C CG  . GLU A 1 53 ? 4.549   0.608   -3.791  1.00 70.34  ? 46 GLU A CG  1 
ATOM   379  C CD  . GLU A 1 53 ? 4.816   1.068   -2.324  1.00 72.08  ? 46 GLU A CD  1 
ATOM   380  O OE1 . GLU A 1 53 ? 5.144   0.246   -1.414  1.00 74.84  ? 46 GLU A OE1 1 
ATOM   381  O OE2 . GLU A 1 53 ? 4.658   2.294   -2.084  1.00 75.60  ? 46 GLU A OE2 1 
ATOM   382  N N   . THR A 1 54 ? 5.449   0.566   -7.049  1.00 69.43  ? 47 THR A N   1 
ATOM   383  C CA  . THR A 1 54 ? 6.458   1.393   -7.766  1.00 68.71  ? 47 THR A CA  1 
ATOM   384  C C   . THR A 1 54 ? 6.880   2.542   -6.850  1.00 68.46  ? 47 THR A C   1 
ATOM   385  O O   . THR A 1 54 ? 6.026   3.166   -6.213  1.00 68.42  ? 47 THR A O   1 
ATOM   386  C CB  . THR A 1 54 ? 5.909   1.955   -9.078  1.00 68.44  ? 47 THR A CB  1 
ATOM   387  O OG1 . THR A 1 54 ? 5.198   0.923   -9.750  1.00 69.51  ? 47 THR A OG1 1 
ATOM   388  C CG2 . THR A 1 54 ? 6.999   2.401   -9.967  1.00 68.02  ? 47 THR A CG2 1 
ATOM   389  N N   . ILE A 1 55 ? 8.195   2.789   -6.774  1.00 67.77  ? 48 ILE A N   1 
ATOM   390  C CA  . ILE A 1 55 ? 8.790   3.739   -5.832  1.00 66.99  ? 48 ILE A CA  1 
ATOM   391  C C   . ILE A 1 55 ? 9.395   4.820   -6.671  1.00 67.13  ? 48 ILE A C   1 
ATOM   392  O O   . ILE A 1 55 ? 10.232  4.530   -7.510  1.00 67.50  ? 48 ILE A O   1 
ATOM   393  C CB  . ILE A 1 55 ? 9.878   3.053   -4.974  1.00 66.79  ? 48 ILE A CB  1 
ATOM   394  C CG1 . ILE A 1 55 ? 9.274   1.986   -4.064  1.00 65.81  ? 48 ILE A CG1 1 
ATOM   395  C CG2 . ILE A 1 55 ? 10.649  4.055   -4.144  1.00 66.30  ? 48 ILE A CG2 1 
ATOM   396  C CD1 . ILE A 1 55 ? 8.306   2.509   -3.054  1.00 66.64  ? 48 ILE A CD1 1 
ATOM   397  N N   . TYR A 1 56 ? 8.965   6.062   -6.482  1.00 67.22  ? 49 TYR A N   1 
ATOM   398  C CA  . TYR A 1 56 ? 9.517   7.160   -7.270  1.00 67.35  ? 49 TYR A CA  1 
ATOM   399  C C   . TYR A 1 56 ? 10.564  7.811   -6.444  1.00 67.09  ? 49 TYR A C   1 
ATOM   400  O O   . TYR A 1 56 ? 10.432  7.903   -5.236  1.00 67.02  ? 49 TYR A O   1 
ATOM   401  C CB  . TYR A 1 56 ? 8.425   8.132   -7.716  1.00 67.86  ? 49 TYR A CB  1 
ATOM   402  C CG  . TYR A 1 56 ? 7.333   7.384   -8.424  1.00 68.18  ? 49 TYR A CG  1 
ATOM   403  C CD1 . TYR A 1 56 ? 7.366   7.186   -9.814  1.00 68.50  ? 49 TYR A CD1 1 
ATOM   404  C CD2 . TYR A 1 56 ? 6.299   6.800   -7.696  1.00 69.50  ? 49 TYR A CD2 1 
ATOM   405  C CE1 . TYR A 1 56 ? 6.355   6.429   -10.471 1.00 68.90  ? 49 TYR A CE1 1 
ATOM   406  C CE2 . TYR A 1 56 ? 5.292   6.047   -8.326  1.00 70.51  ? 49 TYR A CE2 1 
ATOM   407  C CZ  . TYR A 1 56 ? 5.315   5.861   -9.707  1.00 70.60  ? 49 TYR A CZ  1 
ATOM   408  O OH  . TYR A 1 56 ? 4.294   5.125   -10.282 1.00 70.49  ? 49 TYR A OH  1 
ATOM   409  N N   . GLN A 1 57 ? 11.645  8.213   -7.091  1.00 67.46  ? 50 GLN A N   1 
ATOM   410  C CA  . GLN A 1 57 ? 12.823  8.697   -6.358  1.00 67.80  ? 50 GLN A CA  1 
ATOM   411  C C   . GLN A 1 57 ? 13.326  10.014  -6.917  1.00 67.56  ? 50 GLN A C   1 
ATOM   412  O O   . GLN A 1 57 ? 13.077  10.326  -8.085  1.00 67.44  ? 50 GLN A O   1 
ATOM   413  C CB  . GLN A 1 57 ? 13.929  7.637   -6.359  1.00 67.75  ? 50 GLN A CB  1 
ATOM   414  C CG  . GLN A 1 57 ? 13.457  6.317   -5.738  1.00 68.97  ? 50 GLN A CG  1 
ATOM   415  C CD  . GLN A 1 57 ? 14.535  5.632   -4.940  1.00 70.28  ? 50 GLN A CD  1 
ATOM   416  O OE1 . GLN A 1 57 ? 15.723  5.716   -5.285  1.00 70.93  ? 50 GLN A OE1 1 
ATOM   417  N NE2 . GLN A 1 57 ? 14.135  4.957   -3.850  1.00 69.48  ? 50 GLN A NE2 1 
ATOM   418  N N   . LEU A 1 58 ? 13.995  10.795  -6.069  1.00 67.62  ? 51 LEU A N   1 
ATOM   419  C CA  . LEU A 1 58 ? 14.574  12.079  -6.491  1.00 67.65  ? 51 LEU A CA  1 
ATOM   420  C C   . LEU A 1 58 ? 15.967  12.246  -5.928  1.00 67.52  ? 51 LEU A C   1 
ATOM   421  O O   . LEU A 1 58 ? 16.222  12.008  -4.747  1.00 67.52  ? 51 LEU A O   1 
ATOM   422  C CB  . LEU A 1 58 ? 13.654  13.268  -6.136  1.00 67.73  ? 51 LEU A CB  1 
ATOM   423  C CG  . LEU A 1 58 ? 13.583  14.522  -7.022  1.00 68.00  ? 51 LEU A CG  1 
ATOM   424  C CD1 . LEU A 1 58 ? 14.347  14.386  -8.318  1.00 69.10  ? 51 LEU A CD1 1 
ATOM   425  C CD2 . LEU A 1 58 ? 12.135  14.877  -7.320  1.00 68.08  ? 51 LEU A CD2 1 
ATOM   426  N N   . ASN A 1 59 ? 16.866  12.604  -6.828  1.00 67.37  ? 52 ASN A N   1 
ATOM   427  C CA  . ASN A 1 59 ? 18.235  12.872  -6.516  1.00 67.32  ? 52 ASN A CA  1 
ATOM   428  C C   . ASN A 1 59 ? 18.670  13.880  -7.575  1.00 67.58  ? 52 ASN A C   1 
ATOM   429  O O   . ASN A 1 59 ? 18.769  13.529  -8.748  1.00 67.78  ? 52 ASN A O   1 
ATOM   430  C CB  . ASN A 1 59 ? 19.042  11.581  -6.585  1.00 67.15  ? 52 ASN A CB  1 
ATOM   431  C CG  . ASN A 1 59 ? 20.309  11.648  -5.766  1.00 66.53  ? 52 ASN A CG  1 
ATOM   432  O OD1 . ASN A 1 59 ? 20.432  10.968  -4.758  1.00 66.03  ? 52 ASN A OD1 1 
ATOM   433  N ND2 . ASN A 1 59 ? 21.244  12.484  -6.177  1.00 66.35  ? 52 ASN A ND2 1 
ATOM   434  N N   . ASN A 1 60 ? 18.898  15.124  -7.147  1.00 67.61  ? 53 ASN A N   1 
ATOM   435  C CA  . ASN A 1 60 ? 18.892  16.304  -8.035  1.00 67.61  ? 53 ASN A CA  1 
ATOM   436  C C   . ASN A 1 60 ? 17.604  16.365  -8.888  1.00 67.94  ? 53 ASN A C   1 
ATOM   437  O O   . ASN A 1 60 ? 16.494  16.217  -8.355  1.00 67.91  ? 53 ASN A O   1 
ATOM   438  C CB  . ASN A 1 60 ? 20.168  16.381  -8.879  1.00 67.40  ? 53 ASN A CB  1 
ATOM   439  C CG  . ASN A 1 60 ? 21.425  16.317  -8.034  1.00 67.17  ? 53 ASN A CG  1 
ATOM   440  O OD1 . ASN A 1 60 ? 21.604  15.393  -7.245  1.00 67.00  ? 53 ASN A OD1 1 
ATOM   441  N ND2 . ASN A 1 60 ? 22.303  17.294  -8.198  1.00 66.31  ? 53 ASN A ND2 1 
ATOM   442  N N   . GLU A 1 61 ? 17.721  16.569  -10.195 1.00 68.06  ? 54 GLU A N   1 
ATOM   443  C CA  . GLU A 1 61 ? 16.530  16.525  -11.045 1.00 68.10  ? 54 GLU A CA  1 
ATOM   444  C C   . GLU A 1 61 ? 16.140  15.102  -11.405 1.00 68.00  ? 54 GLU A C   1 
ATOM   445  O O   . GLU A 1 61 ? 15.041  14.881  -11.912 1.00 67.96  ? 54 GLU A O   1 
ATOM   446  C CB  . GLU A 1 61 ? 16.718  17.341  -12.329 1.00 68.18  ? 54 GLU A CB  1 
ATOM   447  C CG  . GLU A 1 61 ? 16.494  18.833  -12.179 1.00 68.26  ? 54 GLU A CG  1 
ATOM   448  C CD  . GLU A 1 61 ? 17.653  19.525  -11.471 1.00 69.42  ? 54 GLU A CD  1 
ATOM   449  O OE1 . GLU A 1 61 ? 18.085  19.029  -10.404 1.00 69.19  ? 54 GLU A OE1 1 
ATOM   450  O OE2 . GLU A 1 61 ? 18.131  20.567  -11.974 1.00 70.07  ? 54 GLU A OE2 1 
ATOM   451  N N   . GLU A 1 62 ? 17.027  14.141  -11.141 1.00 68.14  ? 55 GLU A N   1 
ATOM   452  C CA  . GLU A 1 62 ? 16.872  12.764  -11.634 1.00 68.32  ? 55 GLU A CA  1 
ATOM   453  C C   . GLU A 1 62 ? 15.770  11.980  -10.945 1.00 68.44  ? 55 GLU A C   1 
ATOM   454  O O   . GLU A 1 62 ? 16.038  11.148  -10.065 1.00 68.10  ? 55 GLU A O   1 
ATOM   455  C CB  . GLU A 1 62 ? 18.181  11.963  -11.578 1.00 68.25  ? 55 GLU A CB  1 
ATOM   456  C CG  . GLU A 1 62 ? 19.106  12.202  -12.759 1.00 68.30  ? 55 GLU A CG  1 
ATOM   457  C CD  . GLU A 1 62 ? 20.273  13.113  -12.404 1.00 68.83  ? 55 GLU A CD  1 
ATOM   458  O OE1 . GLU A 1 62 ? 20.224  13.780  -11.342 1.00 69.41  ? 55 GLU A OE1 1 
ATOM   459  O OE2 . GLU A 1 62 ? 21.260  13.160  -13.180 1.00 68.58  ? 55 GLU A OE2 1 
ATOM   460  N N   . LEU A 1 63 ? 14.534  12.241  -11.375 1.00 68.81  ? 56 LEU A N   1 
ATOM   461  C CA  . LEU A 1 63 ? 13.378  11.512  -10.914 1.00 69.57  ? 56 LEU A CA  1 
ATOM   462  C C   . LEU A 1 63 ? 13.506  10.131  -11.529 1.00 70.13  ? 56 LEU A C   1 
ATOM   463  O O   . LEU A 1 63 ? 12.943  9.884   -12.577 1.00 70.29  ? 56 LEU A O   1 
ATOM   464  C CB  . LEU A 1 63 ? 12.077  12.208  -11.355 1.00 69.24  ? 56 LEU A CB  1 
ATOM   465  C CG  . LEU A 1 63 ? 10.786  12.153  -10.505 1.00 69.59  ? 56 LEU A CG  1 
ATOM   466  C CD1 . LEU A 1 63 ? 9.575   12.687  -11.266 1.00 69.26  ? 56 LEU A CD1 1 
ATOM   467  C CD2 . LEU A 1 63 ? 10.454  10.771  -9.978  1.00 68.70  ? 56 LEU A CD2 1 
ATOM   468  N N   . SER A 1 64 ? 14.284  9.253   -10.893 1.00 70.91  ? 57 SER A N   1 
ATOM   469  C CA  . SER A 1 64 ? 14.349  7.838   -11.271 1.00 71.31  ? 57 SER A CA  1 
ATOM   470  C C   . SER A 1 64 ? 13.141  7.115   -10.640 1.00 71.79  ? 57 SER A C   1 
ATOM   471  O O   . SER A 1 64 ? 12.205  7.767   -10.169 1.00 72.28  ? 57 SER A O   1 
ATOM   472  C CB  . SER A 1 64 ? 15.703  7.204   -10.897 1.00 71.23  ? 57 SER A CB  1 
ATOM   473  O OG  . SER A 1 64 ? 15.677  6.629   -9.608  1.00 71.19  ? 57 SER A OG  1 
ATOM   474  N N   . GLU A 1 65 ? 13.150  5.781   -10.627 1.00 72.07  ? 58 GLU A N   1 
ATOM   475  C CA  . GLU A 1 65 ? 11.939  4.966   -10.324 1.00 71.82  ? 58 GLU A CA  1 
ATOM   476  C C   . GLU A 1 65 ? 12.311  3.477   -10.052 1.00 71.60  ? 58 GLU A C   1 
ATOM   477  O O   . GLU A 1 65 ? 13.213  2.930   -10.701 1.00 71.74  ? 58 GLU A O   1 
ATOM   478  C CB  . GLU A 1 65 ? 10.929  5.137   -11.460 1.00 71.07  ? 58 GLU A CB  1 
ATOM   479  C CG  . GLU A 1 65 ? 10.074  3.943   -11.886 1.00 72.03  ? 58 GLU A CG  1 
ATOM   480  C CD  . GLU A 1 65 ? 8.930   4.359   -12.886 1.00 73.28  ? 58 GLU A CD  1 
ATOM   481  O OE1 . GLU A 1 65 ? 9.110   5.318   -13.664 1.00 77.77  ? 58 GLU A OE1 1 
ATOM   482  O OE2 . GLU A 1 65 ? 7.837   3.751   -12.928 1.00 74.20  ? 58 GLU A OE2 1 
ATOM   483  N N   . SER A 1 66 ? 11.686  2.839   -9.064  1.00 71.12  ? 59 SER A N   1 
ATOM   484  C CA  . SER A 1 66 ? 12.105  1.478   -8.707  1.00 71.05  ? 59 SER A CA  1 
ATOM   485  C C   . SER A 1 66 ? 10.940  0.593   -8.253  1.00 71.30  ? 59 SER A C   1 
ATOM   486  O O   . SER A 1 66 ? 9.798   0.970   -8.425  1.00 71.47  ? 59 SER A O   1 
ATOM   487  C CB  . SER A 1 66 ? 13.293  1.478   -7.718  1.00 70.69  ? 59 SER A CB  1 
ATOM   488  O OG  . SER A 1 66 ? 13.044  2.283   -6.572  1.00 69.63  ? 59 SER A OG  1 
ATOM   489  N N   . GLU A 1 67 ? 11.247  -0.580  -7.697  1.00 71.66  ? 60 GLU A N   1 
ATOM   490  C CA  . GLU A 1 67 ? 10.248  -1.611  -7.373  1.00 72.01  ? 60 GLU A CA  1 
ATOM   491  C C   . GLU A 1 67 ? 10.399  -2.110  -5.943  1.00 71.49  ? 60 GLU A C   1 
ATOM   492  O O   . GLU A 1 67 ? 11.468  -2.540  -5.569  1.00 72.31  ? 60 GLU A O   1 
ATOM   493  C CB  . GLU A 1 67 ? 10.436  -2.818  -8.299  1.00 72.42  ? 60 GLU A CB  1 
ATOM   494  C CG  . GLU A 1 67 ? 10.254  -2.536  -9.775  1.00 74.94  ? 60 GLU A CG  1 
ATOM   495  C CD  . GLU A 1 67 ? 9.583   -3.681  -10.510 1.00 77.88  ? 60 GLU A CD  1 
ATOM   496  O OE1 . GLU A 1 67 ? 10.179  -4.796  -10.664 1.00 76.59  ? 60 GLU A OE1 1 
ATOM   497  O OE2 . GLU A 1 67 ? 8.422   -3.429  -10.911 1.00 80.65  ? 60 GLU A OE2 1 
ATOM   498  N N   . ARG A 1 68 ? 9.326   -2.096  -5.166  1.00 70.90  ? 61 ARG A N   1 
ATOM   499  C CA  . ARG A 1 68 ? 9.347   -2.602  -3.807  1.00 70.73  ? 61 ARG A CA  1 
ATOM   500  C C   . ARG A 1 68 ? 8.395   -3.785  -3.694  1.00 70.85  ? 61 ARG A C   1 
ATOM   501  O O   . ARG A 1 68 ? 7.181   -3.651  -3.872  1.00 69.82  ? 61 ARG A O   1 
ATOM   502  C CB  . ARG A 1 68 ? 8.909   -1.517  -2.856  1.00 70.88  ? 61 ARG A CB  1 
ATOM   503  C CG  . ARG A 1 68 ? 9.264   -1.762  -1.438  1.00 72.72  ? 61 ARG A CG  1 
ATOM   504  C CD  . ARG A 1 68 ? 8.366   -0.943  -0.489  1.00 77.17  ? 61 ARG A CD  1 
ATOM   505  N NE  . ARG A 1 68 ? 8.351   -1.617  0.813   1.00 81.67  ? 61 ARG A NE  1 
ATOM   506  C CZ  . ARG A 1 68 ? 7.329   -2.314  1.312   1.00 81.62  ? 61 ARG A CZ  1 
ATOM   507  N NH1 . ARG A 1 68 ? 6.180   -2.402  0.642   1.00 80.17  ? 61 ARG A NH1 1 
ATOM   508  N NH2 . ARG A 1 68 ? 7.471   -2.922  2.490   1.00 81.59  ? 61 ARG A NH2 1 
ATOM   509  N N   . ARG A 1 69 ? 8.967   -4.953  -3.401  1.00 71.54  ? 62 ARG A N   1 
ATOM   510  C CA  . ARG A 1 69 ? 8.269   -6.237  -3.479  1.00 72.14  ? 62 ARG A CA  1 
ATOM   511  C C   . ARG A 1 69 ? 7.823   -6.626  -2.087  1.00 72.01  ? 62 ARG A C   1 
ATOM   512  O O   . ARG A 1 69 ? 8.624   -6.589  -1.140  1.00 72.21  ? 62 ARG A O   1 
ATOM   513  C CB  . ARG A 1 69 ? 9.248   -7.274  -4.013  1.00 72.19  ? 62 ARG A CB  1 
ATOM   514  C CG  . ARG A 1 69 ? 8.667   -8.506  -4.699  1.00 75.07  ? 62 ARG A CG  1 
ATOM   515  C CD  . ARG A 1 69 ? 9.732   -8.998  -5.741  1.00 76.24  ? 62 ARG A CD  1 
ATOM   516  N NE  . ARG A 1 69 ? 9.876   -7.906  -6.704  1.00 78.55  ? 62 ARG A NE  1 
ATOM   517  C CZ  . ARG A 1 69 ? 10.916  -7.657  -7.499  1.00 80.49  ? 62 ARG A CZ  1 
ATOM   518  N NH1 . ARG A 1 69 ? 12.008  -8.449  -7.509  1.00 80.28  ? 62 ARG A NH1 1 
ATOM   519  N NH2 . ARG A 1 69 ? 10.850  -6.589  -8.308  1.00 79.63  ? 62 ARG A NH2 1 
ATOM   520  N N   . CYS A 1 70 ? 6.555   -6.996  -1.937  1.00 71.80  ? 63 CYS A N   1 
ATOM   521  C CA  . CYS A 1 70 ? 6.092   -7.486  -0.638  1.00 72.29  ? 63 CYS A CA  1 
ATOM   522  C C   . CYS A 1 70 ? 4.996   -8.545  -0.708  1.00 71.25  ? 63 CYS A C   1 
ATOM   523  O O   . CYS A 1 70 ? 4.226   -8.616  -1.665  1.00 70.14  ? 63 CYS A O   1 
ATOM   524  C CB  . CYS A 1 70 ? 5.605   -6.342  0.244   1.00 72.14  ? 63 CYS A CB  1 
ATOM   525  S SG  . CYS A 1 70 ? 4.225   -5.637  -0.500  1.00 77.94  ? 63 CYS A SG  1 
ATOM   526  N N   . GLU A 1 71 ? 4.939   -9.339  0.355   1.00 71.26  ? 64 GLU A N   1 
ATOM   527  C CA  . GLU A 1 71 ? 4.030   -10.457 0.481   1.00 71.32  ? 64 GLU A CA  1 
ATOM   528  C C   . GLU A 1 71 ? 2.568   -10.040 0.381   1.00 70.97  ? 64 GLU A C   1 
ATOM   529  O O   . GLU A 1 71 ? 1.763   -10.747 -0.223  1.00 70.93  ? 64 GLU A O   1 
ATOM   530  C CB  . GLU A 1 71 ? 4.285   -11.116 1.825   1.00 71.08  ? 64 GLU A CB  1 
ATOM   531  C CG  . GLU A 1 71 ? 4.336   -12.589 1.804   1.00 73.41  ? 64 GLU A CG  1 
ATOM   532  C CD  . GLU A 1 71 ? 5.361   -13.090 2.828   1.00 80.62  ? 64 GLU A CD  1 
ATOM   533  O OE1 . GLU A 1 71 ? 5.442   -12.532 3.951   1.00 84.10  ? 64 GLU A OE1 1 
ATOM   534  O OE2 . GLU A 1 71 ? 6.117   -14.032 2.526   1.00 81.23  ? 64 GLU A OE2 1 
ATOM   535  N N   . MET A 1 72 ? 2.209   -8.908  0.973   1.00 70.62  ? 65 MET A N   1 
ATOM   536  C CA  . MET A 1 72 ? 0.807   -8.526  0.999   1.00 71.76  ? 65 MET A CA  1 
ATOM   537  C C   . MET A 1 72 ? 0.630   -7.029  1.239   1.00 70.06  ? 65 MET A C   1 
ATOM   538  O O   . MET A 1 72 ? 1.333   -6.483  2.061   1.00 70.05  ? 65 MET A O   1 
ATOM   539  C CB  . MET A 1 72 ? 0.084   -9.342  2.064   1.00 71.03  ? 65 MET A CB  1 
ATOM   540  C CG  . MET A 1 72 ? -1.236  -8.781  2.430   1.00 74.19  ? 65 MET A CG  1 
ATOM   541  S SD  . MET A 1 72 ? -2.264  -9.785  3.494   1.00 78.29  ? 65 MET A SD  1 
ATOM   542  C CE  . MET A 1 72 ? -1.503  -9.622  5.144   1.00 76.55  ? 65 MET A CE  1 
ATOM   543  N N   . VAL A 1 73 ? -0.305  -6.389  0.520   1.00 69.17  ? 66 VAL A N   1 
ATOM   544  C CA  . VAL A 1 73 ? -0.539  -4.946  0.530   1.00 68.22  ? 66 VAL A CA  1 
ATOM   545  C C   . VAL A 1 73 ? -2.025  -4.697  0.693   1.00 68.33  ? 66 VAL A C   1 
ATOM   546  O O   . VAL A 1 73 ? -2.842  -5.257  -0.035  1.00 68.31  ? 66 VAL A O   1 
ATOM   547  C CB  . VAL A 1 73 ? -0.130  -4.281  -0.817  1.00 68.43  ? 66 VAL A CB  1 
ATOM   548  C CG1 . VAL A 1 73 ? -0.266  -2.791  -0.731  1.00 67.28  ? 66 VAL A CG1 1 
ATOM   549  C CG2 . VAL A 1 73 ? 1.296   -4.621  -1.208  1.00 68.87  ? 66 VAL A CG2 1 
ATOM   550  N N   . PHE A 1 74 ? -2.379  -3.873  1.674   1.00 68.17  ? 67 PHE A N   1 
ATOM   551  C CA  . PHE A 1 74 ? -3.754  -3.465  1.878   1.00 68.24  ? 67 PHE A CA  1 
ATOM   552  C C   . PHE A 1 74 ? -3.803  -2.029  1.298   1.00 68.11  ? 67 PHE A C   1 
ATOM   553  O O   . PHE A 1 74 ? -3.007  -1.178  1.726   1.00 69.12  ? 67 PHE A O   1 
ATOM   554  C CB  . PHE A 1 74 ? -4.132  -3.571  3.356   1.00 66.44  ? 67 PHE A CB  1 
ATOM   555  C CG  . PHE A 1 74 ? -5.424  -2.888  3.677   1.00 69.63  ? 67 PHE A CG  1 
ATOM   556  C CD1 . PHE A 1 74 ? -6.623  -3.593  3.736   1.00 68.51  ? 67 PHE A CD1 1 
ATOM   557  C CD2 . PHE A 1 74 ? -5.483  -1.475  3.903   1.00 72.95  ? 67 PHE A CD2 1 
ATOM   558  C CE1 . PHE A 1 74 ? -7.872  -2.899  4.038   1.00 68.24  ? 67 PHE A CE1 1 
ATOM   559  C CE2 . PHE A 1 74 ? -6.738  -0.777  4.204   1.00 68.11  ? 67 PHE A CE2 1 
ATOM   560  C CZ  . PHE A 1 74 ? -7.919  -1.510  4.280   1.00 67.26  ? 67 PHE A CZ  1 
ATOM   561  N N   . ILE A 1 75 ? -4.655  -1.782  0.286   1.00 68.53  ? 68 ILE A N   1 
ATOM   562  C CA  . ILE A 1 75 ? -4.758  -0.462  -0.399  1.00 68.20  ? 68 ILE A CA  1 
ATOM   563  C C   . ILE A 1 75 ? -6.041  0.216   0.003   1.00 69.18  ? 68 ILE A C   1 
ATOM   564  O O   . ILE A 1 75 ? -7.144  -0.352  -0.041  1.00 69.45  ? 68 ILE A O   1 
ATOM   565  C CB  . ILE A 1 75 ? -4.683  -0.569  -1.944  1.00 68.15  ? 68 ILE A CB  1 
ATOM   566  C CG1 . ILE A 1 75 ? -3.457  -1.342  -2.382  1.00 66.08  ? 68 ILE A CG1 1 
ATOM   567  C CG2 . ILE A 1 75 ? -4.593  0.803   -2.553  1.00 67.16  ? 68 ILE A CG2 1 
ATOM   568  C CD1 . ILE A 1 75 ? -3.514  -1.703  -3.841  1.00 68.32  ? 68 ILE A CD1 1 
ATOM   569  N N   . ARG A 1 76 ? -5.918  1.437   0.475   1.00 70.70  ? 69 ARG A N   1 
ATOM   570  C CA  . ARG A 1 76 ? -7.110  2.058   1.031   1.00 70.29  ? 69 ARG A CA  1 
ATOM   571  C C   . ARG A 1 76 ? -7.939  2.507   -0.172  1.00 70.53  ? 69 ARG A C   1 
ATOM   572  O O   . ARG A 1 76 ? -7.461  3.173   -1.099  1.00 70.34  ? 69 ARG A O   1 
ATOM   573  C CB  . ARG A 1 76 ? -6.743  3.180   1.981   1.00 70.61  ? 69 ARG A CB  1 
ATOM   574  C CG  . ARG A 1 76 ? -7.873  3.667   2.869   1.00 70.64  ? 69 ARG A CG  1 
ATOM   575  C CD  . ARG A 1 76 ? -7.503  4.892   3.559   1.00 69.40  ? 69 ARG A CD  1 
ATOM   576  N NE  . ARG A 1 76 ? -8.558  5.244   4.492   1.00 75.27  ? 69 ARG A NE  1 
ATOM   577  C CZ  . ARG A 1 76 ? -9.309  6.350   4.394   1.00 78.12  ? 69 ARG A CZ  1 
ATOM   578  N NH1 . ARG A 1 76 ? -9.093  7.202   3.380   1.00 80.48  ? 69 ARG A NH1 1 
ATOM   579  N NH2 . ARG A 1 76 ? -10.261 6.638   5.305   1.00 76.75  ? 69 ARG A NH2 1 
ATOM   580  N N   . GLY A 1 77 ? -9.185  2.063   -0.138  1.00 70.78  ? 70 GLY A N   1 
ATOM   581  C CA  . GLY A 1 77 ? -10.170 2.266   -1.168  1.00 70.10  ? 70 GLY A CA  1 
ATOM   582  C C   . GLY A 1 77 ? -10.207 3.585   -1.864  1.00 69.88  ? 70 GLY A C   1 
ATOM   583  O O   . GLY A 1 77 ? -10.192 3.618   -3.069  1.00 71.03  ? 70 GLY A O   1 
ATOM   584  N N   . ASP A 1 78 ? -10.275 4.692   -1.164  1.00 69.40  ? 71 ASP A N   1 
ATOM   585  C CA  . ASP A 1 78 ? -10.523 5.885   -1.963  1.00 70.16  ? 71 ASP A CA  1 
ATOM   586  C C   . ASP A 1 78 ? -9.320  6.520   -2.623  1.00 69.67  ? 71 ASP A C   1 
ATOM   587  O O   . ASP A 1 78 ? -9.372  7.647   -3.020  1.00 69.89  ? 71 ASP A O   1 
ATOM   588  C CB  . ASP A 1 78 ? -11.497 6.906   -1.296  1.00 71.26  ? 71 ASP A CB  1 
ATOM   589  C CG  . ASP A 1 78 ? -10.973 7.472   -0.047  1.00 73.25  ? 71 ASP A CG  1 
ATOM   590  O OD1 . ASP A 1 78 ? -9.787  7.242   0.209   1.00 76.44  ? 71 ASP A OD1 1 
ATOM   591  O OD2 . ASP A 1 78 ? -11.723 8.169   0.666   1.00 77.95  ? 71 ASP A OD2 1 
ATOM   592  N N   . THR A 1 79 ? -8.253  5.766   -2.788  1.00 69.58  ? 72 THR A N   1 
ATOM   593  C CA  . THR A 1 79 ? -7.135  6.268   -3.508  1.00 70.23  ? 72 THR A CA  1 
ATOM   594  C C   . THR A 1 79 ? -7.046  5.492   -4.797  1.00 70.39  ? 72 THR A C   1 
ATOM   595  O O   . THR A 1 79 ? -6.200  5.828   -5.640  1.00 71.32  ? 72 THR A O   1 
ATOM   596  C CB  . THR A 1 79 ? -5.775  6.014   -2.747  1.00 71.11  ? 72 THR A CB  1 
ATOM   597  O OG1 . THR A 1 79 ? -5.458  4.593   -2.719  1.00 71.66  ? 72 THR A OG1 1 
ATOM   598  C CG2 . THR A 1 79 ? -5.806  6.593   -1.322  1.00 70.76  ? 72 THR A CG2 1 
ATOM   599  N N   . VAL A 1 80 ? -7.844  4.423   -4.936  1.00 69.61  ? 73 VAL A N   1 
ATOM   600  C CA  . VAL A 1 80 ? -7.796  3.593   -6.160  1.00 69.36  ? 73 VAL A CA  1 
ATOM   601  C C   . VAL A 1 80 ? -8.467  4.290   -7.346  1.00 69.46  ? 73 VAL A C   1 
ATOM   602  O O   . VAL A 1 80 ? -9.593  4.699   -7.197  1.00 69.65  ? 73 VAL A O   1 
ATOM   603  C CB  . VAL A 1 80 ? -8.436  2.209   -5.973  1.00 69.11  ? 73 VAL A CB  1 
ATOM   604  C CG1 . VAL A 1 80 ? -8.370  1.496   -7.290  1.00 68.59  ? 73 VAL A CG1 1 
ATOM   605  C CG2 . VAL A 1 80 ? -7.653  1.351   -4.942  1.00 67.88  ? 73 VAL A CG2 1 
ATOM   606  N N   . THR A 1 81 ? -7.802  4.443   -8.506  1.00 69.63  ? 74 THR A N   1 
ATOM   607  C CA  . THR A 1 81 ? -8.516  4.974   -9.691  1.00 69.44  ? 74 THR A CA  1 
ATOM   608  C C   . THR A 1 81 ? -8.802  3.965   -10.823 1.00 69.22  ? 74 THR A C   1 
ATOM   609  O O   . THR A 1 81 ? -9.801  4.136   -11.525 1.00 70.11  ? 74 THR A O   1 
ATOM   610  C CB  . THR A 1 81 ? -7.893  6.232   -10.313 1.00 70.02  ? 74 THR A CB  1 
ATOM   611  O OG1 . THR A 1 81 ? -6.842  5.849   -11.186 1.00 73.72  ? 74 THR A OG1 1 
ATOM   612  C CG2 . THR A 1 81 ? -7.388  7.276   -9.249  1.00 69.11  ? 74 THR A CG2 1 
ATOM   613  N N   . LEU A 1 82 ? -7.957  2.939   -11.003 1.00 67.78  ? 75 LEU A N   1 
ATOM   614  C CA  . LEU A 1 82 ? -8.170  1.932   -12.035 1.00 66.96  ? 75 LEU A CA  1 
ATOM   615  C C   . LEU A 1 82 ? -7.714  0.571   -11.583 1.00 67.63  ? 75 LEU A C   1 
ATOM   616  O O   . LEU A 1 82 ? -6.684  0.478   -10.948 1.00 67.12  ? 75 LEU A O   1 
ATOM   617  C CB  . LEU A 1 82 ? -7.293  2.210   -13.241 1.00 65.95  ? 75 LEU A CB  1 
ATOM   618  C CG  . LEU A 1 82 ? -7.618  3.240   -14.276 1.00 64.96  ? 75 LEU A CG  1 
ATOM   619  C CD1 . LEU A 1 82 ? -6.689  2.969   -15.373 1.00 64.55  ? 75 LEU A CD1 1 
ATOM   620  C CD2 . LEU A 1 82 ? -9.020  3.115   -14.773 1.00 65.50  ? 75 LEU A CD2 1 
ATOM   621  N N   . ILE A 1 83 ? -8.405  -0.504  -11.959 1.00 68.37  ? 76 ILE A N   1 
ATOM   622  C CA  . ILE A 1 83 ? -7.868  -1.845  -11.679 1.00 69.24  ? 76 ILE A CA  1 
ATOM   623  C C   . ILE A 1 83 ? -7.949  -2.483  -13.025 1.00 71.72  ? 76 ILE A C   1 
ATOM   624  O O   . ILE A 1 83 ? -9.024  -2.545  -13.601 1.00 73.92  ? 76 ILE A O   1 
ATOM   625  C CB  . ILE A 1 83 ? -8.747  -2.644  -10.676 1.00 68.84  ? 76 ILE A CB  1 
ATOM   626  C CG1 . ILE A 1 83 ? -9.068  -1.814  -9.408  1.00 67.10  ? 76 ILE A CG1 1 
ATOM   627  C CG2 . ILE A 1 83 ? -8.156  -3.993  -10.355 1.00 65.97  ? 76 ILE A CG2 1 
ATOM   628  C CD1 . ILE A 1 83 ? -9.953  -2.550  -8.442  1.00 67.73  ? 76 ILE A CD1 1 
ATOM   629  N N   . SER A 1 84 ? -6.841  -2.925  -13.579 1.00 72.69  ? 77 SER A N   1 
ATOM   630  C CA  . SER A 1 84 ? -6.901  -3.519  -14.892 1.00 74.29  ? 77 SER A CA  1 
ATOM   631  C C   . SER A 1 84 ? -6.249  -4.880  -14.866 1.00 74.93  ? 77 SER A C   1 
ATOM   632  O O   . SER A 1 84 ? -5.420  -5.142  -13.991 1.00 76.33  ? 77 SER A O   1 
ATOM   633  C CB  . SER A 1 84 ? -6.213  -2.625  -15.947 1.00 74.46  ? 77 SER A CB  1 
ATOM   634  O OG  . SER A 1 84 ? -5.468  -1.560  -15.359 1.00 77.29  ? 77 SER A OG  1 
ATOM   635  N N   . THR A 1 85 ? -6.619  -5.733  -15.820 1.00 74.55  ? 78 THR A N   1 
ATOM   636  C CA  . THR A 1 85 ? -5.995  -7.021  -15.992 1.00 74.33  ? 78 THR A CA  1 
ATOM   637  C C   . THR A 1 85 ? -4.652  -6.800  -16.717 1.00 75.07  ? 78 THR A C   1 
ATOM   638  O O   . THR A 1 85 ? -4.516  -5.798  -17.431 1.00 75.60  ? 78 THR A O   1 
ATOM   639  C CB  . THR A 1 85 ? -6.860  -7.932  -16.854 1.00 74.34  ? 78 THR A CB  1 
ATOM   640  O OG1 . THR A 1 85 ? -7.308  -7.221  -18.011 1.00 76.13  ? 78 THR A OG1 1 
ATOM   641  C CG2 . THR A 1 85 ? -8.039  -8.437  -16.121 1.00 73.33  ? 78 THR A CG2 1 
ATOM   642  N N   . PRO A 1 86 ? -3.676  -7.767  -16.603 1.00 75.26  ? 79 PRO A N   1 
ATOM   643  C CA  . PRO A 1 86 ? -2.358  -7.496  -17.185 1.00 74.34  ? 79 PRO A CA  1 
ATOM   644  C C   . PRO A 1 86 ? -2.463  -7.155  -18.666 1.00 74.03  ? 79 PRO A C   1 
ATOM   645  O O   . PRO A 1 86 ? -3.412  -7.590  -19.362 1.00 73.65  ? 79 PRO A O   1 
ATOM   646  C CB  . PRO A 1 86 ? -1.619  -8.838  -17.023 1.00 74.55  ? 79 PRO A CB  1 
ATOM   647  C CG  . PRO A 1 86 ? -2.302  -9.533  -15.912 1.00 75.05  ? 79 PRO A CG  1 
ATOM   648  C CD  . PRO A 1 86 ? -3.739  -9.134  -16.015 1.00 74.91  ? 79 PRO A CD  1 
ATOM   649  N N   . SER A 1 87 ? -1.472  -6.410  -19.134 1.00 74.03  ? 80 SER A N   1 
ATOM   650  C CA  . SER A 1 87 ? -1.360  -5.998  -20.519 1.00 73.60  ? 80 SER A CA  1 
ATOM   651  C C   . SER A 1 87 ? -1.117  -7.199  -21.446 1.00 73.53  ? 80 SER A C   1 
ATOM   652  O O   . SER A 1 87 ? -1.020  -7.075  -22.680 1.00 73.22  ? 80 SER A O   1 
ATOM   653  C CB  . SER A 1 87 ? -0.252  -4.940  -20.616 1.00 73.62  ? 80 SER A CB  1 
ATOM   654  O OG  . SER A 1 87 ? 0.970   -5.499  -21.056 1.00 75.38  ? 80 SER A OG  1 
ATOM   655  N N   . ALA A 1 93 ? 2.279   -11.501 -32.590 1.00 119.12 ? 86 ALA A N   1 
ATOM   656  C CA  . ALA A 1 93 ? 2.968   -10.274 -32.174 1.00 119.37 ? 86 ALA A CA  1 
ATOM   657  C C   . ALA A 1 93 ? 3.927   -9.765  -33.307 1.00 119.28 ? 86 ALA A C   1 
ATOM   658  O O   . ALA A 1 93 ? 5.138   -9.570  -33.092 1.00 119.59 ? 86 ALA A O   1 
ATOM   659  C CB  . ALA A 1 93 ? 3.702   -10.506 -30.783 1.00 119.11 ? 86 ALA A CB  1 
ATOM   660  N N   . VAL A 1 94 ? 3.361   -9.538  -34.506 1.00 118.80 ? 87 VAL A N   1 
ATOM   661  C CA  . VAL A 1 94 ? 4.136   -9.424  -35.784 1.00 117.73 ? 87 VAL A CA  1 
ATOM   662  C C   . VAL A 1 94 ? 4.252   -8.026  -36.402 1.00 116.98 ? 87 VAL A C   1 
ATOM   663  O O   . VAL A 1 94 ? 3.259   -7.311  -36.532 1.00 116.94 ? 87 VAL A O   1 
ATOM   664  C CB  . VAL A 1 94 ? 3.567   -10.413 -36.861 1.00 117.84 ? 87 VAL A CB  1 
ATOM   665  C CG1 . VAL A 1 94 ? 3.994   -10.055 -38.318 1.00 117.12 ? 87 VAL A CG1 1 
ATOM   666  C CG2 . VAL A 1 94 ? 3.958   -11.830 -36.509 1.00 118.40 ? 87 VAL A CG2 1 
ATOM   667  N N   . GLU A 1 95 ? 5.456   -7.661  -36.818 1.00 116.08 ? 88 GLU A N   1 
ATOM   668  C CA  . GLU A 1 95 ? 5.692   -6.331  -37.379 1.00 115.29 ? 88 GLU A CA  1 
ATOM   669  C C   . GLU A 1 95 ? 5.690   -6.209  -38.917 1.00 114.68 ? 88 GLU A C   1 
ATOM   670  O O   . GLU A 1 95 ? 6.719   -6.376  -39.544 1.00 114.78 ? 88 GLU A O   1 
ATOM   671  C CB  . GLU A 1 95 ? 6.992   -5.814  -36.827 1.00 114.81 ? 88 GLU A CB  1 
ATOM   672  C CG  . GLU A 1 95 ? 7.351   -4.535  -37.422 1.00 115.32 ? 88 GLU A CG  1 
ATOM   673  C CD  . GLU A 1 95 ? 8.453   -3.892  -36.672 1.00 117.58 ? 88 GLU A CD  1 
ATOM   674  O OE1 . GLU A 1 95 ? 8.693   -4.346  -35.518 1.00 117.33 ? 88 GLU A OE1 1 
ATOM   675  O OE2 . GLU A 1 95 ? 9.064   -2.938  -37.236 1.00 118.17 ? 88 GLU A OE2 1 
ATOM   676  N N   . ILE A 1 96 ? 4.537   -5.911  -39.512 1.00 114.41 ? 89 ILE A N   1 
ATOM   677  C CA  . ILE A 1 96 ? 4.443   -5.666  -40.959 1.00 114.14 ? 89 ILE A CA  1 
ATOM   678  C C   . ILE A 1 96 ? 5.014   -4.268  -41.328 1.00 114.04 ? 89 ILE A C   1 
ATOM   679  O O   . ILE A 1 96 ? 5.199   -3.933  -42.486 1.00 113.78 ? 89 ILE A O   1 
ATOM   680  C CB  . ILE A 1 96 ? 2.970   -5.916  -41.552 1.00 114.33 ? 89 ILE A CB  1 
ATOM   681  C CG1 . ILE A 1 96 ? 3.017   -6.270  -43.083 1.00 115.42 ? 89 ILE A CG1 1 
ATOM   682  C CG2 . ILE A 1 96 ? 2.015   -4.740  -41.209 1.00 112.23 ? 89 ILE A CG2 1 
ATOM   683  C CD1 . ILE A 1 96 ? 1.794   -7.102  -43.715 1.00 113.99 ? 89 ILE A CD1 1 
ATOM   684  O OXT . ILE A 1 96 ? 5.328   -3.419  -40.495 1.00 113.77 ? 89 ILE A OXT 1 
ATOM   685  N N   . HIS B 1 6  ? -12.230 -20.195 -4.105  1.00 92.60  ? -2 HIS B N   1 
ATOM   686  C CA  . HIS B 1 6  ? -11.569 -19.021 -3.445  1.00 92.06  ? -2 HIS B CA  1 
ATOM   687  C C   . HIS B 1 6  ? -12.195 -18.677 -2.037  1.00 92.33  ? -2 HIS B C   1 
ATOM   688  O O   . HIS B 1 6  ? -13.420 -18.865 -1.856  1.00 92.93  ? -2 HIS B O   1 
ATOM   689  C CB  . HIS B 1 6  ? -11.581 -17.802 -4.426  1.00 93.26  ? -2 HIS B CB  1 
ATOM   690  C CG  . HIS B 1 6  ? -10.647 -16.691 -4.022  1.00 93.52  ? -2 HIS B CG  1 
ATOM   691  N ND1 . HIS B 1 6  ? -11.041 -15.654 -3.200  1.00 92.92  ? -2 HIS B ND1 1 
ATOM   692  C CD2 . HIS B 1 6  ? -9.337  -16.482 -4.294  1.00 93.96  ? -2 HIS B CD2 1 
ATOM   693  C CE1 . HIS B 1 6  ? -10.013 -14.850 -2.986  1.00 92.90  ? -2 HIS B CE1 1 
ATOM   694  N NE2 . HIS B 1 6  ? -8.967  -15.325 -3.642  1.00 93.41  ? -2 HIS B NE2 1 
ATOM   695  N N   . HIS B 1 7  ? -11.367 -18.181 -1.073  1.00 90.60  ? -1 HIS B N   1 
ATOM   696  C CA  . HIS B 1 7  ? -11.768 -17.782 0.315   1.00 88.46  ? -1 HIS B CA  1 
ATOM   697  C C   . HIS B 1 7  ? -12.680 -16.526 0.344   1.00 85.45  ? -1 HIS B C   1 
ATOM   698  O O   . HIS B 1 7  ? -12.769 -15.815 -0.652  1.00 85.59  ? -1 HIS B O   1 
ATOM   699  C CB  . HIS B 1 7  ? -10.510 -17.489 1.115   1.00 88.47  ? -1 HIS B CB  1 
ATOM   700  C CG  . HIS B 1 7  ? -9.877  -16.165 0.771   1.00 91.65  ? -1 HIS B CG  1 
ATOM   701  N ND1 . HIS B 1 7  ? -10.456 -14.946 1.085   1.00 92.48  ? -1 HIS B ND1 1 
ATOM   702  C CD2 . HIS B 1 7  ? -8.709  -15.865 0.147   1.00 93.33  ? -1 HIS B CD2 1 
ATOM   703  C CE1 . HIS B 1 7  ? -9.687  -13.962 0.663   1.00 91.81  ? -1 HIS B CE1 1 
ATOM   704  N NE2 . HIS B 1 7  ? -8.616  -14.488 0.092   1.00 93.70  ? -1 HIS B NE2 1 
ATOM   705  N N   . MET B 1 8  ? -13.307 -16.205 1.475   1.00 81.69  ? 1  MET B N   1 
ATOM   706  C CA  . MET B 1 8  ? -14.271 -15.102 1.498   1.00 78.63  ? 1  MET B CA  1 
ATOM   707  C C   . MET B 1 8  ? -14.002 -14.034 2.568   1.00 77.60  ? 1  MET B C   1 
ATOM   708  O O   . MET B 1 8  ? -14.920 -13.600 3.278   1.00 77.53  ? 1  MET B O   1 
ATOM   709  C CB  . MET B 1 8  ? -15.680 -15.657 1.664   1.00 78.18  ? 1  MET B CB  1 
ATOM   710  C CG  . MET B 1 8  ? -16.771 -14.837 1.006   1.00 77.37  ? 1  MET B CG  1 
ATOM   711  S SD  . MET B 1 8  ? -18.432 -15.553 1.151   1.00 78.26  ? 1  MET B SD  1 
ATOM   712  C CE  . MET B 1 8  ? -18.303 -17.091 0.212   1.00 73.36  ? 1  MET B CE  1 
ATOM   713  N N   . GLU B 1 9  ? -12.747 -13.574 2.647   1.00 76.27  ? 2  GLU B N   1 
ATOM   714  C CA  . GLU B 1 9  ? -12.286 -12.624 3.688   1.00 75.03  ? 2  GLU B CA  1 
ATOM   715  C C   . GLU B 1 9  ? -12.312 -11.192 3.214   1.00 73.56  ? 2  GLU B C   1 
ATOM   716  O O   . GLU B 1 9  ? -11.813 -10.921 2.129   1.00 73.31  ? 2  GLU B O   1 
ATOM   717  C CB  . GLU B 1 9  ? -10.815 -12.922 4.038   1.00 75.77  ? 2  GLU B CB  1 
ATOM   718  C CG  . GLU B 1 9  ? -10.553 -14.280 4.661   1.00 77.17  ? 2  GLU B CG  1 
ATOM   719  C CD  . GLU B 1 9  ? -11.438 -14.500 5.874   1.00 82.25  ? 2  GLU B CD  1 
ATOM   720  O OE1 . GLU B 1 9  ? -11.543 -13.588 6.761   1.00 81.27  ? 2  GLU B OE1 1 
ATOM   721  O OE2 . GLU B 1 9  ? -12.056 -15.591 5.900   1.00 86.96  ? 2  GLU B OE2 1 
ATOM   722  N N   . THR B 1 10 ? -12.826 -10.266 4.022   1.00 72.00  ? 3  THR B N   1 
ATOM   723  C CA  . THR B 1 10 ? -12.798 -8.855  3.607   1.00 70.79  ? 3  THR B CA  1 
ATOM   724  C C   . THR B 1 10 ? -11.335 -8.327  3.629   1.00 70.14  ? 3  THR B C   1 
ATOM   725  O O   . THR B 1 10 ? -10.491 -8.934  4.305   1.00 70.28  ? 3  THR B O   1 
ATOM   726  C CB  . THR B 1 10 ? -13.728 -7.921  4.458   1.00 70.18  ? 3  THR B CB  1 
ATOM   727  O OG1 . THR B 1 10 ? -13.255 -7.885  5.792   1.00 68.55  ? 3  THR B OG1 1 
ATOM   728  C CG2 . THR B 1 10 ? -15.173 -8.374  4.434   1.00 69.19  ? 3  THR B CG2 1 
ATOM   729  N N   . PRO B 1 11 ? -11.042 -7.230  2.891   1.00 68.96  ? 4  PRO B N   1 
ATOM   730  C CA  . PRO B 1 11 ? -9.782  -6.522  3.130   1.00 68.64  ? 4  PRO B CA  1 
ATOM   731  C C   . PRO B 1 11 ? -9.428  -6.397  4.644   1.00 70.08  ? 4  PRO B C   1 
ATOM   732  O O   . PRO B 1 11 ? -8.371  -6.891  5.116   1.00 70.85  ? 4  PRO B O   1 
ATOM   733  C CB  . PRO B 1 11 ? -10.032 -5.157  2.497   1.00 67.74  ? 4  PRO B CB  1 
ATOM   734  C CG  . PRO B 1 11 ? -11.044 -5.423  1.434   1.00 67.63  ? 4  PRO B CG  1 
ATOM   735  C CD  . PRO B 1 11 ? -11.834 -6.631  1.804   1.00 67.95  ? 4  PRO B CD  1 
ATOM   736  N N   . LEU B 1 12 ? -10.322 -5.795  5.434   1.00 71.62  ? 5  LEU B N   1 
ATOM   737  C CA  . LEU B 1 12 ? -10.137 -5.674  6.910   1.00 71.57  ? 5  LEU B CA  1 
ATOM   738  C C   . LEU B 1 12 ? -9.965  -7.034  7.603   1.00 71.72  ? 5  LEU B C   1 
ATOM   739  O O   . LEU B 1 12 ? -9.214  -7.141  8.583   1.00 72.91  ? 5  LEU B O   1 
ATOM   740  C CB  . LEU B 1 12 ? -11.260 -4.842  7.559   1.00 71.59  ? 5  LEU B CB  1 
ATOM   741  C CG  . LEU B 1 12 ? -11.347 -3.360  7.193   1.00 72.41  ? 5  LEU B CG  1 
ATOM   742  C CD1 . LEU B 1 12 ? -12.669 -2.754  7.575   1.00 72.57  ? 5  LEU B CD1 1 
ATOM   743  C CD2 . LEU B 1 12 ? -10.185 -2.596  7.847   1.00 74.51  ? 5  LEU B CD2 1 
ATOM   744  N N   . ASP B 1 13 ? -10.622 -8.074  7.111   1.00 71.25  ? 6  ASP B N   1 
ATOM   745  C CA  . ASP B 1 13 ? -10.409 -9.410  7.693   1.00 71.34  ? 6  ASP B CA  1 
ATOM   746  C C   . ASP B 1 13 ? -8.934  -9.815  7.508   1.00 70.89  ? 6  ASP B C   1 
ATOM   747  O O   . ASP B 1 13 ? -8.291  -10.243 8.458   1.00 70.91  ? 6  ASP B O   1 
ATOM   748  C CB  . ASP B 1 13 ? -11.347 -10.474 7.079   1.00 71.12  ? 6  ASP B CB  1 
ATOM   749  C CG  . ASP B 1 13 ? -12.790 -10.428 7.647   1.00 73.50  ? 6  ASP B CG  1 
ATOM   750  O OD1 . ASP B 1 13 ? -13.013 -10.067 8.834   1.00 73.96  ? 6  ASP B OD1 1 
ATOM   751  O OD2 . ASP B 1 13 ? -13.720 -10.780 6.880   1.00 75.48  ? 6  ASP B OD2 1 
ATOM   752  N N   . LEU B 1 14 ? -8.400  -9.639  6.291   1.00 70.65  ? 7  LEU B N   1 
ATOM   753  C CA  . LEU B 1 14 ? -6.995  -9.972  5.971   1.00 69.94  ? 7  LEU B CA  1 
ATOM   754  C C   . LEU B 1 14 ? -6.029  -9.084  6.728   1.00 71.08  ? 7  LEU B C   1 
ATOM   755  O O   . LEU B 1 14 ? -4.966  -9.536  7.144   1.00 71.99  ? 7  LEU B O   1 
ATOM   756  C CB  . LEU B 1 14 ? -6.722  -9.873  4.493   1.00 68.63  ? 7  LEU B CB  1 
ATOM   757  C CG  . LEU B 1 14 ? -7.307  -10.977 3.564   1.00 68.23  ? 7  LEU B CG  1 
ATOM   758  C CD1 . LEU B 1 14 ? -6.756  -10.815 2.167   1.00 63.61  ? 7  LEU B CD1 1 
ATOM   759  C CD2 . LEU B 1 14 ? -7.074  -12.456 4.010   1.00 65.18  ? 7  LEU B CD2 1 
ATOM   760  N N   . LEU B 1 15 ? -6.406  -7.826  6.952   1.00 71.40  ? 8  LEU B N   1 
ATOM   761  C CA  . LEU B 1 15 ? -5.551  -6.935  7.718   1.00 71.16  ? 8  LEU B CA  1 
ATOM   762  C C   . LEU B 1 15 ? -5.345  -7.434  9.151   1.00 72.36  ? 8  LEU B C   1 
ATOM   763  O O   . LEU B 1 15 ? -4.260  -7.271  9.693   1.00 73.13  ? 8  LEU B O   1 
ATOM   764  C CB  . LEU B 1 15 ? -6.072  -5.516  7.681   1.00 70.21  ? 8  LEU B CB  1 
ATOM   765  C CG  . LEU B 1 15 ? -5.181  -4.466  8.341   1.00 70.48  ? 8  LEU B CG  1 
ATOM   766  C CD1 . LEU B 1 15 ? -3.815  -4.362  7.679   1.00 68.63  ? 8  LEU B CD1 1 
ATOM   767  C CD2 . LEU B 1 15 ? -5.880  -3.111  8.372   1.00 70.29  ? 8  LEU B CD2 1 
ATOM   768  N N   . LYS B 1 16 ? -6.364  -8.056  9.772   1.00 73.13  ? 9  LYS B N   1 
ATOM   769  C CA  . LYS B 1 16 ? -6.200  -8.775  11.082  1.00 72.64  ? 9  LYS B CA  1 
ATOM   770  C C   . LYS B 1 16 ? -4.952  -9.684  11.123  1.00 72.39  ? 9  LYS B C   1 
ATOM   771  O O   . LYS B 1 16 ? -4.301  -9.820  12.170  1.00 71.87  ? 9  LYS B O   1 
ATOM   772  C CB  . LYS B 1 16 ? -7.352  -9.746  11.326  1.00 72.28  ? 9  LYS B CB  1 
ATOM   773  C CG  . LYS B 1 16 ? -8.614  -9.178  11.780  1.00 74.92  ? 9  LYS B CG  1 
ATOM   774  C CD  . LYS B 1 16 ? -9.489  -10.300 12.428  1.00 78.61  ? 9  LYS B CD  1 
ATOM   775  C CE  . LYS B 1 16 ? -9.923  -11.404 11.435  1.00 80.59  ? 9  LYS B CE  1 
ATOM   776  N NZ  . LYS B 1 16 ? -11.244 -12.015 11.799  1.00 81.18  ? 9  LYS B NZ  1 
ATOM   777  N N   . LEU B 1 17 ? -4.670  -10.359 10.002  1.00 72.37  ? 10 LEU B N   1 
ATOM   778  C CA  . LEU B 1 17 ? -3.537  -11.298 9.928   1.00 72.33  ? 10 LEU B CA  1 
ATOM   779  C C   . LEU B 1 17 ? -2.245  -10.581 10.333  1.00 73.15  ? 10 LEU B C   1 
ATOM   780  O O   . LEU B 1 17 ? -1.308  -11.222 10.797  1.00 73.99  ? 10 LEU B O   1 
ATOM   781  C CB  . LEU B 1 17 ? -3.347  -11.898 8.525   1.00 71.72  ? 10 LEU B CB  1 
ATOM   782  C CG  . LEU B 1 17 ? -4.406  -12.863 7.965   1.00 71.13  ? 10 LEU B CG  1 
ATOM   783  C CD1 . LEU B 1 17 ? -3.948  -13.627 6.654   1.00 69.99  ? 10 LEU B CD1 1 
ATOM   784  C CD2 . LEU B 1 17 ? -4.887  -13.807 9.066   1.00 68.29  ? 10 LEU B CD2 1 
ATOM   785  N N   . ASN B 1 18 ? -2.196  -9.261  10.199  1.00 73.19  ? 11 ASN B N   1 
ATOM   786  C CA  . ASN B 1 18 ? -1.018  -8.537  10.605  1.00 72.73  ? 11 ASN B CA  1 
ATOM   787  C C   . ASN B 1 18 ? -0.960  -8.112  12.049  1.00 72.60  ? 11 ASN B C   1 
ATOM   788  O O   . ASN B 1 18 ? 0.020   -7.516  12.491  1.00 73.34  ? 11 ASN B O   1 
ATOM   789  C CB  . ASN B 1 18 ? -0.870  -7.331  9.723   1.00 73.73  ? 11 ASN B CB  1 
ATOM   790  C CG  . ASN B 1 18 ? -0.624  -7.718  8.310   1.00 75.32  ? 11 ASN B CG  1 
ATOM   791  O OD1 . ASN B 1 18 ? 0.150   -8.621  8.014   1.00 74.80  ? 11 ASN B OD1 1 
ATOM   792  N ND2 . ASN B 1 18 ? -1.280  -7.037  7.419   1.00 79.54  ? 11 ASN B ND2 1 
ATOM   793  N N   . LEU B 1 19 ? -1.979  -8.415  12.831  1.00 72.06  ? 12 LEU B N   1 
ATOM   794  C CA  . LEU B 1 19 ? -1.949  -7.883  14.182  1.00 71.06  ? 12 LEU B CA  1 
ATOM   795  C C   . LEU B 1 19 ? -0.712  -8.444  14.852  1.00 71.08  ? 12 LEU B C   1 
ATOM   796  O O   . LEU B 1 19 ? -0.401  -9.628  14.686  1.00 70.88  ? 12 LEU B O   1 
ATOM   797  C CB  . LEU B 1 19 ? -3.233  -8.173  14.930  1.00 69.87  ? 12 LEU B CB  1 
ATOM   798  C CG  . LEU B 1 19 ? -4.395  -7.290  14.477  1.00 70.16  ? 12 LEU B CG  1 
ATOM   799  C CD1 . LEU B 1 19 ? -5.718  -7.862  14.968  1.00 71.12  ? 12 LEU B CD1 1 
ATOM   800  C CD2 . LEU B 1 19 ? -4.262  -5.803  14.883  1.00 69.48  ? 12 LEU B CD2 1 
ATOM   801  N N   . ASP B 1 20 ? 0.026   -7.556  15.530  1.00 71.09  ? 13 ASP B N   1 
ATOM   802  C CA  . ASP B 1 20 ? 1.240   -7.909  16.248  1.00 71.50  ? 13 ASP B CA  1 
ATOM   803  C C   . ASP B 1 20 ? 2.468   -8.236  15.360  1.00 71.00  ? 13 ASP B C   1 
ATOM   804  O O   . ASP B 1 20 ? 3.447   -8.630  15.880  1.00 70.84  ? 13 ASP B O   1 
ATOM   805  C CB  . ASP B 1 20 ? 0.949   -9.037  17.232  1.00 71.52  ? 13 ASP B CB  1 
ATOM   806  C CG  . ASP B 1 20 ? 1.615   -8.816  18.575  1.00 74.94  ? 13 ASP B CG  1 
ATOM   807  O OD1 . ASP B 1 20 ? 1.634   -7.690  19.121  1.00 79.38  ? 13 ASP B OD1 1 
ATOM   808  O OD2 . ASP B 1 20 ? 2.129   -9.795  19.115  1.00 78.50  ? 13 ASP B OD2 1 
ATOM   809  N N   . GLU B 1 21 ? 2.371   -8.061  14.036  1.00 71.76  ? 14 GLU B N   1 
ATOM   810  C CA  . GLU B 1 21 ? 3.457   -8.220  13.039  1.00 71.64  ? 14 GLU B CA  1 
ATOM   811  C C   . GLU B 1 21 ? 4.043   -6.859  12.622  1.00 72.11  ? 14 GLU B C   1 
ATOM   812  O O   . GLU B 1 21 ? 3.374   -5.816  12.725  1.00 72.49  ? 14 GLU B O   1 
ATOM   813  C CB  . GLU B 1 21 ? 2.907   -8.891  11.773  1.00 71.51  ? 14 GLU B CB  1 
ATOM   814  C CG  . GLU B 1 21 ? 2.477   -10.308 11.928  1.00 72.36  ? 14 GLU B CG  1 
ATOM   815  C CD  . GLU B 1 21 ? 3.589   -11.155 12.447  1.00 77.70  ? 14 GLU B CD  1 
ATOM   816  O OE1 . GLU B 1 21 ? 4.564   -11.403 11.697  1.00 81.18  ? 14 GLU B OE1 1 
ATOM   817  O OE2 . GLU B 1 21 ? 3.513   -11.568 13.626  1.00 78.98  ? 14 GLU B OE2 1 
ATOM   818  N N   . ARG B 1 22 ? 5.281   -6.863  12.118  1.00 72.86  ? 15 ARG B N   1 
ATOM   819  C CA  . ARG B 1 22 ? 5.853   -5.644  11.543  1.00 73.21  ? 15 ARG B CA  1 
ATOM   820  C C   . ARG B 1 22 ? 5.106   -5.292  10.281  1.00 73.73  ? 15 ARG B C   1 
ATOM   821  O O   . ARG B 1 22 ? 4.816   -6.148  9.435   1.00 74.86  ? 15 ARG B O   1 
ATOM   822  C CB  . ARG B 1 22 ? 7.335   -5.778  11.210  1.00 72.59  ? 15 ARG B CB  1 
ATOM   823  C CG  . ARG B 1 22 ? 8.217   -6.006  12.388  1.00 74.51  ? 15 ARG B CG  1 
ATOM   824  C CD  . ARG B 1 22 ? 8.056   -4.962  13.468  1.00 77.03  ? 15 ARG B CD  1 
ATOM   825  N NE  . ARG B 1 22 ? 8.939   -3.795  13.319  1.00 78.21  ? 15 ARG B NE  1 
ATOM   826  C CZ  . ARG B 1 22 ? 8.888   -2.720  14.111  1.00 78.00  ? 15 ARG B CZ  1 
ATOM   827  N NH1 . ARG B 1 22 ? 8.015   -2.644  15.103  1.00 76.14  ? 15 ARG B NH1 1 
ATOM   828  N NH2 . ARG B 1 22 ? 9.722   -1.712  13.908  1.00 79.44  ? 15 ARG B NH2 1 
ATOM   829  N N   . VAL B 1 23 ? 4.836   -4.003  10.133  1.00 73.98  ? 16 VAL B N   1 
ATOM   830  C CA  . VAL B 1 23 ? 3.997   -3.486  9.082   1.00 73.39  ? 16 VAL B CA  1 
ATOM   831  C C   . VAL B 1 23 ? 4.602   -2.170  8.655   1.00 74.35  ? 16 VAL B C   1 
ATOM   832  O O   . VAL B 1 23 ? 5.120   -1.430  9.475   1.00 74.72  ? 16 VAL B O   1 
ATOM   833  C CB  . VAL B 1 23 ? 2.590   -3.372  9.666   1.00 73.24  ? 16 VAL B CB  1 
ATOM   834  C CG1 . VAL B 1 23 ? 2.124   -1.936  9.873   1.00 72.52  ? 16 VAL B CG1 1 
ATOM   835  C CG2 . VAL B 1 23 ? 1.632   -4.288  8.927   1.00 71.48  ? 16 VAL B CG2 1 
ATOM   836  N N   . TYR B 1 24 ? 4.595   -1.915  7.358   1.00 75.82  ? 17 TYR B N   1 
ATOM   837  C CA  . TYR B 1 24 ? 5.127   -0.689  6.777   1.00 77.31  ? 17 TYR B CA  1 
ATOM   838  C C   . TYR B 1 24 ? 3.944   0.132   6.210   1.00 76.94  ? 17 TYR B C   1 
ATOM   839  O O   . TYR B 1 24 ? 3.051   -0.417  5.515   1.00 78.04  ? 17 TYR B O   1 
ATOM   840  C CB  . TYR B 1 24 ? 6.222   -1.047  5.751   1.00 79.59  ? 17 TYR B CB  1 
ATOM   841  C CG  . TYR B 1 24 ? 6.475   -0.049  4.629   1.00 83.64  ? 17 TYR B CG  1 
ATOM   842  C CD1 . TYR B 1 24 ? 7.685   0.673   4.536   1.00 86.88  ? 17 TYR B CD1 1 
ATOM   843  C CD2 . TYR B 1 24 ? 5.505   0.140   3.611   1.00 87.51  ? 17 TYR B CD2 1 
ATOM   844  C CE1 . TYR B 1 24 ? 7.909   1.597   3.444   1.00 88.03  ? 17 TYR B CE1 1 
ATOM   845  C CE2 . TYR B 1 24 ? 5.696   1.040   2.526   1.00 87.90  ? 17 TYR B CE2 1 
ATOM   846  C CZ  . TYR B 1 24 ? 6.878   1.770   2.452   1.00 87.37  ? 17 TYR B CZ  1 
ATOM   847  O OH  . TYR B 1 24 ? 6.997   2.630   1.353   1.00 87.12  ? 17 TYR B OH  1 
ATOM   848  N N   . ILE B 1 25 ? 3.880   1.426   6.549   1.00 75.37  ? 18 ILE B N   1 
ATOM   849  C CA  . ILE B 1 25 ? 2.699   2.254   6.212   1.00 73.30  ? 18 ILE B CA  1 
ATOM   850  C C   . ILE B 1 25 ? 3.122   3.420   5.356   1.00 73.93  ? 18 ILE B C   1 
ATOM   851  O O   . ILE B 1 25 ? 4.114   4.087   5.653   1.00 74.43  ? 18 ILE B O   1 
ATOM   852  C CB  . ILE B 1 25 ? 2.010   2.779   7.482   1.00 72.75  ? 18 ILE B CB  1 
ATOM   853  C CG1 . ILE B 1 25 ? 1.670   1.558   8.368   1.00 72.15  ? 18 ILE B CG1 1 
ATOM   854  C CG2 . ILE B 1 25 ? 0.853   3.724   7.134   1.00 70.23  ? 18 ILE B CG2 1 
ATOM   855  C CD1 . ILE B 1 25 ? 0.305   1.481   8.951   1.00 78.03  ? 18 ILE B CD1 1 
ATOM   856  N N   . LYS B 1 26 ? 2.387   3.661   4.274   1.00 74.05  ? 19 LYS B N   1 
ATOM   857  C CA  . LYS B 1 26 ? 2.643   4.799   3.404   1.00 74.36  ? 19 LYS B CA  1 
ATOM   858  C C   . LYS B 1 26 ? 1.460   5.768   3.517   1.00 74.32  ? 19 LYS B C   1 
ATOM   859  O O   . LYS B 1 26 ? 0.318   5.362   3.328   1.00 75.14  ? 19 LYS B O   1 
ATOM   860  C CB  . LYS B 1 26 ? 2.861   4.310   1.964   1.00 74.05  ? 19 LYS B CB  1 
ATOM   861  C CG  . LYS B 1 26 ? 3.043   5.400   0.934   1.00 75.38  ? 19 LYS B CG  1 
ATOM   862  C CD  . LYS B 1 26 ? 3.815   4.919   -0.307  1.00 76.53  ? 19 LYS B CD  1 
ATOM   863  C CE  . LYS B 1 26 ? 5.296   4.695   0.023   1.00 78.71  ? 19 LYS B CE  1 
ATOM   864  N NZ  . LYS B 1 26 ? 6.067   4.105   -1.121  1.00 78.60  ? 19 LYS B NZ  1 
ATOM   865  N N   . LEU B 1 27 ? 1.738   7.034   3.838   1.00 74.28  ? 20 LEU B N   1 
ATOM   866  C CA  . LEU B 1 27 ? 0.685   8.063   3.901   1.00 74.34  ? 20 LEU B CA  1 
ATOM   867  C C   . LEU B 1 27 ? 0.551   8.933   2.592   1.00 75.02  ? 20 LEU B C   1 
ATOM   868  O O   . LEU B 1 27 ? 1.329   8.769   1.613   1.00 75.23  ? 20 LEU B O   1 
ATOM   869  C CB  . LEU B 1 27 ? 0.922   8.924   5.146   1.00 73.78  ? 20 LEU B CB  1 
ATOM   870  C CG  . LEU B 1 27 ? 1.381   8.209   6.413   1.00 72.74  ? 20 LEU B CG  1 
ATOM   871  C CD1 . LEU B 1 27 ? 1.704   9.236   7.440   1.00 72.01  ? 20 LEU B CD1 1 
ATOM   872  C CD2 . LEU B 1 27 ? 0.297   7.301   6.931   1.00 72.18  ? 20 LEU B CD2 1 
ATOM   873  N N   . ARG B 1 28 ? -0.455  9.821   2.564   1.00 75.73  ? 21 ARG B N   1 
ATOM   874  C CA  . ARG B 1 28 ? -0.540  10.891  1.539   1.00 76.54  ? 21 ARG B CA  1 
ATOM   875  C C   . ARG B 1 28 ? 0.872   11.372  1.241   1.00 76.22  ? 21 ARG B C   1 
ATOM   876  O O   . ARG B 1 28 ? 1.693   11.562  2.166   1.00 76.60  ? 21 ARG B O   1 
ATOM   877  C CB  . ARG B 1 28 ? -1.307  12.118  2.047   1.00 76.89  ? 21 ARG B CB  1 
ATOM   878  C CG  . ARG B 1 28 ? -2.648  11.846  2.721   1.00 80.11  ? 21 ARG B CG  1 
ATOM   879  C CD  . ARG B 1 28 ? -3.799  12.315  1.848   1.00 84.33  ? 21 ARG B CD  1 
ATOM   880  N NE  . ARG B 1 28 ? -4.413  11.244  1.047   1.00 88.01  ? 21 ARG B NE  1 
ATOM   881  C CZ  . ARG B 1 28 ? -5.120  11.463  -0.073  1.00 89.36  ? 21 ARG B CZ  1 
ATOM   882  N NH1 . ARG B 1 28 ? -5.278  12.708  -0.554  1.00 86.83  ? 21 ARG B NH1 1 
ATOM   883  N NH2 . ARG B 1 28 ? -5.661  10.431  -0.728  1.00 89.09  ? 21 ARG B NH2 1 
ATOM   884  N N   . GLY B 1 29 ? 1.161   11.563  -0.037  1.00 75.64  ? 22 GLY B N   1 
ATOM   885  C CA  . GLY B 1 29 ? 2.456   12.125  -0.443  1.00 74.71  ? 22 GLY B CA  1 
ATOM   886  C C   . GLY B 1 29 ? 3.690   11.342  -0.004  1.00 74.09  ? 22 GLY B C   1 
ATOM   887  O O   . GLY B 1 29 ? 4.763   11.917  0.182   1.00 73.77  ? 22 GLY B O   1 
ATOM   888  N N   . ALA B 1 30 ? 3.530   10.033  0.184   1.00 73.80  ? 23 ALA B N   1 
ATOM   889  C CA  . ALA B 1 30 ? 4.674   9.122   0.273   1.00 73.39  ? 23 ALA B CA  1 
ATOM   890  C C   . ALA B 1 30 ? 5.567   9.246   1.519   1.00 72.98  ? 23 ALA B C   1 
ATOM   891  O O   . ALA B 1 30 ? 6.741   8.877   1.474   1.00 73.03  ? 23 ALA B O   1 
ATOM   892  C CB  . ALA B 1 30 ? 5.510   9.217   -0.992  1.00 73.16  ? 23 ALA B CB  1 
ATOM   893  N N   . ARG B 1 31 ? 5.003   9.768   2.609   1.00 72.72  ? 24 ARG B N   1 
ATOM   894  C CA  . ARG B 1 31 ? 5.581   9.674   3.960   1.00 72.12  ? 24 ARG B CA  1 
ATOM   895  C C   . ARG B 1 31 ? 5.451   8.244   4.515   1.00 72.04  ? 24 ARG B C   1 
ATOM   896  O O   . ARG B 1 31 ? 4.422   7.585   4.374   1.00 72.22  ? 24 ARG B O   1 
ATOM   897  C CB  . ARG B 1 31 ? 4.860   10.659  4.889   1.00 71.75  ? 24 ARG B CB  1 
ATOM   898  C CG  . ARG B 1 31 ? 4.963   12.083  4.421   1.00 71.42  ? 24 ARG B CG  1 
ATOM   899  C CD  . ARG B 1 31 ? 4.151   13.031  5.293   1.00 71.80  ? 24 ARG B CD  1 
ATOM   900  N NE  . ARG B 1 31 ? 4.527   14.433  5.034   1.00 71.87  ? 24 ARG B NE  1 
ATOM   901  C CZ  . ARG B 1 31 ? 5.570   15.035  5.610   1.00 72.16  ? 24 ARG B CZ  1 
ATOM   902  N NH1 . ARG B 1 31 ? 6.320   14.372  6.489   1.00 73.66  ? 24 ARG B NH1 1 
ATOM   903  N NH2 . ARG B 1 31 ? 5.869   16.284  5.319   1.00 70.96  ? 24 ARG B NH2 1 
ATOM   904  N N   . THR B 1 32 ? 6.483   7.749   5.166   1.00 72.08  ? 25 THR B N   1 
ATOM   905  C CA  . THR B 1 32 ? 6.422   6.345   5.588   1.00 72.16  ? 25 THR B CA  1 
ATOM   906  C C   . THR B 1 32 ? 6.585   6.205   7.128   1.00 72.33  ? 25 THR B C   1 
ATOM   907  O O   . THR B 1 32 ? 7.154   7.104   7.793   1.00 72.75  ? 25 THR B O   1 
ATOM   908  C CB  . THR B 1 32 ? 7.475   5.496   4.807   1.00 72.07  ? 25 THR B CB  1 
ATOM   909  O OG1 . THR B 1 32 ? 8.728   6.177   4.872   1.00 71.87  ? 25 THR B OG1 1 
ATOM   910  C CG2 . THR B 1 32 ? 7.113   5.363   3.321   1.00 71.26  ? 25 THR B CG2 1 
ATOM   911  N N   . LEU B 1 33 ? 6.062   5.102   7.672   1.00 71.80  ? 26 LEU B N   1 
ATOM   912  C CA  . LEU B 1 33 ? 6.227   4.698   9.068   1.00 71.66  ? 26 LEU B CA  1 
ATOM   913  C C   . LEU B 1 33 ? 6.448   3.206   9.059   1.00 71.81  ? 26 LEU B C   1 
ATOM   914  O O   . LEU B 1 33 ? 5.931   2.520   8.164   1.00 72.25  ? 26 LEU B O   1 
ATOM   915  C CB  . LEU B 1 33 ? 4.962   4.965   9.896   1.00 71.18  ? 26 LEU B CB  1 
ATOM   916  C CG  . LEU B 1 33 ? 4.901   6.391   10.374  1.00 71.20  ? 26 LEU B CG  1 
ATOM   917  C CD1 . LEU B 1 33 ? 4.004   7.141   9.417   1.00 71.08  ? 26 LEU B CD1 1 
ATOM   918  C CD2 . LEU B 1 33 ? 4.352   6.371   11.779  1.00 71.82  ? 26 LEU B CD2 1 
ATOM   919  N N   . VAL B 1 34 ? 7.163   2.692   10.055  1.00 70.58  ? 27 VAL B N   1 
ATOM   920  C CA  . VAL B 1 34 ? 7.261   1.269   10.202  1.00 70.49  ? 27 VAL B CA  1 
ATOM   921  C C   . VAL B 1 34 ? 6.946   0.944   11.655  1.00 71.00  ? 27 VAL B C   1 
ATOM   922  O O   . VAL B 1 34 ? 7.245   1.748   12.529  1.00 72.50  ? 27 VAL B O   1 
ATOM   923  C CB  . VAL B 1 34 ? 8.646   0.838   9.810   1.00 70.48  ? 27 VAL B CB  1 
ATOM   924  C CG1 . VAL B 1 34 ? 8.973   -0.421  10.501  1.00 70.91  ? 27 VAL B CG1 1 
ATOM   925  C CG2 . VAL B 1 34 ? 8.742   0.669   8.283   1.00 70.57  ? 27 VAL B CG2 1 
ATOM   926  N N   . GLY B 1 35 ? 6.314   -0.185  11.944  1.00 70.33  ? 28 GLY B N   1 
ATOM   927  C CA  . GLY B 1 35 ? 6.014   -0.496  13.340  1.00 69.56  ? 28 GLY B CA  1 
ATOM   928  C C   . GLY B 1 35 ? 5.202   -1.754  13.489  1.00 69.49  ? 28 GLY B C   1 
ATOM   929  O O   . GLY B 1 35 ? 4.812   -2.339  12.482  1.00 70.28  ? 28 GLY B O   1 
ATOM   930  N N   . THR B 1 36 ? 4.922   -2.173  14.722  1.00 68.51  ? 29 THR B N   1 
ATOM   931  C CA  . THR B 1 36 ? 4.116   -3.371  14.940  1.00 67.98  ? 29 THR B CA  1 
ATOM   932  C C   . THR B 1 36 ? 2.670   -2.975  14.938  1.00 68.43  ? 29 THR B C   1 
ATOM   933  O O   . THR B 1 36 ? 2.294   -2.052  15.675  1.00 70.30  ? 29 THR B O   1 
ATOM   934  C CB  . THR B 1 36 ? 4.470   -4.026  16.273  1.00 67.97  ? 29 THR B CB  1 
ATOM   935  O OG1 . THR B 1 36 ? 5.820   -4.434  16.200  1.00 68.48  ? 29 THR B OG1 1 
ATOM   936  C CG2 . THR B 1 36 ? 3.667   -5.287  16.559  1.00 66.40  ? 29 THR B CG2 1 
ATOM   937  N N   . LEU B 1 37 ? 1.845   -3.636  14.127  1.00 67.35  ? 30 LEU B N   1 
ATOM   938  C CA  . LEU B 1 37 ? 0.435   -3.267  14.121  1.00 67.03  ? 30 LEU B CA  1 
ATOM   939  C C   . LEU B 1 37 ? -0.229  -3.666  15.421  1.00 67.32  ? 30 LEU B C   1 
ATOM   940  O O   . LEU B 1 37 ? -0.266  -4.839  15.749  1.00 68.28  ? 30 LEU B O   1 
ATOM   941  C CB  . LEU B 1 37 ? -0.317  -3.924  12.963  1.00 66.94  ? 30 LEU B CB  1 
ATOM   942  C CG  . LEU B 1 37 ? -1.776  -3.481  12.788  1.00 66.40  ? 30 LEU B CG  1 
ATOM   943  C CD1 . LEU B 1 37 ? -1.964  -1.934  12.691  1.00 65.02  ? 30 LEU B CD1 1 
ATOM   944  C CD2 . LEU B 1 37 ? -2.430  -4.184  11.607  1.00 66.38  ? 30 LEU B CD2 1 
ATOM   945  N N   . GLN B 1 38 ? -0.760  -2.703  16.158  1.00 67.32  ? 31 GLN B N   1 
ATOM   946  C CA  . GLN B 1 38 ? -1.425  -3.004  17.434  1.00 67.24  ? 31 GLN B CA  1 
ATOM   947  C C   . GLN B 1 38 ? -2.960  -2.965  17.318  1.00 67.91  ? 31 GLN B C   1 
ATOM   948  O O   . GLN B 1 38 ? -3.660  -3.761  17.946  1.00 68.39  ? 31 GLN B O   1 
ATOM   949  C CB  . GLN B 1 38 ? -0.993  -1.992  18.493  1.00 66.34  ? 31 GLN B CB  1 
ATOM   950  C CG  . GLN B 1 38 ? 0.345   -2.213  19.009  1.00 66.43  ? 31 GLN B CG  1 
ATOM   951  C CD  . GLN B 1 38 ? 0.479   -3.559  19.680  1.00 67.10  ? 31 GLN B CD  1 
ATOM   952  O OE1 . GLN B 1 38 ? -0.497  -4.176  20.103  1.00 68.92  ? 31 GLN B OE1 1 
ATOM   953  N NE2 . GLN B 1 38 ? 1.678   -4.032  19.767  1.00 67.28  ? 31 GLN B NE2 1 
ATOM   954  N N   . ALA B 1 39 ? -3.469  -2.020  16.535  1.00 67.68  ? 32 ALA B N   1 
ATOM   955  C CA  . ALA B 1 39 ? -4.877  -1.732  16.501  1.00 68.26  ? 32 ALA B CA  1 
ATOM   956  C C   . ALA B 1 39 ? -5.283  -1.085  15.165  1.00 69.35  ? 32 ALA B C   1 
ATOM   957  O O   . ALA B 1 39 ? -4.457  -0.477  14.487  1.00 69.43  ? 32 ALA B O   1 
ATOM   958  C CB  . ALA B 1 39 ? -5.253  -0.840  17.653  1.00 67.08  ? 32 ALA B CB  1 
ATOM   959  N N   . PHE B 1 40 ? -6.558  -1.238  14.786  1.00 70.27  ? 33 PHE B N   1 
ATOM   960  C CA  . PHE B 1 40 ? -7.087  -0.485  13.673  1.00 70.99  ? 33 PHE B CA  1 
ATOM   961  C C   . PHE B 1 40 ? -8.597  -0.426  13.803  1.00 72.61  ? 33 PHE B C   1 
ATOM   962  O O   . PHE B 1 40 ? -9.172  -1.186  14.539  1.00 73.92  ? 33 PHE B O   1 
ATOM   963  C CB  . PHE B 1 40 ? -6.621  -1.042  12.337  1.00 70.23  ? 33 PHE B CB  1 
ATOM   964  C CG  . PHE B 1 40 ? -7.033  -2.470  12.064  1.00 70.96  ? 33 PHE B CG  1 
ATOM   965  C CD1 . PHE B 1 40 ? -6.173  -3.533  12.354  1.00 72.25  ? 33 PHE B CD1 1 
ATOM   966  C CD2 . PHE B 1 40 ? -8.282  -2.760  11.477  1.00 71.47  ? 33 PHE B CD2 1 
ATOM   967  C CE1 . PHE B 1 40 ? -6.545  -4.869  12.069  1.00 73.81  ? 33 PHE B CE1 1 
ATOM   968  C CE2 . PHE B 1 40 ? -8.665  -4.075  11.187  1.00 71.04  ? 33 PHE B CE2 1 
ATOM   969  C CZ  . PHE B 1 40 ? -7.804  -5.135  11.468  1.00 71.80  ? 33 PHE B CZ  1 
ATOM   970  N N   . ASP B 1 41 ? -9.250  0.482   13.105  1.00 73.24  ? 34 ASP B N   1 
ATOM   971  C CA  . ASP B 1 41 ? -10.663 0.480   13.144  1.00 73.25  ? 34 ASP B CA  1 
ATOM   972  C C   . ASP B 1 41 ? -11.201 0.598   11.721  1.00 73.67  ? 34 ASP B C   1 
ATOM   973  O O   . ASP B 1 41 ? -10.433 0.507   10.764  1.00 73.81  ? 34 ASP B O   1 
ATOM   974  C CB  . ASP B 1 41 ? -11.131 1.581   14.099  1.00 73.71  ? 34 ASP B CB  1 
ATOM   975  C CG  . ASP B 1 41 ? -10.870 2.982   13.581  1.00 74.97  ? 34 ASP B CG  1 
ATOM   976  O OD1 . ASP B 1 41 ? -10.530 3.128   12.402  1.00 78.07  ? 34 ASP B OD1 1 
ATOM   977  O OD2 . ASP B 1 41 ? -11.017 3.974   14.333  1.00 78.62  ? 34 ASP B OD2 1 
ATOM   978  N N   . SER B 1 42 ? -12.497 0.819   11.561  1.00 74.46  ? 35 SER B N   1 
ATOM   979  C CA  . SER B 1 42 ? -13.040 0.769   10.207  1.00 75.67  ? 35 SER B CA  1 
ATOM   980  C C   . SER B 1 42 ? -12.733 2.006   9.360   1.00 76.62  ? 35 SER B C   1 
ATOM   981  O O   . SER B 1 42 ? -12.804 1.924   8.134   1.00 77.84  ? 35 SER B O   1 
ATOM   982  C CB  . SER B 1 42 ? -14.527 0.459   10.203  1.00 74.53  ? 35 SER B CB  1 
ATOM   983  O OG  . SER B 1 42 ? -15.185 1.568   10.709  1.00 75.53  ? 35 SER B OG  1 
ATOM   984  N N   . HIS B 1 43 ? -12.404 3.142   9.984   1.00 76.97  ? 36 HIS B N   1 
ATOM   985  C CA  . HIS B 1 43 ? -11.939 4.311   9.201   1.00 77.13  ? 36 HIS B CA  1 
ATOM   986  C C   . HIS B 1 43 ? -10.497 4.093   8.883   1.00 76.87  ? 36 HIS B C   1 
ATOM   987  O O   . HIS B 1 43 ? -9.886  4.881   8.206   1.00 77.29  ? 36 HIS B O   1 
ATOM   988  C CB  . HIS B 1 43 ? -12.114 5.628   9.937   1.00 76.81  ? 36 HIS B CB  1 
ATOM   989  C CG  . HIS B 1 43 ? -13.517 5.848   10.398  1.00 80.74  ? 36 HIS B CG  1 
ATOM   990  N ND1 . HIS B 1 43 ? -14.593 5.793   9.530   1.00 83.63  ? 36 HIS B ND1 1 
ATOM   991  C CD2 . HIS B 1 43 ? -14.034 6.064   11.632  1.00 81.74  ? 36 HIS B CD2 1 
ATOM   992  C CE1 . HIS B 1 43 ? -15.711 5.995   10.208  1.00 84.45  ? 36 HIS B CE1 1 
ATOM   993  N NE2 . HIS B 1 43 ? -15.398 6.157   11.483  1.00 84.78  ? 36 HIS B NE2 1 
ATOM   994  N N   . CYS B 1 44 ? -9.932  3.013   9.389   1.00 76.72  ? 37 CYS B N   1 
ATOM   995  C CA  . CYS B 1 44 ? -8.541  2.774   9.136   1.00 76.98  ? 37 CYS B CA  1 
ATOM   996  C C   . CYS B 1 44 ? -7.535  3.623   9.970   1.00 75.23  ? 37 CYS B C   1 
ATOM   997  O O   . CYS B 1 44 ? -6.343  3.728   9.605   1.00 75.70  ? 37 CYS B O   1 
ATOM   998  C CB  . CYS B 1 44 ? -8.323  2.994   7.651   1.00 77.13  ? 37 CYS B CB  1 
ATOM   999  S SG  . CYS B 1 44 ? -6.951  2.019   7.154   1.00 86.06  ? 37 CYS B SG  1 
ATOM   1000 N N   . ASN B 1 45 ? -7.989  4.226   11.070  1.00 73.41  ? 38 ASN B N   1 
ATOM   1001 C CA  . ASN B 1 45 ? -7.096  4.765   12.067  1.00 71.62  ? 38 ASN B CA  1 
ATOM   1002 C C   . ASN B 1 45 ? -6.246  3.615   12.481  1.00 71.36  ? 38 ASN B C   1 
ATOM   1003 O O   . ASN B 1 45 ? -6.766  2.504   12.606  1.00 71.32  ? 38 ASN B O   1 
ATOM   1004 C CB  . ASN B 1 45 ? -7.848  5.186   13.289  1.00 71.24  ? 38 ASN B CB  1 
ATOM   1005 C CG  . ASN B 1 45 ? -8.772  6.341   13.018  1.00 71.79  ? 38 ASN B CG  1 
ATOM   1006 O OD1 . ASN B 1 45 ? -8.429  7.262   12.246  1.00 70.21  ? 38 ASN B OD1 1 
ATOM   1007 N ND2 . ASN B 1 45 ? -9.971  6.301   13.637  1.00 70.08  ? 38 ASN B ND2 1 
ATOM   1008 N N   . ILE B 1 46 ? -4.958  3.859   12.713  1.00 70.58  ? 39 ILE B N   1 
ATOM   1009 C CA  . ILE B 1 46 ? -4.068  2.798   13.056  1.00 70.43  ? 39 ILE B CA  1 
ATOM   1010 C C   . ILE B 1 46 ? -3.205  3.156   14.228  1.00 70.78  ? 39 ILE B C   1 
ATOM   1011 O O   . ILE B 1 46 ? -2.877  4.351   14.444  1.00 71.06  ? 39 ILE B O   1 
ATOM   1012 C CB  . ILE B 1 46 ? -3.170  2.535   11.900  1.00 71.03  ? 39 ILE B CB  1 
ATOM   1013 C CG1 . ILE B 1 46 ? -3.945  1.736   10.879  1.00 70.67  ? 39 ILE B CG1 1 
ATOM   1014 C CG2 . ILE B 1 46 ? -1.904  1.776   12.347  1.00 69.93  ? 39 ILE B CG2 1 
ATOM   1015 C CD1 . ILE B 1 46 ? -3.123  1.606   9.731   1.00 78.70  ? 39 ILE B CD1 1 
ATOM   1016 N N   . VAL B 1 47 ? -2.810  2.112   14.965  1.00 69.91  ? 40 VAL B N   1 
ATOM   1017 C CA  . VAL B 1 47 ? -1.832  2.258   16.033  1.00 68.64  ? 40 VAL B CA  1 
ATOM   1018 C C   . VAL B 1 47 ? -0.683  1.238   15.797  1.00 69.14  ? 40 VAL B C   1 
ATOM   1019 O O   . VAL B 1 47 ? -0.938  0.052   15.515  1.00 69.67  ? 40 VAL B O   1 
ATOM   1020 C CB  . VAL B 1 47 ? -2.467  2.066   17.392  1.00 67.44  ? 40 VAL B CB  1 
ATOM   1021 C CG1 . VAL B 1 47 ? -1.459  2.327   18.471  1.00 69.23  ? 40 VAL B CG1 1 
ATOM   1022 C CG2 . VAL B 1 47 ? -3.569  2.961   17.549  1.00 64.97  ? 40 VAL B CG2 1 
ATOM   1023 N N   . LEU B 1 48 ? 0.560   1.720   15.877  1.00 68.26  ? 41 LEU B N   1 
ATOM   1024 C CA  . LEU B 1 48 ? 1.758   0.872   15.765  1.00 68.17  ? 41 LEU B CA  1 
ATOM   1025 C C   . LEU B 1 48 ? 2.504   1.021   17.055  1.00 67.74  ? 41 LEU B C   1 
ATOM   1026 O O   . LEU B 1 48 ? 2.462   2.095   17.671  1.00 67.74  ? 41 LEU B O   1 
ATOM   1027 C CB  . LEU B 1 48 ? 2.694   1.369   14.632  1.00 68.03  ? 41 LEU B CB  1 
ATOM   1028 C CG  . LEU B 1 48 ? 2.041   1.733   13.274  1.00 67.03  ? 41 LEU B CG  1 
ATOM   1029 C CD1 . LEU B 1 48 ? 3.058   2.251   12.289  1.00 64.83  ? 41 LEU B CD1 1 
ATOM   1030 C CD2 . LEU B 1 48 ? 1.374   0.507   12.715  1.00 65.70  ? 41 LEU B CD2 1 
ATOM   1031 N N   . SER B 1 49 ? 3.184   -0.014  17.492  1.00 67.52  ? 42 SER B N   1 
ATOM   1032 C CA  . SER B 1 49 ? 4.125   0.196   18.601  1.00 68.83  ? 42 SER B CA  1 
ATOM   1033 C C   . SER B 1 49 ? 5.503   -0.103  18.057  1.00 68.97  ? 42 SER B C   1 
ATOM   1034 O O   . SER B 1 49 ? 5.611   -0.747  17.000  1.00 69.81  ? 42 SER B O   1 
ATOM   1035 C CB  . SER B 1 49 ? 3.831   -0.701  19.775  1.00 68.40  ? 42 SER B CB  1 
ATOM   1036 O OG  . SER B 1 49 ? 3.681   -2.009  19.288  1.00 70.57  ? 42 SER B OG  1 
ATOM   1037 N N   . ASP B 1 50 ? 6.548   0.353   18.750  1.00 69.06  ? 43 ASP B N   1 
ATOM   1038 C CA  . ASP B 1 50 ? 7.906   0.277   18.214  1.00 69.65  ? 43 ASP B CA  1 
ATOM   1039 C C   . ASP B 1 50 ? 8.027   0.916   16.849  1.00 69.69  ? 43 ASP B C   1 
ATOM   1040 O O   . ASP B 1 50 ? 8.558   0.303   15.926  1.00 69.70  ? 43 ASP B O   1 
ATOM   1041 C CB  . ASP B 1 50 ? 8.271   -1.172  18.015  1.00 70.36  ? 43 ASP B CB  1 
ATOM   1042 C CG  . ASP B 1 50 ? 8.860   -1.777  19.233  1.00 73.69  ? 43 ASP B CG  1 
ATOM   1043 O OD1 . ASP B 1 50 ? 8.343   -1.439  20.338  1.00 75.66  ? 43 ASP B OD1 1 
ATOM   1044 O OD2 . ASP B 1 50 ? 9.844   -2.576  19.078  1.00 78.02  ? 43 ASP B OD2 1 
ATOM   1045 N N   . ALA B 1 51 ? 7.519   2.128   16.691  1.00 69.64  ? 44 ALA B N   1 
ATOM   1046 C CA  . ALA B 1 51 ? 7.424   2.688   15.388  1.00 69.19  ? 44 ALA B CA  1 
ATOM   1047 C C   . ALA B 1 51 ? 8.688   3.444   15.073  1.00 69.27  ? 44 ALA B C   1 
ATOM   1048 O O   . ALA B 1 51 ? 9.421   3.891   15.955  1.00 69.08  ? 44 ALA B O   1 
ATOM   1049 C CB  . ALA B 1 51 ? 6.246   3.564   15.321  1.00 69.78  ? 44 ALA B CB  1 
ATOM   1050 N N   . VAL B 1 52 ? 8.946   3.545   13.782  1.00 69.50  ? 45 VAL B N   1 
ATOM   1051 C CA  . VAL B 1 52 ? 9.969   4.393   13.243  1.00 69.74  ? 45 VAL B CA  1 
ATOM   1052 C C   . VAL B 1 52 ? 9.327   5.290   12.186  1.00 70.38  ? 45 VAL B C   1 
ATOM   1053 O O   . VAL B 1 52 ? 8.940   4.822   11.120  1.00 71.96  ? 45 VAL B O   1 
ATOM   1054 C CB  . VAL B 1 52 ? 11.076  3.550   12.619  1.00 69.62  ? 45 VAL B CB  1 
ATOM   1055 C CG1 . VAL B 1 52 ? 12.223  4.423   12.191  1.00 69.27  ? 45 VAL B CG1 1 
ATOM   1056 C CG2 . VAL B 1 52 ? 11.632  2.552   13.635  1.00 68.63  ? 45 VAL B CG2 1 
ATOM   1057 N N   . GLU B 1 53 ? 9.157   6.565   12.516  1.00 70.04  ? 46 GLU B N   1 
ATOM   1058 C CA  . GLU B 1 53 ? 8.629   7.565   11.579  1.00 70.15  ? 46 GLU B CA  1 
ATOM   1059 C C   . GLU B 1 53 ? 9.795   8.056   10.743  1.00 70.11  ? 46 GLU B C   1 
ATOM   1060 O O   . GLU B 1 53 ? 10.942  8.128   11.249  1.00 70.40  ? 46 GLU B O   1 
ATOM   1061 C CB  . GLU B 1 53 ? 8.025   8.737   12.359  1.00 69.66  ? 46 GLU B CB  1 
ATOM   1062 C CG  . GLU B 1 53 ? 7.329   9.766   11.528  1.00 70.14  ? 46 GLU B CG  1 
ATOM   1063 C CD  . GLU B 1 53 ? 6.897   11.016  12.317  1.00 72.07  ? 46 GLU B CD  1 
ATOM   1064 O OE1 . GLU B 1 53 ? 7.060   11.075  13.582  1.00 74.79  ? 46 GLU B OE1 1 
ATOM   1065 O OE2 . GLU B 1 53 ? 6.378   11.951  11.638  1.00 75.15  ? 46 GLU B OE2 1 
ATOM   1066 N N   . THR B 1 54 ? 9.548   8.388   9.471   1.00 69.54  ? 47 THR B N   1 
ATOM   1067 C CA  . THR B 1 54 ? 10.628  8.990   8.633   1.00 68.92  ? 47 THR B CA  1 
ATOM   1068 C C   . THR B 1 54 ? 10.476  10.512  8.661   1.00 68.48  ? 47 THR B C   1 
ATOM   1069 O O   . THR B 1 54 ? 9.356   11.025  8.569   1.00 68.78  ? 47 THR B O   1 
ATOM   1070 C CB  . THR B 1 54 ? 10.650  8.463   7.169   1.00 68.62  ? 47 THR B CB  1 
ATOM   1071 O OG1 . THR B 1 54 ? 10.325  7.070   7.168   1.00 69.84  ? 47 THR B OG1 1 
ATOM   1072 C CG2 . THR B 1 54 ? 12.021  8.619   6.557   1.00 68.08  ? 47 THR B CG2 1 
ATOM   1073 N N   . ILE B 1 55 ? 11.586  11.224  8.810   1.00 67.58  ? 48 ILE B N   1 
ATOM   1074 C CA  . ILE B 1 55 ? 11.551  12.668  9.062   1.00 67.13  ? 48 ILE B CA  1 
ATOM   1075 C C   . ILE B 1 55 ? 12.254  13.337  7.906   1.00 67.29  ? 48 ILE B C   1 
ATOM   1076 O O   . ILE B 1 55 ? 13.438  13.091  7.685   1.00 67.57  ? 48 ILE B O   1 
ATOM   1077 C CB  . ILE B 1 55 ? 12.304  13.048  10.408  1.00 66.90  ? 48 ILE B CB  1 
ATOM   1078 C CG1 . ILE B 1 55 ? 11.583  12.482  11.643  1.00 65.86  ? 48 ILE B CG1 1 
ATOM   1079 C CG2 . ILE B 1 55 ? 12.521  14.549  10.531  1.00 66.00  ? 48 ILE B CG2 1 
ATOM   1080 C CD1 . ILE B 1 55 ? 10.163  13.039  11.875  1.00 66.74  ? 48 ILE B CD1 1 
ATOM   1081 N N   . TYR B 1 56 ? 11.551  14.177  7.164   1.00 67.31  ? 49 TYR B N   1 
ATOM   1082 C CA  . TYR B 1 56 ? 12.248  14.811  6.052   1.00 67.69  ? 49 TYR B CA  1 
ATOM   1083 C C   . TYR B 1 56 ? 12.785  16.184  6.472   1.00 67.34  ? 49 TYR B C   1 
ATOM   1084 O O   . TYR B 1 56 ? 12.193  16.882  7.281   1.00 67.16  ? 49 TYR B O   1 
ATOM   1085 C CB  . TYR B 1 56 ? 11.388  14.803  4.782   1.00 68.22  ? 49 TYR B CB  1 
ATOM   1086 C CG  . TYR B 1 56 ? 10.789  13.441  4.504   1.00 68.35  ? 49 TYR B CG  1 
ATOM   1087 C CD1 . TYR B 1 56 ? 11.400  12.539  3.619   1.00 68.70  ? 49 TYR B CD1 1 
ATOM   1088 C CD2 . TYR B 1 56 ? 9.616   13.054  5.147   1.00 69.66  ? 49 TYR B CD2 1 
ATOM   1089 C CE1 . TYR B 1 56 ? 10.843  11.280  3.367   1.00 68.79  ? 49 TYR B CE1 1 
ATOM   1090 C CE2 . TYR B 1 56 ? 9.032   11.800  4.919   1.00 70.68  ? 49 TYR B CE2 1 
ATOM   1091 C CZ  . TYR B 1 56 ? 9.647   10.914  4.028   1.00 70.87  ? 49 TYR B CZ  1 
ATOM   1092 O OH  . TYR B 1 56 ? 9.035   9.674   3.844   1.00 71.23  ? 49 TYR B OH  1 
ATOM   1093 N N   . GLN B 1 57 ? 13.938  16.552  5.976   1.00 67.37  ? 50 GLN B N   1 
ATOM   1094 C CA  . GLN B 1 57 ? 14.541  17.779  6.461   1.00 67.67  ? 50 GLN B CA  1 
ATOM   1095 C C   . GLN B 1 57 ? 15.038  18.627  5.328   1.00 67.49  ? 50 GLN B C   1 
ATOM   1096 O O   . GLN B 1 57 ? 15.238  18.135  4.222   1.00 67.61  ? 50 GLN B O   1 
ATOM   1097 C CB  . GLN B 1 57 ? 15.688  17.475  7.398   1.00 67.66  ? 50 GLN B CB  1 
ATOM   1098 C CG  . GLN B 1 57 ? 15.257  16.605  8.547   1.00 68.90  ? 50 GLN B CG  1 
ATOM   1099 C CD  . GLN B 1 57 ? 16.033  16.924  9.799   1.00 70.17  ? 50 GLN B CD  1 
ATOM   1100 O OE1 . GLN B 1 57 ? 17.210  17.293  9.731   1.00 70.98  ? 50 GLN B OE1 1 
ATOM   1101 N NE2 . GLN B 1 57 ? 15.383  16.791  10.957  1.00 69.43  ? 50 GLN B NE2 1 
ATOM   1102 N N   . LEU B 1 58 ? 15.206  19.908  5.599   1.00 67.33  ? 51 LEU B N   1 
ATOM   1103 C CA  . LEU B 1 58 ? 15.676  20.802  4.572   1.00 67.65  ? 51 LEU B CA  1 
ATOM   1104 C C   . LEU B 1 58 ? 16.688  21.774  5.146   1.00 67.64  ? 51 LEU B C   1 
ATOM   1105 O O   . LEU B 1 58 ? 16.463  22.386  6.200   1.00 67.70  ? 51 LEU B O   1 
ATOM   1106 C CB  . LEU B 1 58 ? 14.516  21.507  3.845   1.00 67.68  ? 51 LEU B CB  1 
ATOM   1107 C CG  . LEU B 1 58 ? 14.634  21.937  2.355   1.00 68.20  ? 51 LEU B CG  1 
ATOM   1108 C CD1 . LEU B 1 58 ? 15.885  21.405  1.620   1.00 69.23  ? 51 LEU B CD1 1 
ATOM   1109 C CD2 . LEU B 1 58 ? 13.354  21.584  1.553   1.00 68.16  ? 51 LEU B CD2 1 
ATOM   1110 N N   . ASN B 1 59 ? 17.822  21.855  4.459   1.00 67.44  ? 52 ASN B N   1 
ATOM   1111 C CA  . ASN B 1 59 ? 18.884  22.765  4.801   1.00 67.38  ? 52 ASN B CA  1 
ATOM   1112 C C   . ASN B 1 59 ? 19.537  23.127  3.478   1.00 67.61  ? 52 ASN B C   1 
ATOM   1113 O O   . ASN B 1 59 ? 20.118  22.248  2.836   1.00 67.92  ? 52 ASN B O   1 
ATOM   1114 C CB  . ASN B 1 59 ? 19.853  22.054  5.722   1.00 67.13  ? 52 ASN B CB  1 
ATOM   1115 C CG  . ASN B 1 59 ? 20.558  22.988  6.604   1.00 66.45  ? 52 ASN B CG  1 
ATOM   1116 O OD1 . ASN B 1 59 ? 20.307  23.032  7.798   1.00 65.78  ? 52 ASN B OD1 1 
ATOM   1117 N ND2 . ASN B 1 59 ? 21.448  23.791  6.022   1.00 66.63  ? 52 ASN B ND2 1 
ATOM   1118 N N   . ASN B 1 60 ? 19.409  24.395  3.066   1.00 67.57  ? 53 ASN B N   1 
ATOM   1119 C CA  . ASN B 1 60 ? 19.589  24.806  1.651   1.00 67.62  ? 53 ASN B CA  1 
ATOM   1120 C C   . ASN B 1 60 ? 18.775  23.907  0.702   1.00 68.00  ? 53 ASN B C   1 
ATOM   1121 O O   . ASN B 1 60 ? 17.591  23.664  0.951   1.00 68.08  ? 53 ASN B O   1 
ATOM   1122 C CB  . ASN B 1 60 ? 21.056  24.856  1.259   1.00 67.39  ? 53 ASN B CB  1 
ATOM   1123 C CG  . ASN B 1 60 ? 21.854  25.728  2.169   1.00 67.15  ? 53 ASN B CG  1 
ATOM   1124 O OD1 . ASN B 1 60 ? 21.841  25.527  3.388   1.00 66.77  ? 53 ASN B OD1 1 
ATOM   1125 N ND2 . ASN B 1 60 ? 22.549  26.710  1.597   1.00 66.30  ? 53 ASN B ND2 1 
ATOM   1126 N N   . GLU B 1 61 ? 19.391  23.403  -0.372  1.00 68.18  ? 54 GLU B N   1 
ATOM   1127 C CA  . GLU B 1 61 ? 18.716  22.415  -1.238  1.00 68.22  ? 54 GLU B CA  1 
ATOM   1128 C C   . GLU B 1 61 ? 18.701  20.996  -0.646  1.00 68.07  ? 54 GLU B C   1 
ATOM   1129 O O   . GLU B 1 61 ? 17.919  20.161  -1.097  1.00 68.03  ? 54 GLU B O   1 
ATOM   1130 C CB  . GLU B 1 61 ? 19.306  22.398  -2.663  1.00 68.27  ? 54 GLU B CB  1 
ATOM   1131 C CG  . GLU B 1 61 ? 18.832  23.525  -3.591  1.00 68.30  ? 54 GLU B CG  1 
ATOM   1132 C CD  . GLU B 1 61 ? 19.476  24.863  -3.274  1.00 69.41  ? 54 GLU B CD  1 
ATOM   1133 O OE1 . GLU B 1 61 ? 19.464  25.259  -2.085  1.00 69.24  ? 54 GLU B OE1 1 
ATOM   1134 O OE2 . GLU B 1 61 ? 19.988  25.524  -4.212  1.00 69.95  ? 54 GLU B OE2 1 
ATOM   1135 N N   . GLU B 1 62 ? 19.544  20.738  0.363   1.00 68.14  ? 55 GLU B N   1 
ATOM   1136 C CA  . GLU B 1 62 ? 19.777  19.378  0.875   1.00 68.30  ? 55 GLU B CA  1 
ATOM   1137 C C   . GLU B 1 62 ? 18.621  18.814  1.682   1.00 68.43  ? 55 GLU B C   1 
ATOM   1138 O O   . GLU B 1 62 ? 18.651  18.807  2.911   1.00 67.98  ? 55 GLU B O   1 
ATOM   1139 C CB  . GLU B 1 62 ? 21.077  19.247  1.677   1.00 68.25  ? 55 GLU B CB  1 
ATOM   1140 C CG  . GLU B 1 62 ? 22.332  19.113  0.832   1.00 68.14  ? 55 GLU B CG  1 
ATOM   1141 C CD  . GLU B 1 62 ? 23.090  20.416  0.726   1.00 68.67  ? 55 GLU B CD  1 
ATOM   1142 O OE1 . GLU B 1 62 ? 22.516  21.473  1.069   1.00 69.26  ? 55 GLU B OE1 1 
ATOM   1143 O OE2 . GLU B 1 62 ? 24.266  20.391  0.314   1.00 68.55  ? 55 GLU B OE2 1 
ATOM   1144 N N   . LEU B 1 63 ? 17.621  18.342  0.946   1.00 68.83  ? 56 LEU B N   1 
ATOM   1145 C CA  . LEU B 1 63 ? 16.512  17.596  1.499   1.00 69.65  ? 56 LEU B CA  1 
ATOM   1146 C C   . LEU B 1 63 ? 17.071  16.259  1.999   1.00 70.33  ? 56 LEU B C   1 
ATOM   1147 O O   . LEU B 1 63 ? 16.861  15.233  1.355   1.00 70.76  ? 56 LEU B O   1 
ATOM   1148 C CB  . LEU B 1 63 ? 15.411  17.367  0.424   1.00 69.38  ? 56 LEU B CB  1 
ATOM   1149 C CG  . LEU B 1 63 ? 13.907  17.186  0.751   1.00 69.55  ? 56 LEU B CG  1 
ATOM   1150 C CD1 . LEU B 1 63 ? 13.057  16.738  -0.459  1.00 69.38  ? 56 LEU B CD1 1 
ATOM   1151 C CD2 . LEU B 1 63 ? 13.624  16.271  1.923   1.00 68.69  ? 56 LEU B CD2 1 
ATOM   1152 N N   . SER B 1 64 ? 17.773  16.255  3.137   1.00 70.94  ? 57 SER B N   1 
ATOM   1153 C CA  . SER B 1 64 ? 18.198  14.986  3.750   1.00 71.33  ? 57 SER B CA  1 
ATOM   1154 C C   . SER B 1 64 ? 16.985  14.331  4.406   1.00 71.73  ? 57 SER B C   1 
ATOM   1155 O O   . SER B 1 64 ? 15.849  14.767  4.173   1.00 72.39  ? 57 SER B O   1 
ATOM   1156 C CB  . SER B 1 64 ? 19.340  15.190  4.732   1.00 71.30  ? 57 SER B CB  1 
ATOM   1157 O OG  . SER B 1 64 ? 18.828  15.434  6.018   1.00 71.02  ? 57 SER B OG  1 
ATOM   1158 N N   . GLU B 1 65 ? 17.195  13.286  5.211   1.00 71.93  ? 58 GLU B N   1 
ATOM   1159 C CA  . GLU B 1 65 ? 16.078  12.411  5.683   1.00 71.81  ? 58 GLU B CA  1 
ATOM   1160 C C   . GLU B 1 65 ? 16.540  11.574  6.892   1.00 71.44  ? 58 GLU B C   1 
ATOM   1161 O O   . GLU B 1 65 ? 17.708  11.227  6.964   1.00 71.67  ? 58 GLU B O   1 
ATOM   1162 C CB  . GLU B 1 65 ? 15.537  11.574  4.511   1.00 71.11  ? 58 GLU B CB  1 
ATOM   1163 C CG  . GLU B 1 65 ? 15.127  10.152  4.790   1.00 72.20  ? 58 GLU B CG  1 
ATOM   1164 C CD  . GLU B 1 65 ? 14.485  9.491   3.568   1.00 73.25  ? 58 GLU B CD  1 
ATOM   1165 O OE1 . GLU B 1 65 ? 14.896  9.834   2.440   1.00 77.59  ? 58 GLU B OE1 1 
ATOM   1166 O OE2 . GLU B 1 65 ? 13.589  8.632   3.713   1.00 74.24  ? 58 GLU B OE2 1 
ATOM   1167 N N   . SER B 1 66 ? 15.673  11.331  7.878   1.00 71.08  ? 59 SER B N   1 
ATOM   1168 C CA  . SER B 1 66 ? 16.104  10.645  9.126   1.00 71.06  ? 59 SER B CA  1 
ATOM   1169 C C   . SER B 1 66 ? 15.005  9.779   9.805   1.00 71.41  ? 59 SER B C   1 
ATOM   1170 O O   . SER B 1 66 ? 13.958  9.529   9.191   1.00 71.99  ? 59 SER B O   1 
ATOM   1171 C CB  . SER B 1 66 ? 16.831  11.600  10.121  1.00 70.65  ? 59 SER B CB  1 
ATOM   1172 O OG  . SER B 1 66 ? 16.069  12.756  10.440  1.00 69.67  ? 59 SER B OG  1 
ATOM   1173 N N   . GLU B 1 67 ? 15.264  9.315   11.037  1.00 71.62  ? 60 GLU B N   1 
ATOM   1174 C CA  . GLU B 1 67 ? 14.413  8.324   11.750  1.00 71.99  ? 60 GLU B CA  1 
ATOM   1175 C C   . GLU B 1 67 ? 14.051  8.736   13.166  1.00 71.59  ? 60 GLU B C   1 
ATOM   1176 O O   . GLU B 1 67 ? 14.942  8.884   14.000  1.00 72.27  ? 60 GLU B O   1 
ATOM   1177 C CB  . GLU B 1 67 ? 15.117  6.978   11.892  1.00 72.10  ? 60 GLU B CB  1 
ATOM   1178 C CG  . GLU B 1 67 ? 15.510  6.329   10.607  1.00 74.75  ? 60 GLU B CG  1 
ATOM   1179 C CD  . GLU B 1 67 ? 15.412  4.825   10.688  1.00 77.86  ? 60 GLU B CD  1 
ATOM   1180 O OE1 . GLU B 1 67 ? 16.212  4.174   11.404  1.00 76.68  ? 60 GLU B OE1 1 
ATOM   1181 O OE2 . GLU B 1 67 ? 14.491  4.293   10.036  1.00 81.03  ? 60 GLU B OE2 1 
ATOM   1182 N N   . ARG B 1 68 ? 12.763  8.858   13.449  1.00 71.02  ? 61 ARG B N   1 
ATOM   1183 C CA  . ARG B 1 68 ? 12.300  9.218   14.760  1.00 70.85  ? 61 ARG B CA  1 
ATOM   1184 C C   . ARG B 1 68 ? 11.615  7.988   15.328  1.00 70.81  ? 61 ARG B C   1 
ATOM   1185 O O   . ARG B 1 68 ? 10.605  7.532   14.804  1.00 70.26  ? 61 ARG B O   1 
ATOM   1186 C CB  . ARG B 1 68 ? 11.309  10.372  14.657  1.00 71.16  ? 61 ARG B CB  1 
ATOM   1187 C CG  . ARG B 1 68 ? 11.240  11.232  15.880  1.00 72.79  ? 61 ARG B CG  1 
ATOM   1188 C CD  . ARG B 1 68 ? 9.944   11.998  15.945  1.00 77.19  ? 61 ARG B CD  1 
ATOM   1189 N NE  . ARG B 1 68 ? 9.528   12.062  17.356  1.00 81.76  ? 61 ARG B NE  1 
ATOM   1190 C CZ  . ARG B 1 68 ? 8.437   11.469  17.878  1.00 82.32  ? 61 ARG B CZ  1 
ATOM   1191 N NH1 . ARG B 1 68 ? 7.569   10.767  17.106  1.00 80.77  ? 61 ARG B NH1 1 
ATOM   1192 N NH2 . ARG B 1 68 ? 8.198   11.599  19.200  1.00 82.23  ? 61 ARG B NH2 1 
ATOM   1193 N N   . ARG B 1 69 ? 12.185  7.459   16.395  1.00 71.14  ? 62 ARG B N   1 
ATOM   1194 C CA  . ARG B 1 69 ? 11.751  6.231   17.033  1.00 71.90  ? 62 ARG B CA  1 
ATOM   1195 C C   . ARG B 1 69 ? 10.823  6.508   18.228  1.00 71.93  ? 62 ARG B C   1 
ATOM   1196 O O   . ARG B 1 69 ? 11.170  7.317   19.098  1.00 72.15  ? 62 ARG B O   1 
ATOM   1197 C CB  . ARG B 1 69 ? 13.000  5.565   17.548  1.00 72.00  ? 62 ARG B CB  1 
ATOM   1198 C CG  . ARG B 1 69 ? 12.970  4.079   17.731  1.00 74.89  ? 62 ARG B CG  1 
ATOM   1199 C CD  . ARG B 1 69 ? 14.415  3.573   17.525  1.00 76.24  ? 62 ARG B CD  1 
ATOM   1200 N NE  . ARG B 1 69 ? 14.748  3.847   16.127  1.00 78.58  ? 62 ARG B NE  1 
ATOM   1201 C CZ  . ARG B 1 69 ? 15.960  3.943   15.597  1.00 80.33  ? 62 ARG B CZ  1 
ATOM   1202 N NH1 . ARG B 1 69 ? 17.060  3.769   16.334  1.00 80.19  ? 62 ARG B NH1 1 
ATOM   1203 N NH2 . ARG B 1 69 ? 16.060  4.208   14.293  1.00 79.68  ? 62 ARG B NH2 1 
ATOM   1204 N N   . CYS B 1 70 ? 9.668   5.853   18.291  1.00 72.02  ? 63 CYS B N   1 
ATOM   1205 C CA  . CYS B 1 70 ? 8.749   6.068   19.436  1.00 72.37  ? 63 CYS B CA  1 
ATOM   1206 C C   . CYS B 1 70 ? 7.936   4.854   19.817  1.00 71.14  ? 63 CYS B C   1 
ATOM   1207 O O   . CYS B 1 70 ? 7.672   3.994   18.993  1.00 69.72  ? 63 CYS B O   1 
ATOM   1208 C CB  . CYS B 1 70 ? 7.806   7.225   19.182  1.00 71.90  ? 63 CYS B CB  1 
ATOM   1209 S SG  . CYS B 1 70 ? 6.877   6.846   17.758  1.00 78.98  ? 63 CYS B SG  1 
ATOM   1210 N N   . GLU B 1 71 ? 7.563   4.820   21.099  1.00 71.34  ? 64 GLU B N   1 
ATOM   1211 C CA  . GLU B 1 71 ? 6.917   3.683   21.715  1.00 71.16  ? 64 GLU B CA  1 
ATOM   1212 C C   . GLU B 1 71 ? 5.584   3.347   21.031  1.00 71.11  ? 64 GLU B C   1 
ATOM   1213 O O   . GLU B 1 71 ? 5.263   2.164   20.856  1.00 71.03  ? 64 GLU B O   1 
ATOM   1214 C CB  . GLU B 1 71 ? 6.709   3.968   23.170  1.00 70.64  ? 64 GLU B CB  1 
ATOM   1215 C CG  . GLU B 1 71 ? 6.895   2.797   24.026  1.00 73.15  ? 64 GLU B CG  1 
ATOM   1216 C CD  . GLU B 1 71 ? 7.439   3.250   25.371  1.00 80.83  ? 64 GLU B CD  1 
ATOM   1217 O OE1 . GLU B 1 71 ? 6.827   4.203   25.926  1.00 84.38  ? 64 GLU B OE1 1 
ATOM   1218 O OE2 . GLU B 1 71 ? 8.487   2.710   25.866  1.00 81.41  ? 64 GLU B OE2 1 
ATOM   1219 N N   . MET B 1 72 ? 4.814   4.368   20.629  1.00 70.96  ? 65 MET B N   1 
ATOM   1220 C CA  . MET B 1 72 ? 3.472   4.148   20.084  1.00 71.77  ? 65 MET B CA  1 
ATOM   1221 C C   . MET B 1 72 ? 3.056   5.326   19.215  1.00 70.16  ? 65 MET B C   1 
ATOM   1222 O O   . MET B 1 72 ? 3.373   6.460   19.554  1.00 70.09  ? 65 MET B O   1 
ATOM   1223 C CB  . MET B 1 72 ? 2.519   3.927   21.249  1.00 71.00  ? 65 MET B CB  1 
ATOM   1224 C CG  . MET B 1 72 ? 1.102   3.776   20.883  1.00 74.10  ? 65 MET B CG  1 
ATOM   1225 S SD  . MET B 1 72 ? 0.112   3.200   22.297  1.00 77.67  ? 65 MET B SD  1 
ATOM   1226 C CE  . MET B 1 72 ? -0.052  4.616   23.437  1.00 76.46  ? 65 MET B CE  1 
ATOM   1227 N N   . VAL B 1 73 ? 2.366   5.037   18.102  1.00 69.09  ? 66 VAL B N   1 
ATOM   1228 C CA  . VAL B 1 73 ? 1.955   6.036   17.107  1.00 68.20  ? 66 VAL B CA  1 
ATOM   1229 C C   . VAL B 1 73 ? 0.500   5.774   16.680  1.00 68.27  ? 66 VAL B C   1 
ATOM   1230 O O   . VAL B 1 73 ? 0.176   4.634   16.350  1.00 68.52  ? 66 VAL B O   1 
ATOM   1231 C CB  . VAL B 1 73 ? 2.827   5.953   15.796  1.00 68.41  ? 66 VAL B CB  1 
ATOM   1232 C CG1 . VAL B 1 73 ? 2.539   7.091   14.870  1.00 67.45  ? 66 VAL B CG1 1 
ATOM   1233 C CG2 . VAL B 1 73 ? 4.297   6.002   16.096  1.00 69.08  ? 66 VAL B CG2 1 
ATOM   1234 N N   . PHE B 1 74 ? -0.342  6.827   16.699  1.00 67.57  ? 67 PHE B N   1 
ATOM   1235 C CA  A PHE B 1 74 ? -1.765  6.797   16.280  0.50 67.29  ? 67 PHE B CA  1 
ATOM   1236 C CA  B PHE B 1 74 ? -1.715  6.783   16.245  0.50 67.10  ? 67 PHE B CA  1 
ATOM   1237 C C   . PHE B 1 74 ? -1.731  7.533   14.967  1.00 67.91  ? 67 PHE B C   1 
ATOM   1238 O O   . PHE B 1 74 ? -1.335  8.717   14.935  1.00 68.86  ? 67 PHE B O   1 
ATOM   1239 C CB  A PHE B 1 74 ? -2.686  7.527   17.316  0.50 65.30  ? 67 PHE B CB  1 
ATOM   1240 C CB  B PHE B 1 74 ? -2.582  7.511   17.240  0.50 65.75  ? 67 PHE B CB  1 
ATOM   1241 C CG  A PHE B 1 74 ? -4.185  7.739   16.883  0.50 66.33  ? 67 PHE B CG  1 
ATOM   1242 C CG  B PHE B 1 74 ? -2.479  6.945   18.574  0.50 63.75  ? 67 PHE B CG  1 
ATOM   1243 C CD1 A PHE B 1 74 ? -5.198  6.878   17.318  0.50 63.27  ? 67 PHE B CD1 1 
ATOM   1244 C CD1 B PHE B 1 74 ? -3.483  6.127   19.055  0.50 61.00  ? 67 PHE B CD1 1 
ATOM   1245 C CD2 A PHE B 1 74 ? -4.591  8.864   16.120  0.50 64.68  ? 67 PHE B CD2 1 
ATOM   1246 C CD2 B PHE B 1 74 ? -1.323  7.156   19.333  0.50 61.20  ? 67 PHE B CD2 1 
ATOM   1247 C CE1 A PHE B 1 74 ? -6.570  7.114   16.958  0.50 61.05  ? 67 PHE B CE1 1 
ATOM   1248 C CE1 B PHE B 1 74 ? -3.358  5.553   20.292  0.50 62.25  ? 67 PHE B CE1 1 
ATOM   1249 C CE2 A PHE B 1 74 ? -5.934  9.071   15.762  0.50 60.73  ? 67 PHE B CE2 1 
ATOM   1250 C CE2 B PHE B 1 74 ? -1.182  6.595   20.564  0.50 60.76  ? 67 PHE B CE2 1 
ATOM   1251 C CZ  A PHE B 1 74 ? -6.905  8.192   16.188  0.50 60.12  ? 67 PHE B CZ  1 
ATOM   1252 C CZ  B PHE B 1 74 ? -2.207  5.797   21.060  0.50 62.18  ? 67 PHE B CZ  1 
ATOM   1253 N N   . ILE B 1 75 ? -2.127  6.828   13.908  1.00 68.49  ? 68 ILE B N   1 
ATOM   1254 C CA  . ILE B 1 75 ? -2.140  7.361   12.530  1.00 68.51  ? 68 ILE B CA  1 
ATOM   1255 C C   . ILE B 1 75 ? -3.565  7.587   12.087  1.00 69.53  ? 68 ILE B C   1 
ATOM   1256 O O   . ILE B 1 75 ? -4.386  6.666   12.053  1.00 70.50  ? 68 ILE B O   1 
ATOM   1257 C CB  . ILE B 1 75 ? -1.471  6.375   11.547  1.00 68.22  ? 68 ILE B CB  1 
ATOM   1258 C CG1 . ILE B 1 75 ? -0.142  5.945   12.099  1.00 66.21  ? 68 ILE B CG1 1 
ATOM   1259 C CG2 . ILE B 1 75 ? -1.253  7.010   10.214  1.00 66.70  ? 68 ILE B CG2 1 
ATOM   1260 C CD1 . ILE B 1 75 ? 0.472   4.929   11.229  1.00 68.27  ? 68 ILE B CD1 1 
ATOM   1261 N N   . ARG B 1 76 ? -3.905  8.819   11.756  1.00 70.87  ? 69 ARG B N   1 
ATOM   1262 C CA  . ARG B 1 76 ? -5.324  9.122   11.503  1.00 70.55  ? 69 ARG B CA  1 
ATOM   1263 C C   . ARG B 1 76 ? -5.634  8.480   10.182  1.00 70.79  ? 69 ARG B C   1 
ATOM   1264 O O   . ARG B 1 76 ? -4.859  8.623   9.223   1.00 70.55  ? 69 ARG B O   1 
ATOM   1265 C CB  . ARG B 1 76 ? -5.591  10.623  11.464  1.00 70.90  ? 69 ARG B CB  1 
ATOM   1266 C CG  . ARG B 1 76 ? -7.089  11.021  11.545  1.00 70.73  ? 69 ARG B CG  1 
ATOM   1267 C CD  . ARG B 1 76 ? -7.251  12.528  11.654  1.00 70.10  ? 69 ARG B CD  1 
ATOM   1268 N NE  . ARG B 1 76 ? -8.631  12.948  11.840  1.00 74.91  ? 69 ARG B NE  1 
ATOM   1269 C CZ  . ARG B 1 76 ? -9.367  13.493  10.868  1.00 77.87  ? 69 ARG B CZ  1 
ATOM   1270 N NH1 . ARG B 1 76 ? -8.836  13.680  9.665   1.00 80.46  ? 69 ARG B NH1 1 
ATOM   1271 N NH2 . ARG B 1 76 ? -10.635 13.861  11.078  1.00 76.71  ? 69 ARG B NH2 1 
ATOM   1272 N N   . GLY B 1 77 ? -6.743  7.732   10.163  1.00 71.04  ? 70 GLY B N   1 
ATOM   1273 C CA  . GLY B 1 77 ? -7.102  6.857   9.047   1.00 70.05  ? 70 GLY B CA  1 
ATOM   1274 C C   . GLY B 1 77 ? -7.151  7.485   7.663   1.00 69.93  ? 70 GLY B C   1 
ATOM   1275 O O   . GLY B 1 77 ? -6.730  6.861   6.695   1.00 70.90  ? 70 GLY B O   1 
ATOM   1276 N N   . ASP B 1 78 ? -7.644  8.700   7.508   1.00 69.35  ? 71 ASP B N   1 
ATOM   1277 C CA  . ASP B 1 78 ? -7.716  9.164   6.120   1.00 70.16  ? 71 ASP B CA  1 
ATOM   1278 C C   . ASP B 1 78 ? -6.471  9.797   5.514   1.00 69.65  ? 71 ASP B C   1 
ATOM   1279 O O   . ASP B 1 78 ? -6.524  10.426  4.474   1.00 69.66  ? 71 ASP B O   1 
ATOM   1280 C CB  . ASP B 1 78 ? -9.013  9.926   5.767   1.00 71.03  ? 71 ASP B CB  1 
ATOM   1281 C CG  . ASP B 1 78 ? -9.139  11.222  6.493   1.00 73.51  ? 71 ASP B CG  1 
ATOM   1282 O OD1 . ASP B 1 78 ? -8.143  11.570  7.167   1.00 75.75  ? 71 ASP B OD1 1 
ATOM   1283 O OD2 . ASP B 1 78 ? -10.225 11.906  6.366   1.00 78.14  ? 71 ASP B OD2 1 
ATOM   1284 N N   . THR B 1 79 ? -5.335  9.576   6.142   1.00 69.58  ? 72 THR B N   1 
ATOM   1285 C CA  . THR B 1 79 ? -4.061  9.873   5.531   1.00 70.05  ? 72 THR B CA  1 
ATOM   1286 C C   . THR B 1 79 ? -3.359  8.576   5.100   1.00 70.36  ? 72 THR B C   1 
ATOM   1287 O O   . THR B 1 79 ? -2.346  8.657   4.406   1.00 71.10  ? 72 THR B O   1 
ATOM   1288 C CB  . THR B 1 79 ? -3.106  10.615  6.511   1.00 70.37  ? 72 THR B CB  1 
ATOM   1289 O OG1 . THR B 1 79 ? -2.669  9.720   7.564   1.00 71.43  ? 72 THR B OG1 1 
ATOM   1290 C CG2 . THR B 1 79 ? -3.774  11.827  7.111   1.00 70.36  ? 72 THR B CG2 1 
ATOM   1291 N N   . VAL B 1 80 ? -3.846  7.396   5.540   1.00 69.51  ? 73 VAL B N   1 
ATOM   1292 C CA  . VAL B 1 80 ? -3.211  6.162   5.139   1.00 69.19  ? 73 VAL B CA  1 
ATOM   1293 C C   . VAL B 1 80 ? -3.495  5.836   3.654   1.00 69.60  ? 73 VAL B C   1 
ATOM   1294 O O   . VAL B 1 80 ? -4.634  5.853   3.258   1.00 69.90  ? 73 VAL B O   1 
ATOM   1295 C CB  . VAL B 1 80 ? -3.686  4.997   5.977   1.00 69.05  ? 73 VAL B CB  1 
ATOM   1296 C CG1 . VAL B 1 80 ? -2.960  3.742   5.490   1.00 68.78  ? 73 VAL B CG1 1 
ATOM   1297 C CG2 . VAL B 1 80 ? -3.355  5.207   7.430   1.00 67.95  ? 73 VAL B CG2 1 
ATOM   1298 N N   . THR B 1 81 ? -2.497  5.532   2.822   1.00 69.84  ? 74 THR B N   1 
ATOM   1299 C CA  . THR B 1 81 ? -2.809  4.977   1.488   1.00 69.67  ? 74 THR B CA  1 
ATOM   1300 C C   . THR B 1 81 ? -2.487  3.460   1.374   1.00 69.45  ? 74 THR B C   1 
ATOM   1301 O O   . THR B 1 81 ? -3.229  2.739   0.719   1.00 70.73  ? 74 THR B O   1 
ATOM   1302 C CB  . THR B 1 81 ? -2.141  5.694   0.327   1.00 69.95  ? 74 THR B CB  1 
ATOM   1303 O OG1 . THR B 1 81 ? -0.791  5.233   0.257   1.00 73.68  ? 74 THR B OG1 1 
ATOM   1304 C CG2 . THR B 1 81 ? -2.190  7.265   0.464   1.00 69.40  ? 74 THR B CG2 1 
ATOM   1305 N N   . LEU B 1 82 ? -1.414  2.967   1.981   1.00 68.14  ? 75 LEU B N   1 
ATOM   1306 C CA  . LEU B 1 82 ? -1.028  1.530   1.868   1.00 67.19  ? 75 LEU B CA  1 
ATOM   1307 C C   . LEU B 1 82 ? -0.618  0.975   3.229   1.00 67.70  ? 75 LEU B C   1 
ATOM   1308 O O   . LEU B 1 82 ? -0.009  1.697   4.018   1.00 67.30  ? 75 LEU B O   1 
ATOM   1309 C CB  . LEU B 1 82 ? 0.199   1.324   0.976   1.00 65.60  ? 75 LEU B CB  1 
ATOM   1310 C CG  . LEU B 1 82 ? 0.150   1.617   -0.483  1.00 64.68  ? 75 LEU B CG  1 
ATOM   1311 C CD1 . LEU B 1 82 ? 1.484   1.293   -0.980  1.00 64.69  ? 75 LEU B CD1 1 
ATOM   1312 C CD2 . LEU B 1 82 ? -0.843  0.736   -1.137  1.00 65.11  ? 75 LEU B CD2 1 
ATOM   1313 N N   . ILE B 1 83 ? -0.906  -0.295  3.503   1.00 68.21  ? 76 ILE B N   1 
ATOM   1314 C CA  . ILE B 1 83 ? -0.295  -0.948  4.669   1.00 69.39  ? 76 ILE B CA  1 
ATOM   1315 C C   . ILE B 1 83 ? 0.279   -2.227  4.146   1.00 71.46  ? 76 ILE B C   1 
ATOM   1316 O O   . ILE B 1 83 ? -0.472  -3.043  3.625   1.00 73.20  ? 76 ILE B O   1 
ATOM   1317 C CB  . ILE B 1 83 ? -1.330  -1.313  5.702   1.00 68.71  ? 76 ILE B CB  1 
ATOM   1318 C CG1 . ILE B 1 83 ? -2.170  -0.094  6.092   1.00 67.62  ? 76 ILE B CG1 1 
ATOM   1319 C CG2 . ILE B 1 83 ? -0.744  -1.956  6.903   1.00 66.16  ? 76 ILE B CG2 1 
ATOM   1320 C CD1 . ILE B 1 83 ? -3.307  -0.517  7.074   1.00 67.42  ? 76 ILE B CD1 1 
ATOM   1321 N N   . SER B 1 84 ? 1.593   -2.404  4.245   1.00 72.71  ? 77 SER B N   1 
ATOM   1322 C CA  . SER B 1 84 ? 2.247   -3.568  3.612   1.00 74.27  ? 77 SER B CA  1 
ATOM   1323 C C   . SER B 1 84 ? 3.052   -4.377  4.607   1.00 74.76  ? 77 SER B C   1 
ATOM   1324 O O   . SER B 1 84 ? 3.408   -3.871  5.654   1.00 76.50  ? 77 SER B O   1 
ATOM   1325 C CB  . SER B 1 84 ? 3.087   -3.182  2.396   1.00 74.06  ? 77 SER B CB  1 
ATOM   1326 O OG  . SER B 1 84 ? 3.231   -1.774  2.269   1.00 77.06  ? 77 SER B OG  1 
ATOM   1327 N N   . THR B 1 85 ? 3.278   -5.647  4.315   1.00 74.37  ? 78 THR B N   1 
ATOM   1328 C CA  . THR B 1 85 ? 4.089   -6.459  5.153   1.00 74.36  ? 78 THR B CA  1 
ATOM   1329 C C   . THR B 1 85 ? 5.544   -6.090  4.805   1.00 74.98  ? 78 THR B C   1 
ATOM   1330 O O   . THR B 1 85 ? 5.793   -5.601  3.696   1.00 75.23  ? 78 THR B O   1 
ATOM   1331 C CB  . THR B 1 85 ? 3.842   -7.940  4.840   1.00 74.50  ? 78 THR B CB  1 
ATOM   1332 O OG1 . THR B 1 85 ? 3.979   -8.174  3.427   1.00 75.44  ? 78 THR B OG1 1 
ATOM   1333 C CG2 . THR B 1 85 ? 2.475   -8.383  5.326   1.00 72.96  ? 78 THR B CG2 1 
ATOM   1334 N N   . PRO B 1 86 ? 6.518   -6.385  5.716   1.00 75.27  ? 79 PRO B N   1 
ATOM   1335 C CA  . PRO B 1 86 ? 7.892   -5.948  5.417   1.00 74.45  ? 79 PRO B CA  1 
ATOM   1336 C C   . PRO B 1 86 ? 8.377   -6.477  4.060   1.00 73.74  ? 79 PRO B C   1 
ATOM   1337 O O   . PRO B 1 86 ? 7.912   -7.526  3.592   1.00 73.38  ? 79 PRO B O   1 
ATOM   1338 C CB  . PRO B 1 86 ? 8.699   -6.586  6.554   1.00 74.79  ? 79 PRO B CB  1 
ATOM   1339 C CG  . PRO B 1 86 ? 7.684   -6.765  7.664   1.00 75.05  ? 79 PRO B CG  1 
ATOM   1340 C CD  . PRO B 1 86 ? 6.469   -7.184  6.964   1.00 74.89  ? 79 PRO B CD  1 
ATOM   1341 N N   . SER B 1 87 ? 9.290   -5.736  3.440   1.00 73.61  ? 80 SER B N   1 
ATOM   1342 C CA  . SER B 1 87 ? 10.004  -6.197  2.237   1.00 73.69  ? 80 SER B CA  1 
ATOM   1343 C C   . SER B 1 87 ? 10.802  -7.524  2.438   1.00 73.67  ? 80 SER B C   1 
ATOM   1344 O O   . SER B 1 87 ? 11.491  -8.024  1.513   1.00 73.57  ? 80 SER B O   1 
ATOM   1345 C CB  . SER B 1 87 ? 10.924  -5.086  1.720   1.00 73.54  ? 80 SER B CB  1 
ATOM   1346 O OG  . SER B 1 87 ? 12.301  -5.388  1.943   1.00 74.86  ? 80 SER B OG  1 
ATOM   1347 N N   . ALA B 1 93 ? 18.204  -4.424  8.744   1.00 111.13 ? 86 ALA B N   1 
ATOM   1348 C CA  . ALA B 1 93 ? 18.300  -3.093  8.159   1.00 111.33 ? 86 ALA B CA  1 
ATOM   1349 C C   . ALA B 1 93 ? 19.739  -2.679  7.684   1.00 111.68 ? 86 ALA B C   1 
ATOM   1350 O O   . ALA B 1 93 ? 19.886  -1.577  7.125   1.00 112.11 ? 86 ALA B O   1 
ATOM   1351 C CB  . ALA B 1 93 ? 17.675  -2.010  9.143   1.00 111.14 ? 86 ALA B CB  1 
ATOM   1352 N N   . VAL B 1 94 ? 20.763  -3.551  7.854   1.00 111.05 ? 87 VAL B N   1 
ATOM   1353 C CA  . VAL B 1 94 ? 22.191  -3.104  7.888   1.00 110.42 ? 87 VAL B CA  1 
ATOM   1354 C C   . VAL B 1 94 ? 23.270  -3.768  6.994   1.00 109.97 ? 87 VAL B C   1 
ATOM   1355 O O   . VAL B 1 94 ? 23.465  -4.985  7.024   1.00 109.24 ? 87 VAL B O   1 
ATOM   1356 C CB  . VAL B 1 94 ? 22.720  -3.059  9.355   1.00 110.39 ? 87 VAL B CB  1 
ATOM   1357 C CG1 . VAL B 1 94 ? 23.256  -4.432  9.805   1.00 109.99 ? 87 VAL B CG1 1 
ATOM   1358 C CG2 . VAL B 1 94 ? 23.791  -1.969  9.521   1.00 110.73 ? 87 VAL B CG2 1 
ATOM   1359 N N   . GLU B 1 95 ? 23.996  -2.946  6.225   1.00 109.87 ? 88 GLU B N   1 
ATOM   1360 C CA  . GLU B 1 95 ? 25.112  -3.436  5.412   1.00 109.76 ? 88 GLU B CA  1 
ATOM   1361 C C   . GLU B 1 95 ? 26.233  -3.952  6.330   1.00 109.51 ? 88 GLU B C   1 
ATOM   1362 O O   . GLU B 1 95 ? 26.745  -3.229  7.181   1.00 110.25 ? 88 GLU B O   1 
ATOM   1363 C CB  . GLU B 1 95 ? 25.606  -2.355  4.446   1.00 109.71 ? 88 GLU B CB  1 
ATOM   1364 C CG  . GLU B 1 95 ? 27.078  -2.511  4.049   1.00 111.34 ? 88 GLU B CG  1 
ATOM   1365 C CD  . GLU B 1 95 ? 27.411  -2.081  2.616   1.00 112.92 ? 88 GLU B CD  1 
ATOM   1366 O OE1 . GLU B 1 95 ? 27.024  -0.962  2.195   1.00 113.73 ? 88 GLU B OE1 1 
ATOM   1367 O OE2 . GLU B 1 95 ? 28.084  -2.876  1.913   1.00 112.03 ? 88 GLU B OE2 1 
ATOM   1368 N N   . ILE B 1 96 ? 26.582  -5.217  6.169   1.00 108.69 ? 89 ILE B N   1 
ATOM   1369 C CA  . ILE B 1 96 ? 27.568  -5.879  7.006   1.00 107.83 ? 89 ILE B CA  1 
ATOM   1370 C C   . ILE B 1 96 ? 28.876  -6.013  6.214   1.00 107.77 ? 89 ILE B C   1 
ATOM   1371 O O   . ILE B 1 96 ? 28.936  -6.007  4.971   1.00 106.89 ? 89 ILE B O   1 
ATOM   1372 C CB  . ILE B 1 96 ? 27.038  -7.292  7.472   1.00 107.84 ? 89 ILE B CB  1 
ATOM   1373 C CG1 . ILE B 1 96 ? 27.794  -7.819  8.679   1.00 108.09 ? 89 ILE B CG1 1 
ATOM   1374 C CG2 . ILE B 1 96 ? 27.075  -8.360  6.339   1.00 106.64 ? 89 ILE B CG2 1 
ATOM   1375 C CD1 . ILE B 1 96 ? 27.724  -9.359  8.791   1.00 107.94 ? 89 ILE B CD1 1 
ATOM   1376 O OXT . ILE B 1 96 ? 29.937  -6.147  6.818   1.00 107.73 ? 89 ILE B OXT 1 
HETATM 1377 C C1  . MPD C 2 .  ? -29.141 -7.634  -8.644  1.00 95.39  ? 90 MPD A C1  1 
HETATM 1378 C C2  . MPD C 2 .  ? -28.663 -6.434  -9.474  1.00 96.35  ? 90 MPD A C2  1 
HETATM 1379 O O2  . MPD C 2 .  ? -27.419 -6.882  -10.116 1.00 98.74  ? 90 MPD A O2  1 
HETATM 1380 C CM  . MPD C 2 .  ? -29.664 -6.070  -10.578 1.00 93.68  ? 90 MPD A CM  1 
HETATM 1381 C C3  . MPD C 2 .  ? -28.340 -5.254  -8.531  1.00 95.84  ? 90 MPD A C3  1 
HETATM 1382 C C4  . MPD C 2 .  ? -29.084 -3.942  -8.791  1.00 95.83  ? 90 MPD A C4  1 
HETATM 1383 O O4  . MPD C 2 .  ? -30.392 -4.019  -8.261  1.00 92.79  ? 90 MPD A O4  1 
HETATM 1384 C C5  . MPD C 2 .  ? -28.325 -2.725  -8.232  1.00 95.28  ? 90 MPD A C5  1 
HETATM 1385 C C1  . MPD D 2 .  ? -13.091 -12.260 -1.252  1.00 75.68  ? 91 MPD A C1  1 
HETATM 1386 C C2  . MPD D 2 .  ? -13.872 -10.963 -1.241  1.00 78.25  ? 91 MPD A C2  1 
HETATM 1387 O O2  . MPD D 2 .  ? -13.094 -9.989  -0.529  1.00 78.88  ? 91 MPD A O2  1 
HETATM 1388 C CM  . MPD D 2 .  ? -13.852 -10.525 -2.686  1.00 78.23  ? 91 MPD A CM  1 
HETATM 1389 C C3  . MPD D 2 .  ? -15.328 -11.061 -0.724  1.00 77.87  ? 91 MPD A C3  1 
HETATM 1390 C C4  . MPD D 2 .  ? -15.756 -10.291 0.538   1.00 80.90  ? 91 MPD A C4  1 
HETATM 1391 O O4  . MPD D 2 .  ? -15.514 -8.889  0.530   1.00 82.92  ? 91 MPD A O4  1 
HETATM 1392 C C5  . MPD D 2 .  ? -17.256 -10.452 0.808   1.00 81.32  ? 91 MPD A C5  1 
HETATM 1393 C C1  . MPD E 2 .  ? -23.286 -3.068  -15.324 1.00 72.75  ? 92 MPD A C1  1 
HETATM 1394 C C2  . MPD E 2 .  ? -24.687 -3.318  -15.857 1.00 78.13  ? 92 MPD A C2  1 
HETATM 1395 O O2  . MPD E 2 .  ? -25.118 -2.028  -16.368 1.00 82.56  ? 92 MPD A O2  1 
HETATM 1396 C CM  . MPD E 2 .  ? -24.815 -4.316  -17.007 1.00 74.07  ? 92 MPD A CM  1 
HETATM 1397 C C3  . MPD E 2 .  ? -25.548 -3.828  -14.714 1.00 80.49  ? 92 MPD A C3  1 
HETATM 1398 C C4  . MPD E 2 .  ? -26.051 -2.827  -13.664 1.00 81.88  ? 92 MPD A C4  1 
HETATM 1399 O O4  . MPD E 2 .  ? -27.110 -3.493  -13.002 1.00 83.46  ? 92 MPD A O4  1 
HETATM 1400 C C5  . MPD E 2 .  ? -25.063 -2.423  -12.570 1.00 81.32  ? 92 MPD A C5  1 
HETATM 1401 S S   . SO4 F 3 .  ? 8.113   14.581  0.680   1.00 143.90 ? 90 SO4 B S   1 
HETATM 1402 O O1  . SO4 F 3 .  ? 7.455   14.575  1.993   1.00 143.59 ? 90 SO4 B O1  1 
HETATM 1403 O O2  . SO4 F 3 .  ? 8.250   15.971  0.232   1.00 142.99 ? 90 SO4 B O2  1 
HETATM 1404 O O3  . SO4 F 3 .  ? 9.421   13.917  0.787   1.00 142.47 ? 90 SO4 B O3  1 
HETATM 1405 O O4  . SO4 F 3 .  ? 7.267   13.869  -0.287  1.00 143.97 ? 90 SO4 B O4  1 
HETATM 1406 C C1  . MPD G 2 .  ? -19.226 -12.059 6.368   1.00 86.61  ? 91 MPD B C1  1 
HETATM 1407 C C2  . MPD G 2 .  ? -19.168 -11.675 4.889   1.00 88.65  ? 91 MPD B C2  1 
HETATM 1408 O O2  . MPD G 2 .  ? -18.138 -10.670 4.750   1.00 91.03  ? 91 MPD B O2  1 
HETATM 1409 C CM  . MPD G 2 .  ? -18.706 -12.833 4.026   1.00 90.08  ? 91 MPD B CM  1 
HETATM 1410 C C3  . MPD G 2 .  ? -20.505 -11.268 4.274   1.00 86.54  ? 91 MPD B C3  1 
HETATM 1411 C C4  . MPD G 2 .  ? -20.880 -9.798  4.257   1.00 85.74  ? 91 MPD B C4  1 
HETATM 1412 O O4  . MPD G 2 .  ? -19.895 -9.050  3.603   1.00 86.41  ? 91 MPD B O4  1 
HETATM 1413 C C5  . MPD G 2 .  ? -22.173 -9.663  3.468   1.00 86.10  ? 91 MPD B C5  1 
HETATM 1414 O O   . HOH H 4 .  ? -4.733  11.515  -10.344 1.00 74.95  ? 93 HOH A O   1 
HETATM 1415 O O   . HOH I 4 .  ? -0.226  10.941  -2.955  1.00 59.65  ? 92 HOH B O   1 
# 
loop_
_pdbx_poly_seq_scheme.asym_id 
_pdbx_poly_seq_scheme.entity_id 
_pdbx_poly_seq_scheme.seq_id 
_pdbx_poly_seq_scheme.mon_id 
_pdbx_poly_seq_scheme.ndb_seq_num 
_pdbx_poly_seq_scheme.pdb_seq_num 
_pdbx_poly_seq_scheme.auth_seq_num 
_pdbx_poly_seq_scheme.pdb_mon_id 
_pdbx_poly_seq_scheme.auth_mon_id 
_pdbx_poly_seq_scheme.pdb_strand_id 
_pdbx_poly_seq_scheme.pdb_ins_code 
_pdbx_poly_seq_scheme.hetero 
A 1 1  MET 1  -7 ?  ?   ?   A . n 
A 1 2  HIS 2  -6 ?  ?   ?   A . n 
A 1 3  HIS 3  -5 ?  ?   ?   A . n 
A 1 4  HIS 4  -4 ?  ?   ?   A . n 
A 1 5  HIS 5  -3 ?  ?   ?   A . n 
A 1 6  HIS 6  -2 -2 HIS HIS A . n 
A 1 7  HIS 7  -1 -1 HIS HIS A . n 
A 1 8  MET 8  1  1  MET MET A . n 
A 1 9  GLU 9  2  2  GLU GLU A . n 
A 1 10 THR 10 3  3  THR THR A . n 
A 1 11 PRO 11 4  4  PRO PRO A . n 
A 1 12 LEU 12 5  5  LEU LEU A . n 
A 1 13 ASP 13 6  6  ASP ASP A . n 
A 1 14 LEU 14 7  7  LEU LEU A . n 
A 1 15 LEU 15 8  8  LEU LEU A . n 
A 1 16 LYS 16 9  9  LYS LYS A . n 
A 1 17 LEU 17 10 10 LEU LEU A . n 
A 1 18 ASN 18 11 11 ASN ASN A . n 
A 1 19 LEU 19 12 12 LEU LEU A . n 
A 1 20 ASP 20 13 13 ASP ASP A . n 
A 1 21 GLU 21 14 14 GLU GLU A . n 
A 1 22 ARG 22 15 15 ARG ARG A . n 
A 1 23 VAL 23 16 16 VAL VAL A . n 
A 1 24 TYR 24 17 17 TYR TYR A . n 
A 1 25 ILE 25 18 18 ILE ILE A . n 
A 1 26 LYS 26 19 19 LYS LYS A . n 
A 1 27 LEU 27 20 20 LEU LEU A . n 
A 1 28 ARG 28 21 21 ARG ARG A . n 
A 1 29 GLY 29 22 22 GLY GLY A . n 
A 1 30 ALA 30 23 23 ALA ALA A . n 
A 1 31 ARG 31 24 24 ARG ARG A . n 
A 1 32 THR 32 25 25 THR THR A . n 
A 1 33 LEU 33 26 26 LEU LEU A . n 
A 1 34 VAL 34 27 27 VAL VAL A . n 
A 1 35 GLY 35 28 28 GLY GLY A . n 
A 1 36 THR 36 29 29 THR THR A . n 
A 1 37 LEU 37 30 30 LEU LEU A . n 
A 1 38 GLN 38 31 31 GLN GLN A . n 
A 1 39 ALA 39 32 32 ALA ALA A . n 
A 1 40 PHE 40 33 33 PHE PHE A . n 
A 1 41 ASP 41 34 34 ASP ASP A . n 
A 1 42 SER 42 35 35 SER SER A . n 
A 1 43 HIS 43 36 36 HIS HIS A . n 
A 1 44 CYS 44 37 37 CYS CYS A . n 
A 1 45 ASN 45 38 38 ASN ASN A . n 
A 1 46 ILE 46 39 39 ILE ILE A . n 
A 1 47 VAL 47 40 40 VAL VAL A . n 
A 1 48 LEU 48 41 41 LEU LEU A . n 
A 1 49 SER 49 42 42 SER SER A . n 
A 1 50 ASP 50 43 43 ASP ASP A . n 
A 1 51 ALA 51 44 44 ALA ALA A . n 
A 1 52 VAL 52 45 45 VAL VAL A . n 
A 1 53 GLU 53 46 46 GLU GLU A . n 
A 1 54 THR 54 47 47 THR THR A . n 
A 1 55 ILE 55 48 48 ILE ILE A . n 
A 1 56 TYR 56 49 49 TYR TYR A . n 
A 1 57 GLN 57 50 50 GLN GLN A . n 
A 1 58 LEU 58 51 51 LEU LEU A . n 
A 1 59 ASN 59 52 52 ASN ASN A . n 
A 1 60 ASN 60 53 53 ASN ASN A . n 
A 1 61 GLU 61 54 54 GLU GLU A . n 
A 1 62 GLU 62 55 55 GLU GLU A . n 
A 1 63 LEU 63 56 56 LEU LEU A . n 
A 1 64 SER 64 57 57 SER SER A . n 
A 1 65 GLU 65 58 58 GLU GLU A . n 
A 1 66 SER 66 59 59 SER SER A . n 
A 1 67 GLU 67 60 60 GLU GLU A . n 
A 1 68 ARG 68 61 61 ARG ARG A . n 
A 1 69 ARG 69 62 62 ARG ARG A . n 
A 1 70 CYS 70 63 63 CYS CYS A . n 
A 1 71 GLU 71 64 64 GLU GLU A . n 
A 1 72 MET 72 65 65 MET MET A . n 
A 1 73 VAL 73 66 66 VAL VAL A . n 
A 1 74 PHE 74 67 67 PHE PHE A . n 
A 1 75 ILE 75 68 68 ILE ILE A . n 
A 1 76 ARG 76 69 69 ARG ARG A . n 
A 1 77 GLY 77 70 70 GLY GLY A . n 
A 1 78 ASP 78 71 71 ASP ASP A . n 
A 1 79 THR 79 72 72 THR THR A . n 
A 1 80 VAL 80 73 73 VAL VAL A . n 
A 1 81 THR 81 74 74 THR THR A . n 
A 1 82 LEU 82 75 75 LEU LEU A . n 
A 1 83 ILE 83 76 76 ILE ILE A . n 
A 1 84 SER 84 77 77 SER SER A . n 
A 1 85 THR 85 78 78 THR THR A . n 
A 1 86 PRO 86 79 79 PRO PRO A . n 
A 1 87 SER 87 80 80 SER SER A . n 
A 1 88 GLU 88 81 ?  ?   ?   A . n 
A 1 89 ASP 89 82 ?  ?   ?   A . n 
A 1 90 ASP 90 83 ?  ?   ?   A . n 
A 1 91 ASP 91 84 ?  ?   ?   A . n 
A 1 92 GLY 92 85 ?  ?   ?   A . n 
A 1 93 ALA 93 86 86 ALA ALA A . n 
A 1 94 VAL 94 87 87 VAL VAL A . n 
A 1 95 GLU 95 88 88 GLU GLU A . n 
A 1 96 ILE 96 89 89 ILE ILE A . n 
B 1 1  MET 1  -7 ?  ?   ?   B . n 
B 1 2  HIS 2  -6 ?  ?   ?   B . n 
B 1 3  HIS 3  -5 ?  ?   ?   B . n 
B 1 4  HIS 4  -4 ?  ?   ?   B . n 
B 1 5  HIS 5  -3 ?  ?   ?   B . n 
B 1 6  HIS 6  -2 -2 HIS HIS B . n 
B 1 7  HIS 7  -1 -1 HIS HIS B . n 
B 1 8  MET 8  1  1  MET MET B . n 
B 1 9  GLU 9  2  2  GLU GLU B . n 
B 1 10 THR 10 3  3  THR THR B . n 
B 1 11 PRO 11 4  4  PRO PRO B . n 
B 1 12 LEU 12 5  5  LEU LEU B . n 
B 1 13 ASP 13 6  6  ASP ASP B . n 
B 1 14 LEU 14 7  7  LEU LEU B . n 
B 1 15 LEU 15 8  8  LEU LEU B . n 
B 1 16 LYS 16 9  9  LYS LYS B . n 
B 1 17 LEU 17 10 10 LEU LEU B . n 
B 1 18 ASN 18 11 11 ASN ASN B . n 
B 1 19 LEU 19 12 12 LEU LEU B . n 
B 1 20 ASP 20 13 13 ASP ASP B . n 
B 1 21 GLU 21 14 14 GLU GLU B . n 
B 1 22 ARG 22 15 15 ARG ARG B . n 
B 1 23 VAL 23 16 16 VAL VAL B . n 
B 1 24 TYR 24 17 17 TYR TYR B . n 
B 1 25 ILE 25 18 18 ILE ILE B . n 
B 1 26 LYS 26 19 19 LYS LYS B . n 
B 1 27 LEU 27 20 20 LEU LEU B . n 
B 1 28 ARG 28 21 21 ARG ARG B . n 
B 1 29 GLY 29 22 22 GLY GLY B . n 
B 1 30 ALA 30 23 23 ALA ALA B . n 
B 1 31 ARG 31 24 24 ARG ARG B . n 
B 1 32 THR 32 25 25 THR THR B . n 
B 1 33 LEU 33 26 26 LEU LEU B . n 
B 1 34 VAL 34 27 27 VAL VAL B . n 
B 1 35 GLY 35 28 28 GLY GLY B . n 
B 1 36 THR 36 29 29 THR THR B . n 
B 1 37 LEU 37 30 30 LEU LEU B . n 
B 1 38 GLN 38 31 31 GLN GLN B . n 
B 1 39 ALA 39 32 32 ALA ALA B . n 
B 1 40 PHE 40 33 33 PHE PHE B . n 
B 1 41 ASP 41 34 34 ASP ASP B . n 
B 1 42 SER 42 35 35 SER SER B . n 
B 1 43 HIS 43 36 36 HIS HIS B . n 
B 1 44 CYS 44 37 37 CYS CYS B . n 
B 1 45 ASN 45 38 38 ASN ASN B . n 
B 1 46 ILE 46 39 39 ILE ILE B . n 
B 1 47 VAL 47 40 40 VAL VAL B . n 
B 1 48 LEU 48 41 41 LEU LEU B . n 
B 1 49 SER 49 42 42 SER SER B . n 
B 1 50 ASP 50 43 43 ASP ASP B . n 
B 1 51 ALA 51 44 44 ALA ALA B . n 
B 1 52 VAL 52 45 45 VAL VAL B . n 
B 1 53 GLU 53 46 46 GLU GLU B . n 
B 1 54 THR 54 47 47 THR THR B . n 
B 1 55 ILE 55 48 48 ILE ILE B . n 
B 1 56 TYR 56 49 49 TYR TYR B . n 
B 1 57 GLN 57 50 50 GLN GLN B . n 
B 1 58 LEU 58 51 51 LEU LEU B . n 
B 1 59 ASN 59 52 52 ASN ASN B . n 
B 1 60 ASN 60 53 53 ASN ASN B . n 
B 1 61 GLU 61 54 54 GLU GLU B . n 
B 1 62 GLU 62 55 55 GLU GLU B . n 
B 1 63 LEU 63 56 56 LEU LEU B . n 
B 1 64 SER 64 57 57 SER SER B . n 
B 1 65 GLU 65 58 58 GLU GLU B . n 
B 1 66 SER 66 59 59 SER SER B . n 
B 1 67 GLU 67 60 60 GLU GLU B . n 
B 1 68 ARG 68 61 61 ARG ARG B . n 
B 1 69 ARG 69 62 62 ARG ARG B . n 
B 1 70 CYS 70 63 63 CYS CYS B . n 
B 1 71 GLU 71 64 64 GLU GLU B . n 
B 1 72 MET 72 65 65 MET MET B . n 
B 1 73 VAL 73 66 66 VAL VAL B . n 
B 1 74 PHE 74 67 67 PHE PHE B . n 
B 1 75 ILE 75 68 68 ILE ILE B . n 
B 1 76 ARG 76 69 69 ARG ARG B . n 
B 1 77 GLY 77 70 70 GLY GLY B . n 
B 1 78 ASP 78 71 71 ASP ASP B . n 
B 1 79 THR 79 72 72 THR THR B . n 
B 1 80 VAL 80 73 73 VAL VAL B . n 
B 1 81 THR 81 74 74 THR THR B . n 
B 1 82 LEU 82 75 75 LEU LEU B . n 
B 1 83 ILE 83 76 76 ILE ILE B . n 
B 1 84 SER 84 77 77 SER SER B . n 
B 1 85 THR 85 78 78 THR THR B . n 
B 1 86 PRO 86 79 79 PRO PRO B . n 
B 1 87 SER 87 80 80 SER SER B . n 
B 1 88 GLU 88 81 ?  ?   ?   B . n 
B 1 89 ASP 89 82 ?  ?   ?   B . n 
B 1 90 ASP 90 83 ?  ?   ?   B . n 
B 1 91 ASP 91 84 ?  ?   ?   B . n 
B 1 92 GLY 92 85 ?  ?   ?   B . n 
B 1 93 ALA 93 86 86 ALA ALA B . n 
B 1 94 VAL 94 87 87 VAL VAL B . n 
B 1 95 GLU 95 88 88 GLU GLU B . n 
B 1 96 ILE 96 89 89 ILE ILE B . n 
# 
loop_
_pdbx_nonpoly_scheme.asym_id 
_pdbx_nonpoly_scheme.entity_id 
_pdbx_nonpoly_scheme.mon_id 
_pdbx_nonpoly_scheme.ndb_seq_num 
_pdbx_nonpoly_scheme.pdb_seq_num 
_pdbx_nonpoly_scheme.auth_seq_num 
_pdbx_nonpoly_scheme.pdb_mon_id 
_pdbx_nonpoly_scheme.auth_mon_id 
_pdbx_nonpoly_scheme.pdb_strand_id 
_pdbx_nonpoly_scheme.pdb_ins_code 
C 2 MPD 1 90 1 MPD MPD A . 
D 2 MPD 1 91 2 MPD MPD A . 
E 2 MPD 1 92 3 MPD MPD A . 
F 3 SO4 1 90 5 SO4 SO4 B . 
G 2 MPD 1 91 4 MPD MPD B . 
H 4 HOH 1 93 6 HOH HOH A . 
I 4 HOH 1 92 7 HOH HOH B . 
# 
_pdbx_struct_assembly.id                   1 
_pdbx_struct_assembly.details              author_and_software_defined_assembly 
_pdbx_struct_assembly.method_details       PISA 
_pdbx_struct_assembly.oligomeric_details   octameric 
_pdbx_struct_assembly.oligomeric_count     8 
# 
_pdbx_struct_assembly_gen.assembly_id       1 
_pdbx_struct_assembly_gen.oper_expression   1,2,3,4 
_pdbx_struct_assembly_gen.asym_id_list      A,B,C,D,E,F,G,H,I 
# 
loop_
_pdbx_struct_assembly_prop.biol_id 
_pdbx_struct_assembly_prop.type 
_pdbx_struct_assembly_prop.value 
_pdbx_struct_assembly_prop.details 
1 'ABSA (A^2)' 21230  ? 
1 MORE         -296.2 ? 
1 'SSA (A^2)'  38540  ? 
# 
loop_
_pdbx_struct_oper_list.id 
_pdbx_struct_oper_list.type 
_pdbx_struct_oper_list.name 
_pdbx_struct_oper_list.symmetry_operation 
_pdbx_struct_oper_list.matrix[1][1] 
_pdbx_struct_oper_list.matrix[1][2] 
_pdbx_struct_oper_list.matrix[1][3] 
_pdbx_struct_oper_list.vector[1] 
_pdbx_struct_oper_list.matrix[2][1] 
_pdbx_struct_oper_list.matrix[2][2] 
_pdbx_struct_oper_list.matrix[2][3] 
_pdbx_struct_oper_list.vector[2] 
_pdbx_struct_oper_list.matrix[3][1] 
_pdbx_struct_oper_list.matrix[3][2] 
_pdbx_struct_oper_list.matrix[3][3] 
_pdbx_struct_oper_list.vector[3] 
1 'identity operation'         1_555 x,y,z   1.0000000000 0.0000000000  0.0000000000  0.0000000000   0.0000000000  1.0000000000  0.0000000000  0.0000000000  0.0000000000  0.0000000000  1.0000000000  0.0000000000   
2 'crystal symmetry operation' 2_555 -x,-y,z 0.3360550184 0.6776140047  -0.6541454618 -21.3593633838 0.6776140047  -0.6563309646 -0.3317663719 38.7171546736 -0.6541454618 -0.3317663719 -0.6797240537 -3.5190925311  
3 'crystal symmetry operation' 3_555 -y,x,z  0.6680275092 0.7389794316  0.0874565415  -17.6970671782 -0.0613654269 0.1718345177  -0.9832126845 13.6467341037 -0.7416020033 0.6514463126  0.1601379731  -22.0089232541 
4 'crystal symmetry operation' 4_555 y,-x,z  0.6680275092 -0.0613654269 -0.7416020033 -3.6622962056  0.7389794316  0.1718345177  0.6514463126  25.0704205699 0.0874565415  -0.9832126845 0.1601379731  18.4898307230 
# 
loop_
_pdbx_audit_revision_history.ordinal 
_pdbx_audit_revision_history.data_content_type 
_pdbx_audit_revision_history.major_revision 
_pdbx_audit_revision_history.minor_revision 
_pdbx_audit_revision_history.revision_date 
1 'Structure model' 1 0 2008-03-25 
2 'Structure model' 1 1 2011-07-13 
3 'Structure model' 1 2 2019-12-25 
4 'Structure model' 1 3 2023-11-01 
# 
_pdbx_audit_revision_details.ordinal             1 
_pdbx_audit_revision_details.revision_ordinal    1 
_pdbx_audit_revision_details.data_content_type   'Structure model' 
_pdbx_audit_revision_details.provider            repository 
_pdbx_audit_revision_details.type                'Initial release' 
_pdbx_audit_revision_details.description         ? 
_pdbx_audit_revision_details.details             ? 
# 
loop_
_pdbx_audit_revision_group.ordinal 
_pdbx_audit_revision_group.revision_ordinal 
_pdbx_audit_revision_group.data_content_type 
_pdbx_audit_revision_group.group 
1 2 'Structure model' Advisory                    
2 2 'Structure model' 'Version format compliance' 
3 3 'Structure model' 'Data collection'           
4 3 'Structure model' 'Database references'       
5 4 'Structure model' 'Data collection'           
6 4 'Structure model' 'Database references'       
7 4 'Structure model' 'Derived calculations'      
8 4 'Structure model' 'Refinement description'    
# 
loop_
_pdbx_audit_revision_category.ordinal 
_pdbx_audit_revision_category.revision_ordinal 
_pdbx_audit_revision_category.data_content_type 
_pdbx_audit_revision_category.category 
1 3 'Structure model' reflns_shell                  
2 3 'Structure model' struct_ref_seq_dif            
3 4 'Structure model' chem_comp_atom                
4 4 'Structure model' chem_comp_bond                
5 4 'Structure model' database_2                    
6 4 'Structure model' pdbx_initial_refinement_model 
7 4 'Structure model' struct_ncs_dom_lim            
8 4 'Structure model' struct_site                   
# 
loop_
_pdbx_audit_revision_item.ordinal 
_pdbx_audit_revision_item.revision_ordinal 
_pdbx_audit_revision_item.data_content_type 
_pdbx_audit_revision_item.item 
1  3 'Structure model' '_reflns_shell.Rmerge_I_obs'           
2  3 'Structure model' '_reflns_shell.number_unique_all'      
3  3 'Structure model' '_reflns_shell.number_unique_obs'      
4  3 'Structure model' '_struct_ref_seq_dif.details'          
5  4 'Structure model' '_database_2.pdbx_DOI'                 
6  4 'Structure model' '_database_2.pdbx_database_accession'  
7  4 'Structure model' '_struct_ncs_dom_lim.beg_auth_comp_id' 
8  4 'Structure model' '_struct_ncs_dom_lim.end_auth_comp_id' 
9  4 'Structure model' '_struct_site.pdbx_auth_asym_id'       
10 4 'Structure model' '_struct_site.pdbx_auth_comp_id'       
11 4 'Structure model' '_struct_site.pdbx_auth_seq_id'        
# 
loop_
_pdbx_refine_tls.id 
_pdbx_refine_tls.details 
_pdbx_refine_tls.method 
_pdbx_refine_tls.origin_x 
_pdbx_refine_tls.origin_y 
_pdbx_refine_tls.origin_z 
_pdbx_refine_tls.T[1][1] 
_pdbx_refine_tls.T[2][2] 
_pdbx_refine_tls.T[3][3] 
_pdbx_refine_tls.T[1][2] 
_pdbx_refine_tls.T[1][3] 
_pdbx_refine_tls.T[2][3] 
_pdbx_refine_tls.L[1][1] 
_pdbx_refine_tls.L[2][2] 
_pdbx_refine_tls.L[3][3] 
_pdbx_refine_tls.L[1][2] 
_pdbx_refine_tls.L[1][3] 
_pdbx_refine_tls.L[2][3] 
_pdbx_refine_tls.S[1][1] 
_pdbx_refine_tls.S[1][2] 
_pdbx_refine_tls.S[1][3] 
_pdbx_refine_tls.S[2][1] 
_pdbx_refine_tls.S[2][2] 
_pdbx_refine_tls.S[2][3] 
_pdbx_refine_tls.S[3][1] 
_pdbx_refine_tls.S[3][2] 
_pdbx_refine_tls.S[3][3] 
_pdbx_refine_tls.pdbx_refine_id 
1 ? refined -2.7881 -1.8717 -7.0590 -0.1046 -0.0819 -0.0315 0.1963 0.1819  -0.0599 11.4964 3.1871 7.2363 2.2766 5.4413 0.3995 -0.1524 0.3534 0.5242 -0.4087 -0.0001 -0.5289 0.1508  0.8189 0.1525  'X-RAY DIFFRACTION' 
2 ? refined 2.5246  3.4440  9.1939  -0.2890 0.0135  0.0224  0.1778 -0.0363 0.0535  7.7298  9.3677 7.0518 4.6329 0.3646 3.0205 -0.2903 0.0364 0.4690 -0.4068 0.3479  -0.7931 -0.1072 0.8701 -0.0576 'X-RAY DIFFRACTION' 
# 
loop_
_pdbx_refine_tls_group.id 
_pdbx_refine_tls_group.refine_tls_id 
_pdbx_refine_tls_group.beg_auth_asym_id 
_pdbx_refine_tls_group.beg_auth_seq_id 
_pdbx_refine_tls_group.beg_label_asym_id 
_pdbx_refine_tls_group.beg_label_seq_id 
_pdbx_refine_tls_group.end_auth_asym_id 
_pdbx_refine_tls_group.end_auth_seq_id 
_pdbx_refine_tls_group.end_label_asym_id 
_pdbx_refine_tls_group.end_label_seq_id 
_pdbx_refine_tls_group.selection 
_pdbx_refine_tls_group.pdbx_refine_id 
_pdbx_refine_tls_group.selection_details 
1 1 A 1 A 8 A 80 A 87 ? 'X-RAY DIFFRACTION' ? 
2 2 B 1 B 8 B 80 B 87 ? 'X-RAY DIFFRACTION' ? 
# 
loop_
_software.name 
_software.classification 
_software.version 
_software.citation_id 
_software.pdbx_ordinal 
REFMAC    refinement        5.2.0019 ? 1 
MAR345dtb 'data collection' .        ? 2 
MOSFLM    'data reduction'  .        ? 3 
SCALA     'data scaling'    .        ? 4 
PHASER    phasing           .        ? 5 
# 
loop_
_pdbx_validate_torsion.id 
_pdbx_validate_torsion.PDB_model_num 
_pdbx_validate_torsion.auth_comp_id 
_pdbx_validate_torsion.auth_asym_id 
_pdbx_validate_torsion.auth_seq_id 
_pdbx_validate_torsion.PDB_ins_code 
_pdbx_validate_torsion.label_alt_id 
_pdbx_validate_torsion.phi 
_pdbx_validate_torsion.psi 
1 1 HIS A -1 ? ? -52.72 171.24  
2 1 ASN A 53 ? ? 51.43  -131.29 
3 1 ARG B 21 ? ? -36.27 136.75  
4 1 ASN B 53 ? ? 49.36  -131.65 
5 1 LEU B 56 ? ? -67.38 75.19   
6 1 SER B 57 ? ? -74.89 -168.89 
# 
loop_
_pdbx_unobs_or_zero_occ_residues.id 
_pdbx_unobs_or_zero_occ_residues.PDB_model_num 
_pdbx_unobs_or_zero_occ_residues.polymer_flag 
_pdbx_unobs_or_zero_occ_residues.occupancy_flag 
_pdbx_unobs_or_zero_occ_residues.auth_asym_id 
_pdbx_unobs_or_zero_occ_residues.auth_comp_id 
_pdbx_unobs_or_zero_occ_residues.auth_seq_id 
_pdbx_unobs_or_zero_occ_residues.PDB_ins_code 
_pdbx_unobs_or_zero_occ_residues.label_asym_id 
_pdbx_unobs_or_zero_occ_residues.label_comp_id 
_pdbx_unobs_or_zero_occ_residues.label_seq_id 
1  1 Y 1 A MET -7 ? A MET 1  
2  1 Y 1 A HIS -6 ? A HIS 2  
3  1 Y 1 A HIS -5 ? A HIS 3  
4  1 Y 1 A HIS -4 ? A HIS 4  
5  1 Y 1 A HIS -3 ? A HIS 5  
6  1 Y 1 A GLU 81 ? A GLU 88 
7  1 Y 1 A ASP 82 ? A ASP 89 
8  1 Y 1 A ASP 83 ? A ASP 90 
9  1 Y 1 A ASP 84 ? A ASP 91 
10 1 Y 1 A GLY 85 ? A GLY 92 
11 1 Y 1 B MET -7 ? B MET 1  
12 1 Y 1 B HIS -6 ? B HIS 2  
13 1 Y 1 B HIS -5 ? B HIS 3  
14 1 Y 1 B HIS -4 ? B HIS 4  
15 1 Y 1 B HIS -3 ? B HIS 5  
16 1 Y 1 B GLU 81 ? B GLU 88 
17 1 Y 1 B ASP 82 ? B ASP 89 
18 1 Y 1 B ASP 83 ? B ASP 90 
19 1 Y 1 B ASP 84 ? B ASP 91 
20 1 Y 1 B GLY 85 ? B GLY 92 
# 
loop_
_chem_comp_atom.comp_id 
_chem_comp_atom.atom_id 
_chem_comp_atom.type_symbol 
_chem_comp_atom.pdbx_aromatic_flag 
_chem_comp_atom.pdbx_stereo_config 
_chem_comp_atom.pdbx_ordinal 
ALA N    N N N 1   
ALA CA   C N S 2   
ALA C    C N N 3   
ALA O    O N N 4   
ALA CB   C N N 5   
ALA OXT  O N N 6   
ALA H    H N N 7   
ALA H2   H N N 8   
ALA HA   H N N 9   
ALA HB1  H N N 10  
ALA HB2  H N N 11  
ALA HB3  H N N 12  
ALA HXT  H N N 13  
ARG N    N N N 14  
ARG CA   C N S 15  
ARG C    C N N 16  
ARG O    O N N 17  
ARG CB   C N N 18  
ARG CG   C N N 19  
ARG CD   C N N 20  
ARG NE   N N N 21  
ARG CZ   C N N 22  
ARG NH1  N N N 23  
ARG NH2  N N N 24  
ARG OXT  O N N 25  
ARG H    H N N 26  
ARG H2   H N N 27  
ARG HA   H N N 28  
ARG HB2  H N N 29  
ARG HB3  H N N 30  
ARG HG2  H N N 31  
ARG HG3  H N N 32  
ARG HD2  H N N 33  
ARG HD3  H N N 34  
ARG HE   H N N 35  
ARG HH11 H N N 36  
ARG HH12 H N N 37  
ARG HH21 H N N 38  
ARG HH22 H N N 39  
ARG HXT  H N N 40  
ASN N    N N N 41  
ASN CA   C N S 42  
ASN C    C N N 43  
ASN O    O N N 44  
ASN CB   C N N 45  
ASN CG   C N N 46  
ASN OD1  O N N 47  
ASN ND2  N N N 48  
ASN OXT  O N N 49  
ASN H    H N N 50  
ASN H2   H N N 51  
ASN HA   H N N 52  
ASN HB2  H N N 53  
ASN HB3  H N N 54  
ASN HD21 H N N 55  
ASN HD22 H N N 56  
ASN HXT  H N N 57  
ASP N    N N N 58  
ASP CA   C N S 59  
ASP C    C N N 60  
ASP O    O N N 61  
ASP CB   C N N 62  
ASP CG   C N N 63  
ASP OD1  O N N 64  
ASP OD2  O N N 65  
ASP OXT  O N N 66  
ASP H    H N N 67  
ASP H2   H N N 68  
ASP HA   H N N 69  
ASP HB2  H N N 70  
ASP HB3  H N N 71  
ASP HD2  H N N 72  
ASP HXT  H N N 73  
CYS N    N N N 74  
CYS CA   C N R 75  
CYS C    C N N 76  
CYS O    O N N 77  
CYS CB   C N N 78  
CYS SG   S N N 79  
CYS OXT  O N N 80  
CYS H    H N N 81  
CYS H2   H N N 82  
CYS HA   H N N 83  
CYS HB2  H N N 84  
CYS HB3  H N N 85  
CYS HG   H N N 86  
CYS HXT  H N N 87  
GLN N    N N N 88  
GLN CA   C N S 89  
GLN C    C N N 90  
GLN O    O N N 91  
GLN CB   C N N 92  
GLN CG   C N N 93  
GLN CD   C N N 94  
GLN OE1  O N N 95  
GLN NE2  N N N 96  
GLN OXT  O N N 97  
GLN H    H N N 98  
GLN H2   H N N 99  
GLN HA   H N N 100 
GLN HB2  H N N 101 
GLN HB3  H N N 102 
GLN HG2  H N N 103 
GLN HG3  H N N 104 
GLN HE21 H N N 105 
GLN HE22 H N N 106 
GLN HXT  H N N 107 
GLU N    N N N 108 
GLU CA   C N S 109 
GLU C    C N N 110 
GLU O    O N N 111 
GLU CB   C N N 112 
GLU CG   C N N 113 
GLU CD   C N N 114 
GLU OE1  O N N 115 
GLU OE2  O N N 116 
GLU OXT  O N N 117 
GLU H    H N N 118 
GLU H2   H N N 119 
GLU HA   H N N 120 
GLU HB2  H N N 121 
GLU HB3  H N N 122 
GLU HG2  H N N 123 
GLU HG3  H N N 124 
GLU HE2  H N N 125 
GLU HXT  H N N 126 
GLY N    N N N 127 
GLY CA   C N N 128 
GLY C    C N N 129 
GLY O    O N N 130 
GLY OXT  O N N 131 
GLY H    H N N 132 
GLY H2   H N N 133 
GLY HA2  H N N 134 
GLY HA3  H N N 135 
GLY HXT  H N N 136 
HIS N    N N N 137 
HIS CA   C N S 138 
HIS C    C N N 139 
HIS O    O N N 140 
HIS CB   C N N 141 
HIS CG   C Y N 142 
HIS ND1  N Y N 143 
HIS CD2  C Y N 144 
HIS CE1  C Y N 145 
HIS NE2  N Y N 146 
HIS OXT  O N N 147 
HIS H    H N N 148 
HIS H2   H N N 149 
HIS HA   H N N 150 
HIS HB2  H N N 151 
HIS HB3  H N N 152 
HIS HD1  H N N 153 
HIS HD2  H N N 154 
HIS HE1  H N N 155 
HIS HE2  H N N 156 
HIS HXT  H N N 157 
HOH O    O N N 158 
HOH H1   H N N 159 
HOH H2   H N N 160 
ILE N    N N N 161 
ILE CA   C N S 162 
ILE C    C N N 163 
ILE O    O N N 164 
ILE CB   C N S 165 
ILE CG1  C N N 166 
ILE CG2  C N N 167 
ILE CD1  C N N 168 
ILE OXT  O N N 169 
ILE H    H N N 170 
ILE H2   H N N 171 
ILE HA   H N N 172 
ILE HB   H N N 173 
ILE HG12 H N N 174 
ILE HG13 H N N 175 
ILE HG21 H N N 176 
ILE HG22 H N N 177 
ILE HG23 H N N 178 
ILE HD11 H N N 179 
ILE HD12 H N N 180 
ILE HD13 H N N 181 
ILE HXT  H N N 182 
LEU N    N N N 183 
LEU CA   C N S 184 
LEU C    C N N 185 
LEU O    O N N 186 
LEU CB   C N N 187 
LEU CG   C N N 188 
LEU CD1  C N N 189 
LEU CD2  C N N 190 
LEU OXT  O N N 191 
LEU H    H N N 192 
LEU H2   H N N 193 
LEU HA   H N N 194 
LEU HB2  H N N 195 
LEU HB3  H N N 196 
LEU HG   H N N 197 
LEU HD11 H N N 198 
LEU HD12 H N N 199 
LEU HD13 H N N 200 
LEU HD21 H N N 201 
LEU HD22 H N N 202 
LEU HD23 H N N 203 
LEU HXT  H N N 204 
LYS N    N N N 205 
LYS CA   C N S 206 
LYS C    C N N 207 
LYS O    O N N 208 
LYS CB   C N N 209 
LYS CG   C N N 210 
LYS CD   C N N 211 
LYS CE   C N N 212 
LYS NZ   N N N 213 
LYS OXT  O N N 214 
LYS H    H N N 215 
LYS H2   H N N 216 
LYS HA   H N N 217 
LYS HB2  H N N 218 
LYS HB3  H N N 219 
LYS HG2  H N N 220 
LYS HG3  H N N 221 
LYS HD2  H N N 222 
LYS HD3  H N N 223 
LYS HE2  H N N 224 
LYS HE3  H N N 225 
LYS HZ1  H N N 226 
LYS HZ2  H N N 227 
LYS HZ3  H N N 228 
LYS HXT  H N N 229 
MET N    N N N 230 
MET CA   C N S 231 
MET C    C N N 232 
MET O    O N N 233 
MET CB   C N N 234 
MET CG   C N N 235 
MET SD   S N N 236 
MET CE   C N N 237 
MET OXT  O N N 238 
MET H    H N N 239 
MET H2   H N N 240 
MET HA   H N N 241 
MET HB2  H N N 242 
MET HB3  H N N 243 
MET HG2  H N N 244 
MET HG3  H N N 245 
MET HE1  H N N 246 
MET HE2  H N N 247 
MET HE3  H N N 248 
MET HXT  H N N 249 
MPD C1   C N N 250 
MPD C2   C N N 251 
MPD O2   O N N 252 
MPD CM   C N N 253 
MPD C3   C N N 254 
MPD C4   C N S 255 
MPD O4   O N N 256 
MPD C5   C N N 257 
MPD H11  H N N 258 
MPD H12  H N N 259 
MPD H13  H N N 260 
MPD HO2  H N N 261 
MPD HM1  H N N 262 
MPD HM2  H N N 263 
MPD HM3  H N N 264 
MPD H31  H N N 265 
MPD H32  H N N 266 
MPD H4   H N N 267 
MPD HO4  H N N 268 
MPD H51  H N N 269 
MPD H52  H N N 270 
MPD H53  H N N 271 
PHE N    N N N 272 
PHE CA   C N S 273 
PHE C    C N N 274 
PHE O    O N N 275 
PHE CB   C N N 276 
PHE CG   C Y N 277 
PHE CD1  C Y N 278 
PHE CD2  C Y N 279 
PHE CE1  C Y N 280 
PHE CE2  C Y N 281 
PHE CZ   C Y N 282 
PHE OXT  O N N 283 
PHE H    H N N 284 
PHE H2   H N N 285 
PHE HA   H N N 286 
PHE HB2  H N N 287 
PHE HB3  H N N 288 
PHE HD1  H N N 289 
PHE HD2  H N N 290 
PHE HE1  H N N 291 
PHE HE2  H N N 292 
PHE HZ   H N N 293 
PHE HXT  H N N 294 
PRO N    N N N 295 
PRO CA   C N S 296 
PRO C    C N N 297 
PRO O    O N N 298 
PRO CB   C N N 299 
PRO CG   C N N 300 
PRO CD   C N N 301 
PRO OXT  O N N 302 
PRO H    H N N 303 
PRO HA   H N N 304 
PRO HB2  H N N 305 
PRO HB3  H N N 306 
PRO HG2  H N N 307 
PRO HG3  H N N 308 
PRO HD2  H N N 309 
PRO HD3  H N N 310 
PRO HXT  H N N 311 
SER N    N N N 312 
SER CA   C N S 313 
SER C    C N N 314 
SER O    O N N 315 
SER CB   C N N 316 
SER OG   O N N 317 
SER OXT  O N N 318 
SER H    H N N 319 
SER H2   H N N 320 
SER HA   H N N 321 
SER HB2  H N N 322 
SER HB3  H N N 323 
SER HG   H N N 324 
SER HXT  H N N 325 
SO4 S    S N N 326 
SO4 O1   O N N 327 
SO4 O2   O N N 328 
SO4 O3   O N N 329 
SO4 O4   O N N 330 
THR N    N N N 331 
THR CA   C N S 332 
THR C    C N N 333 
THR O    O N N 334 
THR CB   C N R 335 
THR OG1  O N N 336 
THR CG2  C N N 337 
THR OXT  O N N 338 
THR H    H N N 339 
THR H2   H N N 340 
THR HA   H N N 341 
THR HB   H N N 342 
THR HG1  H N N 343 
THR HG21 H N N 344 
THR HG22 H N N 345 
THR HG23 H N N 346 
THR HXT  H N N 347 
TYR N    N N N 348 
TYR CA   C N S 349 
TYR C    C N N 350 
TYR O    O N N 351 
TYR CB   C N N 352 
TYR CG   C Y N 353 
TYR CD1  C Y N 354 
TYR CD2  C Y N 355 
TYR CE1  C Y N 356 
TYR CE2  C Y N 357 
TYR CZ   C Y N 358 
TYR OH   O N N 359 
TYR OXT  O N N 360 
TYR H    H N N 361 
TYR H2   H N N 362 
TYR HA   H N N 363 
TYR HB2  H N N 364 
TYR HB3  H N N 365 
TYR HD1  H N N 366 
TYR HD2  H N N 367 
TYR HE1  H N N 368 
TYR HE2  H N N 369 
TYR HH   H N N 370 
TYR HXT  H N N 371 
VAL N    N N N 372 
VAL CA   C N S 373 
VAL C    C N N 374 
VAL O    O N N 375 
VAL CB   C N N 376 
VAL CG1  C N N 377 
VAL CG2  C N N 378 
VAL OXT  O N N 379 
VAL H    H N N 380 
VAL H2   H N N 381 
VAL HA   H N N 382 
VAL HB   H N N 383 
VAL HG11 H N N 384 
VAL HG12 H N N 385 
VAL HG13 H N N 386 
VAL HG21 H N N 387 
VAL HG22 H N N 388 
VAL HG23 H N N 389 
VAL HXT  H N N 390 
# 
loop_
_chem_comp_bond.comp_id 
_chem_comp_bond.atom_id_1 
_chem_comp_bond.atom_id_2 
_chem_comp_bond.value_order 
_chem_comp_bond.pdbx_aromatic_flag 
_chem_comp_bond.pdbx_stereo_config 
_chem_comp_bond.pdbx_ordinal 
ALA N   CA   sing N N 1   
ALA N   H    sing N N 2   
ALA N   H2   sing N N 3   
ALA CA  C    sing N N 4   
ALA CA  CB   sing N N 5   
ALA CA  HA   sing N N 6   
ALA C   O    doub N N 7   
ALA C   OXT  sing N N 8   
ALA CB  HB1  sing N N 9   
ALA CB  HB2  sing N N 10  
ALA CB  HB3  sing N N 11  
ALA OXT HXT  sing N N 12  
ARG N   CA   sing N N 13  
ARG N   H    sing N N 14  
ARG N   H2   sing N N 15  
ARG CA  C    sing N N 16  
ARG CA  CB   sing N N 17  
ARG CA  HA   sing N N 18  
ARG C   O    doub N N 19  
ARG C   OXT  sing N N 20  
ARG CB  CG   sing N N 21  
ARG CB  HB2  sing N N 22  
ARG CB  HB3  sing N N 23  
ARG CG  CD   sing N N 24  
ARG CG  HG2  sing N N 25  
ARG CG  HG3  sing N N 26  
ARG CD  NE   sing N N 27  
ARG CD  HD2  sing N N 28  
ARG CD  HD3  sing N N 29  
ARG NE  CZ   sing N N 30  
ARG NE  HE   sing N N 31  
ARG CZ  NH1  sing N N 32  
ARG CZ  NH2  doub N N 33  
ARG NH1 HH11 sing N N 34  
ARG NH1 HH12 sing N N 35  
ARG NH2 HH21 sing N N 36  
ARG NH2 HH22 sing N N 37  
ARG OXT HXT  sing N N 38  
ASN N   CA   sing N N 39  
ASN N   H    sing N N 40  
ASN N   H2   sing N N 41  
ASN CA  C    sing N N 42  
ASN CA  CB   sing N N 43  
ASN CA  HA   sing N N 44  
ASN C   O    doub N N 45  
ASN C   OXT  sing N N 46  
ASN CB  CG   sing N N 47  
ASN CB  HB2  sing N N 48  
ASN CB  HB3  sing N N 49  
ASN CG  OD1  doub N N 50  
ASN CG  ND2  sing N N 51  
ASN ND2 HD21 sing N N 52  
ASN ND2 HD22 sing N N 53  
ASN OXT HXT  sing N N 54  
ASP N   CA   sing N N 55  
ASP N   H    sing N N 56  
ASP N   H2   sing N N 57  
ASP CA  C    sing N N 58  
ASP CA  CB   sing N N 59  
ASP CA  HA   sing N N 60  
ASP C   O    doub N N 61  
ASP C   OXT  sing N N 62  
ASP CB  CG   sing N N 63  
ASP CB  HB2  sing N N 64  
ASP CB  HB3  sing N N 65  
ASP CG  OD1  doub N N 66  
ASP CG  OD2  sing N N 67  
ASP OD2 HD2  sing N N 68  
ASP OXT HXT  sing N N 69  
CYS N   CA   sing N N 70  
CYS N   H    sing N N 71  
CYS N   H2   sing N N 72  
CYS CA  C    sing N N 73  
CYS CA  CB   sing N N 74  
CYS CA  HA   sing N N 75  
CYS C   O    doub N N 76  
CYS C   OXT  sing N N 77  
CYS CB  SG   sing N N 78  
CYS CB  HB2  sing N N 79  
CYS CB  HB3  sing N N 80  
CYS SG  HG   sing N N 81  
CYS OXT HXT  sing N N 82  
GLN N   CA   sing N N 83  
GLN N   H    sing N N 84  
GLN N   H2   sing N N 85  
GLN CA  C    sing N N 86  
GLN CA  CB   sing N N 87  
GLN CA  HA   sing N N 88  
GLN C   O    doub N N 89  
GLN C   OXT  sing N N 90  
GLN CB  CG   sing N N 91  
GLN CB  HB2  sing N N 92  
GLN CB  HB3  sing N N 93  
GLN CG  CD   sing N N 94  
GLN CG  HG2  sing N N 95  
GLN CG  HG3  sing N N 96  
GLN CD  OE1  doub N N 97  
GLN CD  NE2  sing N N 98  
GLN NE2 HE21 sing N N 99  
GLN NE2 HE22 sing N N 100 
GLN OXT HXT  sing N N 101 
GLU N   CA   sing N N 102 
GLU N   H    sing N N 103 
GLU N   H2   sing N N 104 
GLU CA  C    sing N N 105 
GLU CA  CB   sing N N 106 
GLU CA  HA   sing N N 107 
GLU C   O    doub N N 108 
GLU C   OXT  sing N N 109 
GLU CB  CG   sing N N 110 
GLU CB  HB2  sing N N 111 
GLU CB  HB3  sing N N 112 
GLU CG  CD   sing N N 113 
GLU CG  HG2  sing N N 114 
GLU CG  HG3  sing N N 115 
GLU CD  OE1  doub N N 116 
GLU CD  OE2  sing N N 117 
GLU OE2 HE2  sing N N 118 
GLU OXT HXT  sing N N 119 
GLY N   CA   sing N N 120 
GLY N   H    sing N N 121 
GLY N   H2   sing N N 122 
GLY CA  C    sing N N 123 
GLY CA  HA2  sing N N 124 
GLY CA  HA3  sing N N 125 
GLY C   O    doub N N 126 
GLY C   OXT  sing N N 127 
GLY OXT HXT  sing N N 128 
HIS N   CA   sing N N 129 
HIS N   H    sing N N 130 
HIS N   H2   sing N N 131 
HIS CA  C    sing N N 132 
HIS CA  CB   sing N N 133 
HIS CA  HA   sing N N 134 
HIS C   O    doub N N 135 
HIS C   OXT  sing N N 136 
HIS CB  CG   sing N N 137 
HIS CB  HB2  sing N N 138 
HIS CB  HB3  sing N N 139 
HIS CG  ND1  sing Y N 140 
HIS CG  CD2  doub Y N 141 
HIS ND1 CE1  doub Y N 142 
HIS ND1 HD1  sing N N 143 
HIS CD2 NE2  sing Y N 144 
HIS CD2 HD2  sing N N 145 
HIS CE1 NE2  sing Y N 146 
HIS CE1 HE1  sing N N 147 
HIS NE2 HE2  sing N N 148 
HIS OXT HXT  sing N N 149 
HOH O   H1   sing N N 150 
HOH O   H2   sing N N 151 
ILE N   CA   sing N N 152 
ILE N   H    sing N N 153 
ILE N   H2   sing N N 154 
ILE CA  C    sing N N 155 
ILE CA  CB   sing N N 156 
ILE CA  HA   sing N N 157 
ILE C   O    doub N N 158 
ILE C   OXT  sing N N 159 
ILE CB  CG1  sing N N 160 
ILE CB  CG2  sing N N 161 
ILE CB  HB   sing N N 162 
ILE CG1 CD1  sing N N 163 
ILE CG1 HG12 sing N N 164 
ILE CG1 HG13 sing N N 165 
ILE CG2 HG21 sing N N 166 
ILE CG2 HG22 sing N N 167 
ILE CG2 HG23 sing N N 168 
ILE CD1 HD11 sing N N 169 
ILE CD1 HD12 sing N N 170 
ILE CD1 HD13 sing N N 171 
ILE OXT HXT  sing N N 172 
LEU N   CA   sing N N 173 
LEU N   H    sing N N 174 
LEU N   H2   sing N N 175 
LEU CA  C    sing N N 176 
LEU CA  CB   sing N N 177 
LEU CA  HA   sing N N 178 
LEU C   O    doub N N 179 
LEU C   OXT  sing N N 180 
LEU CB  CG   sing N N 181 
LEU CB  HB2  sing N N 182 
LEU CB  HB3  sing N N 183 
LEU CG  CD1  sing N N 184 
LEU CG  CD2  sing N N 185 
LEU CG  HG   sing N N 186 
LEU CD1 HD11 sing N N 187 
LEU CD1 HD12 sing N N 188 
LEU CD1 HD13 sing N N 189 
LEU CD2 HD21 sing N N 190 
LEU CD2 HD22 sing N N 191 
LEU CD2 HD23 sing N N 192 
LEU OXT HXT  sing N N 193 
LYS N   CA   sing N N 194 
LYS N   H    sing N N 195 
LYS N   H2   sing N N 196 
LYS CA  C    sing N N 197 
LYS CA  CB   sing N N 198 
LYS CA  HA   sing N N 199 
LYS C   O    doub N N 200 
LYS C   OXT  sing N N 201 
LYS CB  CG   sing N N 202 
LYS CB  HB2  sing N N 203 
LYS CB  HB3  sing N N 204 
LYS CG  CD   sing N N 205 
LYS CG  HG2  sing N N 206 
LYS CG  HG3  sing N N 207 
LYS CD  CE   sing N N 208 
LYS CD  HD2  sing N N 209 
LYS CD  HD3  sing N N 210 
LYS CE  NZ   sing N N 211 
LYS CE  HE2  sing N N 212 
LYS CE  HE3  sing N N 213 
LYS NZ  HZ1  sing N N 214 
LYS NZ  HZ2  sing N N 215 
LYS NZ  HZ3  sing N N 216 
LYS OXT HXT  sing N N 217 
MET N   CA   sing N N 218 
MET N   H    sing N N 219 
MET N   H2   sing N N 220 
MET CA  C    sing N N 221 
MET CA  CB   sing N N 222 
MET CA  HA   sing N N 223 
MET C   O    doub N N 224 
MET C   OXT  sing N N 225 
MET CB  CG   sing N N 226 
MET CB  HB2  sing N N 227 
MET CB  HB3  sing N N 228 
MET CG  SD   sing N N 229 
MET CG  HG2  sing N N 230 
MET CG  HG3  sing N N 231 
MET SD  CE   sing N N 232 
MET CE  HE1  sing N N 233 
MET CE  HE2  sing N N 234 
MET CE  HE3  sing N N 235 
MET OXT HXT  sing N N 236 
MPD C1  C2   sing N N 237 
MPD C1  H11  sing N N 238 
MPD C1  H12  sing N N 239 
MPD C1  H13  sing N N 240 
MPD C2  O2   sing N N 241 
MPD C2  CM   sing N N 242 
MPD C2  C3   sing N N 243 
MPD O2  HO2  sing N N 244 
MPD CM  HM1  sing N N 245 
MPD CM  HM2  sing N N 246 
MPD CM  HM3  sing N N 247 
MPD C3  C4   sing N N 248 
MPD C3  H31  sing N N 249 
MPD C3  H32  sing N N 250 
MPD C4  O4   sing N N 251 
MPD C4  C5   sing N N 252 
MPD C4  H4   sing N N 253 
MPD O4  HO4  sing N N 254 
MPD C5  H51  sing N N 255 
MPD C5  H52  sing N N 256 
MPD C5  H53  sing N N 257 
PHE N   CA   sing N N 258 
PHE N   H    sing N N 259 
PHE N   H2   sing N N 260 
PHE CA  C    sing N N 261 
PHE CA  CB   sing N N 262 
PHE CA  HA   sing N N 263 
PHE C   O    doub N N 264 
PHE C   OXT  sing N N 265 
PHE CB  CG   sing N N 266 
PHE CB  HB2  sing N N 267 
PHE CB  HB3  sing N N 268 
PHE CG  CD1  doub Y N 269 
PHE CG  CD2  sing Y N 270 
PHE CD1 CE1  sing Y N 271 
PHE CD1 HD1  sing N N 272 
PHE CD2 CE2  doub Y N 273 
PHE CD2 HD2  sing N N 274 
PHE CE1 CZ   doub Y N 275 
PHE CE1 HE1  sing N N 276 
PHE CE2 CZ   sing Y N 277 
PHE CE2 HE2  sing N N 278 
PHE CZ  HZ   sing N N 279 
PHE OXT HXT  sing N N 280 
PRO N   CA   sing N N 281 
PRO N   CD   sing N N 282 
PRO N   H    sing N N 283 
PRO CA  C    sing N N 284 
PRO CA  CB   sing N N 285 
PRO CA  HA   sing N N 286 
PRO C   O    doub N N 287 
PRO C   OXT  sing N N 288 
PRO CB  CG   sing N N 289 
PRO CB  HB2  sing N N 290 
PRO CB  HB3  sing N N 291 
PRO CG  CD   sing N N 292 
PRO CG  HG2  sing N N 293 
PRO CG  HG3  sing N N 294 
PRO CD  HD2  sing N N 295 
PRO CD  HD3  sing N N 296 
PRO OXT HXT  sing N N 297 
SER N   CA   sing N N 298 
SER N   H    sing N N 299 
SER N   H2   sing N N 300 
SER CA  C    sing N N 301 
SER CA  CB   sing N N 302 
SER CA  HA   sing N N 303 
SER C   O    doub N N 304 
SER C   OXT  sing N N 305 
SER CB  OG   sing N N 306 
SER CB  HB2  sing N N 307 
SER CB  HB3  sing N N 308 
SER OG  HG   sing N N 309 
SER OXT HXT  sing N N 310 
SO4 S   O1   doub N N 311 
SO4 S   O2   doub N N 312 
SO4 S   O3   sing N N 313 
SO4 S   O4   sing N N 314 
THR N   CA   sing N N 315 
THR N   H    sing N N 316 
THR N   H2   sing N N 317 
THR CA  C    sing N N 318 
THR CA  CB   sing N N 319 
THR CA  HA   sing N N 320 
THR C   O    doub N N 321 
THR C   OXT  sing N N 322 
THR CB  OG1  sing N N 323 
THR CB  CG2  sing N N 324 
THR CB  HB   sing N N 325 
THR OG1 HG1  sing N N 326 
THR CG2 HG21 sing N N 327 
THR CG2 HG22 sing N N 328 
THR CG2 HG23 sing N N 329 
THR OXT HXT  sing N N 330 
TYR N   CA   sing N N 331 
TYR N   H    sing N N 332 
TYR N   H2   sing N N 333 
TYR CA  C    sing N N 334 
TYR CA  CB   sing N N 335 
TYR CA  HA   sing N N 336 
TYR C   O    doub N N 337 
TYR C   OXT  sing N N 338 
TYR CB  CG   sing N N 339 
TYR CB  HB2  sing N N 340 
TYR CB  HB3  sing N N 341 
TYR CG  CD1  doub Y N 342 
TYR CG  CD2  sing Y N 343 
TYR CD1 CE1  sing Y N 344 
TYR CD1 HD1  sing N N 345 
TYR CD2 CE2  doub Y N 346 
TYR CD2 HD2  sing N N 347 
TYR CE1 CZ   doub Y N 348 
TYR CE1 HE1  sing N N 349 
TYR CE2 CZ   sing Y N 350 
TYR CE2 HE2  sing N N 351 
TYR CZ  OH   sing N N 352 
TYR OH  HH   sing N N 353 
TYR OXT HXT  sing N N 354 
VAL N   CA   sing N N 355 
VAL N   H    sing N N 356 
VAL N   H2   sing N N 357 
VAL CA  C    sing N N 358 
VAL CA  CB   sing N N 359 
VAL CA  HA   sing N N 360 
VAL C   O    doub N N 361 
VAL C   OXT  sing N N 362 
VAL CB  CG1  sing N N 363 
VAL CB  CG2  sing N N 364 
VAL CB  HB   sing N N 365 
VAL CG1 HG11 sing N N 366 
VAL CG1 HG12 sing N N 367 
VAL CG1 HG13 sing N N 368 
VAL CG2 HG21 sing N N 369 
VAL CG2 HG22 sing N N 370 
VAL CG2 HG23 sing N N 371 
VAL OXT HXT  sing N N 372 
# 
loop_
_pdbx_entity_nonpoly.entity_id 
_pdbx_entity_nonpoly.name 
_pdbx_entity_nonpoly.comp_id 
2 '(4S)-2-METHYL-2,4-PENTANEDIOL' MPD 
3 'SULFATE ION'                   SO4 
4 water                           HOH 
# 
_pdbx_initial_refinement_model.id               1 
_pdbx_initial_refinement_model.entity_id_list   ? 
_pdbx_initial_refinement_model.type             'experimental model' 
_pdbx_initial_refinement_model.source_name      PDB 
_pdbx_initial_refinement_model.accession_code   1I81 
_pdbx_initial_refinement_model.details          'PDB ENTRY 1I81' 
# 
